data_3AJZ
# 
_entry.id   3AJZ 
# 
_audit_conform.dict_name       mmcif_pdbx.dic 
_audit_conform.dict_version    5.380 
_audit_conform.dict_location   http://mmcif.pdb.org/dictionaries/ascii/mmcif_pdbx.dic 
# 
loop_
_database_2.database_id 
_database_2.database_code 
_database_2.pdbx_database_accession 
_database_2.pdbx_DOI 
PDB   3AJZ         pdb_00003ajz 10.2210/pdb3ajz/pdb 
RCSB  RCSB029345   ?            ?                   
WWPDB D_1000029345 ?            ?                   
# 
loop_
_pdbx_database_related.db_name 
_pdbx_database_related.db_id 
_pdbx_database_related.details 
_pdbx_database_related.content_type 
PDB 1is3 'Extant offspring' unspecified 
PDB 1is4 'Extant offspring' unspecified 
PDB 1is5 'Extant offspring' unspecified 
PDB 1is6 'Extant offspring' unspecified 
PDB 1c1l 'Extant offspring' unspecified 
PDB 1c1f 'Extant offspring' unspecified 
PDB 3AJY .                  unspecified 
PDB 3AK0 .                  unspecified 
# 
_pdbx_database_status.status_code                     REL 
_pdbx_database_status.entry_id                        3AJZ 
_pdbx_database_status.recvd_initial_deposition_date   2010-06-29 
_pdbx_database_status.deposit_site                    PDBJ 
_pdbx_database_status.process_site                    PDBJ 
_pdbx_database_status.status_code_sf                  REL 
_pdbx_database_status.status_code_mr                  ? 
_pdbx_database_status.SG_entry                        ? 
_pdbx_database_status.status_code_cs                  ? 
_pdbx_database_status.methods_development_category    ? 
_pdbx_database_status.pdb_format_compatible           Y 
_pdbx_database_status.status_code_nmr_data            ? 
# 
loop_
_audit_author.name 
_audit_author.pdbx_ordinal 
'Konno, A.'    1 
'Kitagawa, A.' 2 
'Watanabe, M.' 3 
'Ogawa, T.'    4 
'Shirai, T.'   5 
# 
_citation.id                        primary 
_citation.title                     'Tracing protein evolution through ancestral structures of fish galectin' 
_citation.journal_abbrev            Structure 
_citation.journal_volume            19 
_citation.page_first                711 
_citation.page_last                 721 
_citation.year                      2011 
_citation.journal_id_ASTM           STRUE6 
_citation.country                   UK 
_citation.journal_id_ISSN           0969-2126 
_citation.journal_id_CSD            2005 
_citation.book_publisher            ? 
_citation.pdbx_database_id_PubMed   21565705 
_citation.pdbx_database_id_DOI      10.1016/j.str.2011.02.014 
# 
loop_
_citation_author.citation_id 
_citation_author.name 
_citation_author.ordinal 
_citation_author.identifier_ORCID 
primary 'Konno, A.'    1 ? 
primary 'Kitagawa, A.' 2 ? 
primary 'Watanabe, M.' 3 ? 
primary 'Ogawa, T.'    4 ? 
primary 'Shirai, T.'   5 ? 
# 
_cell.entry_id           3AJZ 
_cell.length_a           53.908 
_cell.length_b           77.519 
_cell.length_c           88.374 
_cell.angle_alpha        90.00 
_cell.angle_beta         90.00 
_cell.angle_gamma        90.00 
_cell.Z_PDB              8 
_cell.pdbx_unique_axis   ? 
_cell.length_a_esd       ? 
_cell.length_b_esd       ? 
_cell.length_c_esd       ? 
_cell.angle_alpha_esd    ? 
_cell.angle_beta_esd     ? 
_cell.angle_gamma_esd    ? 
# 
_symmetry.entry_id                         3AJZ 
_symmetry.space_group_name_H-M             'I 2 2 2' 
_symmetry.pdbx_full_space_group_name_H-M   ? 
_symmetry.cell_setting                     ? 
_symmetry.Int_Tables_number                23 
_symmetry.space_group_name_Hall            ? 
# 
loop_
_entity.id 
_entity.type 
_entity.src_method 
_entity.pdbx_description 
_entity.formula_weight 
_entity.pdbx_number_of_molecules 
_entity.pdbx_ec 
_entity.pdbx_mutation 
_entity.pdbx_fragment 
_entity.details 
1 polymer  syn 'Ancestral congerin Con-anc'                        15297.938 1   ? ? ? ? 
2 branched man 'beta-D-galactopyranose-(1-4)-beta-D-glucopyranose' 342.297   1   ? ? ? ? 
3 water    nat water                                               18.015    123 ? ? ? ? 
# 
_entity_name_com.entity_id   2 
_entity_name_com.name        beta-lactose 
# 
_entity_poly.entity_id                      1 
_entity_poly.type                           'polypeptide(L)' 
_entity_poly.nstd_linkage                   no 
_entity_poly.nstd_monomer                   no 
_entity_poly.pdbx_seq_one_letter_code       
;MSDGVEVKNITFKLGMYLTVGGVVNSNANRFSINVGESTDSIALHIDHRFSYGADQNTIVLNSMVDDGWQQEQRSKNFPF
TAGEHFQITITFDIDTFYIQLPDGHKVEFPNRHGDEAFNFIYLAGDARLTFVRLE
;
_entity_poly.pdbx_seq_one_letter_code_can   
;MSDGVEVKNITFKLGMYLTVGGVVNSNANRFSINVGESTDSIALHIDHRFSYGADQNTIVLNSMVDDGWQQEQRSKNFPF
TAGEHFQITITFDIDTFYIQLPDGHKVEFPNRHGDEAFNFIYLAGDARLTFVRLE
;
_entity_poly.pdbx_strand_id                 A 
_entity_poly.pdbx_target_identifier         ? 
# 
loop_
_entity_poly_seq.entity_id 
_entity_poly_seq.num 
_entity_poly_seq.mon_id 
_entity_poly_seq.hetero 
1 1   MET n 
1 2   SER n 
1 3   ASP n 
1 4   GLY n 
1 5   VAL n 
1 6   GLU n 
1 7   VAL n 
1 8   LYS n 
1 9   ASN n 
1 10  ILE n 
1 11  THR n 
1 12  PHE n 
1 13  LYS n 
1 14  LEU n 
1 15  GLY n 
1 16  MET n 
1 17  TYR n 
1 18  LEU n 
1 19  THR n 
1 20  VAL n 
1 21  GLY n 
1 22  GLY n 
1 23  VAL n 
1 24  VAL n 
1 25  ASN n 
1 26  SER n 
1 27  ASN n 
1 28  ALA n 
1 29  ASN n 
1 30  ARG n 
1 31  PHE n 
1 32  SER n 
1 33  ILE n 
1 34  ASN n 
1 35  VAL n 
1 36  GLY n 
1 37  GLU n 
1 38  SER n 
1 39  THR n 
1 40  ASP n 
1 41  SER n 
1 42  ILE n 
1 43  ALA n 
1 44  LEU n 
1 45  HIS n 
1 46  ILE n 
1 47  ASP n 
1 48  HIS n 
1 49  ARG n 
1 50  PHE n 
1 51  SER n 
1 52  TYR n 
1 53  GLY n 
1 54  ALA n 
1 55  ASP n 
1 56  GLN n 
1 57  ASN n 
1 58  THR n 
1 59  ILE n 
1 60  VAL n 
1 61  LEU n 
1 62  ASN n 
1 63  SER n 
1 64  MET n 
1 65  VAL n 
1 66  ASP n 
1 67  ASP n 
1 68  GLY n 
1 69  TRP n 
1 70  GLN n 
1 71  GLN n 
1 72  GLU n 
1 73  GLN n 
1 74  ARG n 
1 75  SER n 
1 76  LYS n 
1 77  ASN n 
1 78  PHE n 
1 79  PRO n 
1 80  PHE n 
1 81  THR n 
1 82  ALA n 
1 83  GLY n 
1 84  GLU n 
1 85  HIS n 
1 86  PHE n 
1 87  GLN n 
1 88  ILE n 
1 89  THR n 
1 90  ILE n 
1 91  THR n 
1 92  PHE n 
1 93  ASP n 
1 94  ILE n 
1 95  ASP n 
1 96  THR n 
1 97  PHE n 
1 98  TYR n 
1 99  ILE n 
1 100 GLN n 
1 101 LEU n 
1 102 PRO n 
1 103 ASP n 
1 104 GLY n 
1 105 HIS n 
1 106 LYS n 
1 107 VAL n 
1 108 GLU n 
1 109 PHE n 
1 110 PRO n 
1 111 ASN n 
1 112 ARG n 
1 113 HIS n 
1 114 GLY n 
1 115 ASP n 
1 116 GLU n 
1 117 ALA n 
1 118 PHE n 
1 119 ASN n 
1 120 PHE n 
1 121 ILE n 
1 122 TYR n 
1 123 LEU n 
1 124 ALA n 
1 125 GLY n 
1 126 ASP n 
1 127 ALA n 
1 128 ARG n 
1 129 LEU n 
1 130 THR n 
1 131 PHE n 
1 132 VAL n 
1 133 ARG n 
1 134 LEU n 
1 135 GLU n 
# 
_pdbx_entity_src_syn.entity_id              1 
_pdbx_entity_src_syn.pdbx_src_id            1 
_pdbx_entity_src_syn.pdbx_alt_source_flag   sample 
_pdbx_entity_src_syn.pdbx_beg_seq_num       ? 
_pdbx_entity_src_syn.pdbx_end_seq_num       ? 
_pdbx_entity_src_syn.organism_scientific    ? 
_pdbx_entity_src_syn.organism_common_name   ? 
_pdbx_entity_src_syn.ncbi_taxonomy_id       ? 
_pdbx_entity_src_syn.details                
;Synthetic source description. This sequence is an ancestral gene of galectin, which has been reconstructed from phylogenetic information. The host is Escherichia coli (JM109), the plasmid is pTV-Con-anc.
;
# 
_struct_ref.id                         1 
_struct_ref.db_name                    PDB 
_struct_ref.db_code                    3AJZ 
_struct_ref.pdbx_db_accession          3AJZ 
_struct_ref.entity_id                  1 
_struct_ref.pdbx_align_begin           ? 
_struct_ref.pdbx_seq_one_letter_code   ? 
_struct_ref.pdbx_db_isoform            ? 
# 
_struct_ref_seq.align_id                      1 
_struct_ref_seq.ref_id                        1 
_struct_ref_seq.pdbx_PDB_id_code              3AJZ 
_struct_ref_seq.pdbx_strand_id                A 
_struct_ref_seq.seq_align_beg                 1 
_struct_ref_seq.pdbx_seq_align_beg_ins_code   ? 
_struct_ref_seq.seq_align_end                 135 
_struct_ref_seq.pdbx_seq_align_end_ins_code   ? 
_struct_ref_seq.pdbx_db_accession             3AJZ 
_struct_ref_seq.db_align_beg                  -2 
_struct_ref_seq.pdbx_db_align_beg_ins_code    ? 
_struct_ref_seq.db_align_end                  132 
_struct_ref_seq.pdbx_db_align_end_ins_code    ? 
_struct_ref_seq.pdbx_auth_seq_align_beg       -2 
_struct_ref_seq.pdbx_auth_seq_align_end       132 
# 
loop_
_chem_comp.id 
_chem_comp.type 
_chem_comp.mon_nstd_flag 
_chem_comp.name 
_chem_comp.pdbx_synonyms 
_chem_comp.formula 
_chem_comp.formula_weight 
ALA 'L-peptide linking'          y ALANINE                ?                                          'C3 H7 N O2'     89.093  
ARG 'L-peptide linking'          y ARGININE               ?                                          'C6 H15 N4 O2 1' 175.209 
ASN 'L-peptide linking'          y ASPARAGINE             ?                                          'C4 H8 N2 O3'    132.118 
ASP 'L-peptide linking'          y 'ASPARTIC ACID'        ?                                          'C4 H7 N O4'     133.103 
BGC 'D-saccharide, beta linking' . beta-D-glucopyranose   'beta-D-glucose; D-glucose; glucose'       'C6 H12 O6'      180.156 
GAL 'D-saccharide, beta linking' . beta-D-galactopyranose 'beta-D-galactose; D-galactose; galactose' 'C6 H12 O6'      180.156 
GLN 'L-peptide linking'          y GLUTAMINE              ?                                          'C5 H10 N2 O3'   146.144 
GLU 'L-peptide linking'          y 'GLUTAMIC ACID'        ?                                          'C5 H9 N O4'     147.129 
GLY 'peptide linking'            y GLYCINE                ?                                          'C2 H5 N O2'     75.067  
HIS 'L-peptide linking'          y HISTIDINE              ?                                          'C6 H10 N3 O2 1' 156.162 
HOH non-polymer                  . WATER                  ?                                          'H2 O'           18.015  
ILE 'L-peptide linking'          y ISOLEUCINE             ?                                          'C6 H13 N O2'    131.173 
LEU 'L-peptide linking'          y LEUCINE                ?                                          'C6 H13 N O2'    131.173 
LYS 'L-peptide linking'          y LYSINE                 ?                                          'C6 H15 N2 O2 1' 147.195 
MET 'L-peptide linking'          y METHIONINE             ?                                          'C5 H11 N O2 S'  149.211 
PHE 'L-peptide linking'          y PHENYLALANINE          ?                                          'C9 H11 N O2'    165.189 
PRO 'L-peptide linking'          y PROLINE                ?                                          'C5 H9 N O2'     115.130 
SER 'L-peptide linking'          y SERINE                 ?                                          'C3 H7 N O3'     105.093 
THR 'L-peptide linking'          y THREONINE              ?                                          'C4 H9 N O3'     119.119 
TRP 'L-peptide linking'          y TRYPTOPHAN             ?                                          'C11 H12 N2 O2'  204.225 
TYR 'L-peptide linking'          y TYROSINE               ?                                          'C9 H11 N O3'    181.189 
VAL 'L-peptide linking'          y VALINE                 ?                                          'C5 H11 N O2'    117.146 
# 
_exptl.entry_id          3AJZ 
_exptl.method            'X-RAY DIFFRACTION' 
_exptl.crystals_number   1 
# 
_exptl_crystal.id                    1 
_exptl_crystal.density_meas          ? 
_exptl_crystal.density_Matthews      3.02 
_exptl_crystal.density_percent_sol   59.24 
_exptl_crystal.description           ? 
_exptl_crystal.F_000                 ? 
_exptl_crystal.preparation           ? 
# 
_exptl_crystal_grow.crystal_id      1 
_exptl_crystal_grow.method          'VAPOR DIFFUSION, HANGING DROP' 
_exptl_crystal_grow.temp            293 
_exptl_crystal_grow.temp_details    ? 
_exptl_crystal_grow.pH              7.0 
_exptl_crystal_grow.pdbx_details    '2.1M DL-malic acid, 1mM lactose, pH 7.0, VAPOR DIFFUSION, HANGING DROP, temperature 293K' 
_exptl_crystal_grow.pdbx_pH_range   . 
# 
_diffrn.id                     1 
_diffrn.ambient_temp           100 
_diffrn.ambient_temp_details   ? 
_diffrn.crystal_id             1 
# 
_diffrn_detector.diffrn_id              1 
_diffrn_detector.detector               CCD 
_diffrn_detector.type                   'RIGAKU JUPITER 210' 
_diffrn_detector.pdbx_collection_date   2007-09-26 
_diffrn_detector.details                mirrors 
# 
_diffrn_radiation.diffrn_id                        1 
_diffrn_radiation.wavelength_id                    1 
_diffrn_radiation.pdbx_monochromatic_or_laue_m_l   M 
_diffrn_radiation.monochromator                    mirrors 
_diffrn_radiation.pdbx_diffrn_protocol             'SINGLE WAVELENGTH' 
_diffrn_radiation.pdbx_scattering_type             x-ray 
# 
_diffrn_radiation_wavelength.id           1 
_diffrn_radiation_wavelength.wavelength   1.0000 
_diffrn_radiation_wavelength.wt           1.0 
# 
_diffrn_source.diffrn_id                   1 
_diffrn_source.source                      SYNCHROTRON 
_diffrn_source.type                        'SPRING-8 BEAMLINE BL38B1' 
_diffrn_source.pdbx_synchrotron_site       SPring-8 
_diffrn_source.pdbx_synchrotron_beamline   BL38B1 
_diffrn_source.pdbx_wavelength             ? 
_diffrn_source.pdbx_wavelength_list        1.0000 
# 
_reflns.entry_id                     3AJZ 
_reflns.observed_criterion_sigma_I   0 
_reflns.observed_criterion_sigma_F   0 
_reflns.d_resolution_low             50.0 
_reflns.d_resolution_high            1.50 
_reflns.number_obs                   29601 
_reflns.number_all                   29900 
_reflns.percent_possible_obs         99.0 
_reflns.pdbx_Rmerge_I_obs            ? 
_reflns.pdbx_Rsym_value              0.047 
_reflns.B_iso_Wilson_estimate        ? 
_reflns.pdbx_redundancy              ? 
_reflns.pdbx_netI_over_sigmaI        42.2 
_reflns.R_free_details               ? 
_reflns.limit_h_max                  ? 
_reflns.limit_h_min                  ? 
_reflns.limit_k_max                  ? 
_reflns.limit_k_min                  ? 
_reflns.limit_l_max                  ? 
_reflns.limit_l_min                  ? 
_reflns.observed_criterion_F_max     ? 
_reflns.observed_criterion_F_min     ? 
_reflns.pdbx_chi_squared             ? 
_reflns.pdbx_scaling_rejects         ? 
_reflns.pdbx_ordinal                 1 
_reflns.pdbx_diffrn_id               1 
# 
_reflns_shell.d_res_high             1.50 
_reflns_shell.d_res_low              1.55 
_reflns_shell.percent_possible_all   92.8 
_reflns_shell.Rmerge_I_obs           ? 
_reflns_shell.pdbx_Rsym_value        0.399 
_reflns_shell.meanI_over_sigI_obs    2.8 
_reflns_shell.pdbx_redundancy        ? 
_reflns_shell.percent_possible_obs   ? 
_reflns_shell.number_unique_all      1362 
_reflns_shell.number_measured_all    ? 
_reflns_shell.number_measured_obs    ? 
_reflns_shell.number_unique_obs      ? 
_reflns_shell.pdbx_chi_squared       ? 
_reflns_shell.pdbx_ordinal           1 
_reflns_shell.pdbx_diffrn_id         1 
# 
_refine.entry_id                                 3AJZ 
_refine.ls_number_reflns_obs                     28098 
_refine.ls_number_reflns_all                     ? 
_refine.pdbx_ls_sigma_I                          ? 
_refine.pdbx_ls_sigma_F                          ? 
_refine.pdbx_data_cutoff_high_absF               ? 
_refine.pdbx_data_cutoff_low_absF                ? 
_refine.pdbx_data_cutoff_high_rms_absF           ? 
_refine.ls_d_res_low                             31.27 
_refine.ls_d_res_high                            1.50 
_refine.ls_percent_reflns_obs                    100.00 
_refine.ls_R_factor_obs                          0.20448 
_refine.ls_R_factor_all                          ? 
_refine.ls_R_factor_R_work                       0.20381 
_refine.ls_R_factor_R_free                       0.21714 
_refine.ls_R_factor_R_free_error                 ? 
_refine.ls_R_factor_R_free_error_details         ? 
_refine.ls_percent_reflns_R_free                 5.1 
_refine.ls_number_reflns_R_free                  1502 
_refine.ls_number_parameters                     ? 
_refine.ls_number_restraints                     ? 
_refine.occupancy_min                            ? 
_refine.occupancy_max                            ? 
_refine.correlation_coeff_Fo_to_Fc               0.955 
_refine.correlation_coeff_Fo_to_Fc_free          0.947 
_refine.B_iso_mean                               18.770 
_refine.aniso_B[1][1]                            -0.94 
_refine.aniso_B[2][2]                            1.39 
_refine.aniso_B[3][3]                            -0.45 
_refine.aniso_B[1][2]                            0.00 
_refine.aniso_B[1][3]                            0.00 
_refine.aniso_B[2][3]                            0.00 
_refine.solvent_model_details                    'BABINET MODEL WITH MASK' 
_refine.solvent_model_param_ksol                 ? 
_refine.solvent_model_param_bsol                 ? 
_refine.pdbx_solvent_vdw_probe_radii             1.20 
_refine.pdbx_solvent_ion_probe_radii             0.80 
_refine.pdbx_solvent_shrinkage_radii             0.80 
_refine.pdbx_ls_cross_valid_method               THROUGHOUT 
_refine.details                                  ? 
_refine.pdbx_starting_model                      'PDB ENTRY 1IS3' 
_refine.pdbx_method_to_determine_struct          'MOLECULAR REPLACEMENT' 
_refine.pdbx_isotropic_thermal_model             ? 
_refine.pdbx_stereochemistry_target_values       'MAXIMUM LIKELIHOOD' 
_refine.pdbx_stereochem_target_val_spec_case     ? 
_refine.pdbx_R_Free_selection_details            RANDOM 
_refine.pdbx_overall_ESU_R_Free                  0.069 
_refine.overall_SU_ML                            0.045 
_refine.overall_SU_B                             1.181 
_refine.overall_SU_R_Cruickshank_DPI             ? 
_refine.ls_redundancy_reflns_obs                 ? 
_refine.B_iso_min                                ? 
_refine.B_iso_max                                ? 
_refine.overall_SU_R_free                        ? 
_refine.pdbx_overall_ESU_R                       ? 
_refine.ls_wR_factor_R_free                      ? 
_refine.ls_wR_factor_R_work                      ? 
_refine.overall_FOM_free_R_set                   ? 
_refine.overall_FOM_work_R_set                   ? 
_refine.pdbx_refine_id                           'X-RAY DIFFRACTION' 
_refine.pdbx_diffrn_id                           1 
_refine.pdbx_overall_phase_error                 ? 
_refine.pdbx_TLS_residual_ADP_flag               ? 
_refine.pdbx_overall_SU_R_free_Cruickshank_DPI   ? 
_refine.pdbx_overall_SU_R_Blow_DPI               ? 
_refine.pdbx_overall_SU_R_free_Blow_DPI          ? 
# 
_refine_hist.pdbx_refine_id                   'X-RAY DIFFRACTION' 
_refine_hist.cycle_id                         LAST 
_refine_hist.pdbx_number_atoms_protein        1059 
_refine_hist.pdbx_number_atoms_nucleic_acid   0 
_refine_hist.pdbx_number_atoms_ligand         23 
_refine_hist.number_atoms_solvent             123 
_refine_hist.number_atoms_total               1205 
_refine_hist.d_res_high                       1.50 
_refine_hist.d_res_low                        31.27 
# 
loop_
_refine_ls_restr.type 
_refine_ls_restr.dev_ideal 
_refine_ls_restr.dev_ideal_target 
_refine_ls_restr.weight 
_refine_ls_restr.number 
_refine_ls_restr.pdbx_refine_id 
_refine_ls_restr.pdbx_restraint_function 
r_bond_refined_d             0.013  0.022  ? 1150 'X-RAY DIFFRACTION' ? 
r_bond_other_d               ?      ?      ? ?    'X-RAY DIFFRACTION' ? 
r_angle_refined_deg          1.521  1.936  ? 1573 'X-RAY DIFFRACTION' ? 
r_angle_other_deg            ?      ?      ? ?    'X-RAY DIFFRACTION' ? 
r_dihedral_angle_1_deg       6.532  5.000  ? 145  'X-RAY DIFFRACTION' ? 
r_dihedral_angle_2_deg       35.774 24.444 ? 63   'X-RAY DIFFRACTION' ? 
r_dihedral_angle_3_deg       14.167 15.000 ? 181  'X-RAY DIFFRACTION' ? 
r_dihedral_angle_4_deg       20.730 15.000 ? 6    'X-RAY DIFFRACTION' ? 
r_chiral_restr               0.110  0.200  ? 178  'X-RAY DIFFRACTION' ? 
r_gen_planes_refined         0.008  0.020  ? 896  'X-RAY DIFFRACTION' ? 
r_gen_planes_other           ?      ?      ? ?    'X-RAY DIFFRACTION' ? 
r_nbd_refined                0.244  0.200  ? 480  'X-RAY DIFFRACTION' ? 
r_nbd_other                  ?      ?      ? ?    'X-RAY DIFFRACTION' ? 
r_nbtor_refined              0.315  0.200  ? 790  'X-RAY DIFFRACTION' ? 
r_nbtor_other                ?      ?      ? ?    'X-RAY DIFFRACTION' ? 
r_xyhbond_nbd_refined        0.106  0.200  ? 88   'X-RAY DIFFRACTION' ? 
r_xyhbond_nbd_other          ?      ?      ? ?    'X-RAY DIFFRACTION' ? 
r_metal_ion_refined          ?      ?      ? ?    'X-RAY DIFFRACTION' ? 
r_metal_ion_other            ?      ?      ? ?    'X-RAY DIFFRACTION' ? 
r_symmetry_vdw_refined       0.265  0.200  ? 31   'X-RAY DIFFRACTION' ? 
r_symmetry_vdw_other         ?      ?      ? ?    'X-RAY DIFFRACTION' ? 
r_symmetry_hbond_refined     0.119  0.200  ? 17   'X-RAY DIFFRACTION' ? 
r_symmetry_hbond_other       ?      ?      ? ?    'X-RAY DIFFRACTION' ? 
r_symmetry_metal_ion_refined ?      ?      ? ?    'X-RAY DIFFRACTION' ? 
r_symmetry_metal_ion_other   ?      ?      ? ?    'X-RAY DIFFRACTION' ? 
r_mcbond_it                  1.370  1.500  ? 690  'X-RAY DIFFRACTION' ? 
r_mcbond_other               ?      ?      ? ?    'X-RAY DIFFRACTION' ? 
r_mcangle_it                 1.841  2.000  ? 1098 'X-RAY DIFFRACTION' ? 
r_scbond_it                  2.845  3.000  ? 508  'X-RAY DIFFRACTION' ? 
r_scangle_it                 4.170  4.500  ? 468  'X-RAY DIFFRACTION' ? 
r_rigid_bond_restr           ?      ?      ? ?    'X-RAY DIFFRACTION' ? 
r_sphericity_free            ?      ?      ? ?    'X-RAY DIFFRACTION' ? 
r_sphericity_bonded          ?      ?      ? ?    'X-RAY DIFFRACTION' ? 
# 
_refine_ls_shell.pdbx_total_number_of_bins_used   20 
_refine_ls_shell.d_res_high                       1.491 
_refine_ls_shell.d_res_low                        1.530 
_refine_ls_shell.number_reflns_R_work             1362 
_refine_ls_shell.R_factor_R_work                  0.253 
_refine_ls_shell.percent_reflns_obs               100.00 
_refine_ls_shell.R_factor_R_free                  0.251 
_refine_ls_shell.R_factor_R_free_error            ? 
_refine_ls_shell.percent_reflns_R_free            ? 
_refine_ls_shell.number_reflns_R_free             80 
_refine_ls_shell.number_reflns_all                ? 
_refine_ls_shell.R_factor_all                     ? 
_refine_ls_shell.number_reflns_obs                ? 
_refine_ls_shell.redundancy_reflns_obs            ? 
_refine_ls_shell.pdbx_refine_id                   'X-RAY DIFFRACTION' 
# 
_struct.entry_id                  3AJZ 
_struct.title                     'Crystal Structure of Ancestral Congerin Con-anc' 
_struct.pdbx_model_details        ? 
_struct.pdbx_CASP_flag            ? 
_struct.pdbx_model_type_details   ? 
# 
_struct_keywords.entry_id        3AJZ 
_struct_keywords.pdbx_keywords   'SUGAR BINDING PROTEIN' 
_struct_keywords.text            'Ancestral Protein, Galectin, Lectin, SUGAR BINDING PROTEIN' 
# 
loop_
_struct_asym.id 
_struct_asym.pdbx_blank_PDB_chainid_flag 
_struct_asym.pdbx_modified 
_struct_asym.entity_id 
_struct_asym.details 
A N N 1 ? 
B N N 2 ? 
C N N 3 ? 
# 
_struct_biol.id        1 
_struct_biol.details   ? 
# 
_struct_conn.id                            covale1 
_struct_conn.conn_type_id                  covale 
_struct_conn.pdbx_leaving_atom_flag        both 
_struct_conn.pdbx_PDB_id                   ? 
_struct_conn.ptnr1_label_asym_id           B 
_struct_conn.ptnr1_label_comp_id           BGC 
_struct_conn.ptnr1_label_seq_id            . 
_struct_conn.ptnr1_label_atom_id           O4 
_struct_conn.pdbx_ptnr1_label_alt_id       ? 
_struct_conn.pdbx_ptnr1_PDB_ins_code       ? 
_struct_conn.pdbx_ptnr1_standard_comp_id   ? 
_struct_conn.ptnr1_symmetry                1_555 
_struct_conn.ptnr2_label_asym_id           B 
_struct_conn.ptnr2_label_comp_id           GAL 
_struct_conn.ptnr2_label_seq_id            . 
_struct_conn.ptnr2_label_atom_id           C1 
_struct_conn.pdbx_ptnr2_label_alt_id       ? 
_struct_conn.pdbx_ptnr2_PDB_ins_code       ? 
_struct_conn.ptnr1_auth_asym_id            B 
_struct_conn.ptnr1_auth_comp_id            BGC 
_struct_conn.ptnr1_auth_seq_id             1 
_struct_conn.ptnr2_auth_asym_id            B 
_struct_conn.ptnr2_auth_comp_id            GAL 
_struct_conn.ptnr2_auth_seq_id             2 
_struct_conn.ptnr2_symmetry                1_555 
_struct_conn.pdbx_ptnr3_label_atom_id      ? 
_struct_conn.pdbx_ptnr3_label_seq_id       ? 
_struct_conn.pdbx_ptnr3_label_comp_id      ? 
_struct_conn.pdbx_ptnr3_label_asym_id      ? 
_struct_conn.pdbx_ptnr3_label_alt_id       ? 
_struct_conn.pdbx_ptnr3_PDB_ins_code       ? 
_struct_conn.details                       ? 
_struct_conn.pdbx_dist_value               1.439 
_struct_conn.pdbx_value_order              ? 
_struct_conn.pdbx_role                     ? 
# 
_struct_conn_type.id          covale 
_struct_conn_type.criteria    ? 
_struct_conn_type.reference   ? 
# 
loop_
_struct_sheet.id 
_struct_sheet.type 
_struct_sheet.number_strands 
_struct_sheet.details 
A ? 6 ? 
B ? 6 ? 
C ? 5 ? 
# 
loop_
_struct_sheet_order.sheet_id 
_struct_sheet_order.range_id_1 
_struct_sheet_order.range_id_2 
_struct_sheet_order.offset 
_struct_sheet_order.sense 
A 1 2 ? anti-parallel 
A 2 3 ? anti-parallel 
A 3 4 ? anti-parallel 
A 4 5 ? anti-parallel 
A 5 6 ? anti-parallel 
B 1 2 ? anti-parallel 
B 2 3 ? anti-parallel 
B 3 4 ? anti-parallel 
B 4 5 ? anti-parallel 
B 5 6 ? anti-parallel 
C 1 2 ? anti-parallel 
C 2 3 ? anti-parallel 
C 3 4 ? anti-parallel 
C 4 5 ? anti-parallel 
# 
loop_
_struct_sheet_range.sheet_id 
_struct_sheet_range.id 
_struct_sheet_range.beg_label_comp_id 
_struct_sheet_range.beg_label_asym_id 
_struct_sheet_range.beg_label_seq_id 
_struct_sheet_range.pdbx_beg_PDB_ins_code 
_struct_sheet_range.end_label_comp_id 
_struct_sheet_range.end_label_asym_id 
_struct_sheet_range.end_label_seq_id 
_struct_sheet_range.pdbx_end_PDB_ins_code 
_struct_sheet_range.beg_auth_comp_id 
_struct_sheet_range.beg_auth_asym_id 
_struct_sheet_range.beg_auth_seq_id 
_struct_sheet_range.end_auth_comp_id 
_struct_sheet_range.end_auth_asym_id 
_struct_sheet_range.end_auth_seq_id 
A 1 GLU A 6   ? LYS A 13  ? GLU A 3   LYS A 10  
A 2 ALA A 117 ? GLY A 125 ? ALA A 114 GLY A 122 
A 3 ARG A 30  ? GLY A 36  ? ARG A 27  GLY A 33  
A 4 ILE A 42  ? TYR A 52  ? ILE A 39  TYR A 49  
A 5 ASP A 55  ? VAL A 65  ? ASP A 52  VAL A 62  
A 6 GLY A 68  ? TRP A 69  ? GLY A 65  TRP A 66  
B 1 GLU A 6   ? LYS A 13  ? GLU A 3   LYS A 10  
B 2 ALA A 117 ? GLY A 125 ? ALA A 114 GLY A 122 
B 3 ARG A 30  ? GLY A 36  ? ARG A 27  GLY A 33  
B 4 ILE A 42  ? TYR A 52  ? ILE A 39  TYR A 49  
B 5 ASP A 55  ? VAL A 65  ? ASP A 52  VAL A 62  
B 6 GLN A 73  ? SER A 75  ? GLN A 70  SER A 72  
C 1 LYS A 106 ? PRO A 110 ? LYS A 103 PRO A 107 
C 2 THR A 96  ? GLN A 100 ? THR A 93  GLN A 97  
C 3 HIS A 85  ? PHE A 92  ? HIS A 82  PHE A 89  
C 4 LEU A 18  ? VAL A 24  ? LEU A 15  VAL A 21  
C 5 ALA A 127 ? LEU A 134 ? ALA A 124 LEU A 131 
# 
loop_
_pdbx_struct_sheet_hbond.sheet_id 
_pdbx_struct_sheet_hbond.range_id_1 
_pdbx_struct_sheet_hbond.range_id_2 
_pdbx_struct_sheet_hbond.range_1_label_atom_id 
_pdbx_struct_sheet_hbond.range_1_label_comp_id 
_pdbx_struct_sheet_hbond.range_1_label_asym_id 
_pdbx_struct_sheet_hbond.range_1_label_seq_id 
_pdbx_struct_sheet_hbond.range_1_PDB_ins_code 
_pdbx_struct_sheet_hbond.range_1_auth_atom_id 
_pdbx_struct_sheet_hbond.range_1_auth_comp_id 
_pdbx_struct_sheet_hbond.range_1_auth_asym_id 
_pdbx_struct_sheet_hbond.range_1_auth_seq_id 
_pdbx_struct_sheet_hbond.range_2_label_atom_id 
_pdbx_struct_sheet_hbond.range_2_label_comp_id 
_pdbx_struct_sheet_hbond.range_2_label_asym_id 
_pdbx_struct_sheet_hbond.range_2_label_seq_id 
_pdbx_struct_sheet_hbond.range_2_PDB_ins_code 
_pdbx_struct_sheet_hbond.range_2_auth_atom_id 
_pdbx_struct_sheet_hbond.range_2_auth_comp_id 
_pdbx_struct_sheet_hbond.range_2_auth_asym_id 
_pdbx_struct_sheet_hbond.range_2_auth_seq_id 
A 1 2 N VAL A 7   ? N VAL A 4   O ILE A 121 ? O ILE A 118 
A 2 3 O ALA A 124 ? O ALA A 121 N SER A 32  ? N SER A 29  
A 3 4 N PHE A 31  ? N PHE A 28  O HIS A 48  ? O HIS A 45  
A 4 5 N ASP A 47  ? N ASP A 44  O VAL A 60  ? O VAL A 57  
A 5 6 N VAL A 65  ? N VAL A 62  O GLY A 68  ? O GLY A 65  
B 1 2 N VAL A 7   ? N VAL A 4   O ILE A 121 ? O ILE A 118 
B 2 3 O ALA A 124 ? O ALA A 121 N SER A 32  ? N SER A 29  
B 3 4 N PHE A 31  ? N PHE A 28  O HIS A 48  ? O HIS A 45  
B 4 5 N ASP A 47  ? N ASP A 44  O VAL A 60  ? O VAL A 57  
B 5 6 N LEU A 61  ? N LEU A 58  O GLN A 73  ? O GLN A 70  
C 1 2 O PHE A 109 ? O PHE A 106 N PHE A 97  ? N PHE A 94  
C 2 3 O GLN A 100 ? O GLN A 97  N THR A 89  ? N THR A 86  
C 3 4 O ILE A 90  ? O ILE A 87  N LEU A 18  ? N LEU A 15  
C 4 5 N GLY A 21  ? N GLY A 18  O PHE A 131 ? O PHE A 128 
# 
_atom_sites.entry_id                    3AJZ 
_atom_sites.fract_transf_matrix[1][1]   0.00232615 
_atom_sites.fract_transf_matrix[1][2]   -0.01159831 
_atom_sites.fract_transf_matrix[1][3]   0.01428884 
_atom_sites.fract_transf_matrix[2][1]   0.00926310 
_atom_sites.fract_transf_matrix[2][2]   0.00764904 
_atom_sites.fract_transf_matrix[2][3]   0.00470077 
_atom_sites.fract_transf_matrix[3][1]   -0.00774672 
_atom_sites.fract_transf_matrix[3][2]   0.00574202 
_atom_sites.fract_transf_matrix[3][3]   0.00592195 
_atom_sites.fract_transf_vector[1]      -0.076994 
_atom_sites.fract_transf_vector[2]      -0.323778 
_atom_sites.fract_transf_vector[3]      -0.162190 
# 
loop_
_atom_type.symbol 
C 
N 
O 
S 
# 
loop_
_atom_site.group_PDB 
_atom_site.id 
_atom_site.type_symbol 
_atom_site.label_atom_id 
_atom_site.label_alt_id 
_atom_site.label_comp_id 
_atom_site.label_asym_id 
_atom_site.label_entity_id 
_atom_site.label_seq_id 
_atom_site.pdbx_PDB_ins_code 
_atom_site.Cartn_x 
_atom_site.Cartn_y 
_atom_site.Cartn_z 
_atom_site.occupancy 
_atom_site.B_iso_or_equiv 
_atom_site.pdbx_formal_charge 
_atom_site.auth_seq_id 
_atom_site.auth_comp_id 
_atom_site.auth_asym_id 
_atom_site.auth_atom_id 
_atom_site.pdbx_PDB_model_num 
ATOM   1    N N   . GLY A 1 4   ? 2.021   -13.239 2.697   1.00 22.22 ? 1   GLY A N   1 
ATOM   2    C CA  . GLY A 1 4   ? 0.699   -12.593 2.967   1.00 19.93 ? 1   GLY A CA  1 
ATOM   3    C C   . GLY A 1 4   ? -0.286  -12.792 1.838   1.00 18.59 ? 1   GLY A C   1 
ATOM   4    O O   . GLY A 1 4   ? 0.077   -13.305 0.757   1.00 19.03 ? 1   GLY A O   1 
ATOM   5    N N   . VAL A 1 5   ? -1.534  -12.415 2.106   1.00 17.66 ? 2   VAL A N   1 
ATOM   6    C CA  . VAL A 1 5   ? -2.623  -12.603 1.164   1.00 18.06 ? 2   VAL A CA  1 
ATOM   7    C C   . VAL A 1 5   ? -2.336  -11.862 -0.126  1.00 18.35 ? 2   VAL A C   1 
ATOM   8    O O   . VAL A 1 5   ? -1.946  -10.695 -0.095  1.00 17.86 ? 2   VAL A O   1 
ATOM   9    C CB  . VAL A 1 5   ? -3.967  -12.159 1.756   1.00 17.67 ? 2   VAL A CB  1 
ATOM   10   C CG1 . VAL A 1 5   ? -5.046  -12.178 0.712   1.00 16.74 ? 2   VAL A CG1 1 
ATOM   11   C CG2 . VAL A 1 5   ? -4.348  -13.064 2.919   1.00 19.59 ? 2   VAL A CG2 1 
ATOM   12   N N   . GLU A 1 6   ? -2.523  -12.542 -1.254  1.00 18.10 ? 3   GLU A N   1 
ATOM   13   C CA  . GLU A 1 6   ? -2.520  -11.883 -2.554  1.00 19.70 ? 3   GLU A CA  1 
ATOM   14   C C   . GLU A 1 6   ? -3.883  -11.973 -3.205  1.00 20.45 ? 3   GLU A C   1 
ATOM   15   O O   . GLU A 1 6   ? -4.464  -13.047 -3.265  1.00 20.86 ? 3   GLU A O   1 
ATOM   16   C CB  . GLU A 1 6   ? -1.516  -12.509 -3.498  1.00 21.06 ? 3   GLU A CB  1 
ATOM   17   C CG  . GLU A 1 6   ? -1.570  -11.814 -4.853  1.00 25.39 ? 3   GLU A CG  1 
ATOM   18   C CD  . GLU A 1 6   ? -0.565  -12.330 -5.851  1.00 32.24 ? 3   GLU A CD  1 
ATOM   19   O OE1 . GLU A 1 6   ? -0.287  -11.582 -6.822  1.00 34.70 ? 3   GLU A OE1 1 
ATOM   20   O OE2 . GLU A 1 6   ? -0.064  -13.470 -5.675  1.00 35.71 ? 3   GLU A OE2 1 
ATOM   21   N N   . VAL A 1 7   ? -4.373  -10.840 -3.698  1.00 19.68 ? 4   VAL A N   1 
ATOM   22   C CA  . VAL A 1 7   ? -5.641  -10.784 -4.437  1.00 20.57 ? 4   VAL A CA  1 
ATOM   23   C C   . VAL A 1 7   ? -5.255  -10.485 -5.874  1.00 20.58 ? 4   VAL A C   1 
ATOM   24   O O   . VAL A 1 7   ? -4.762  -9.373  -6.158  1.00 19.95 ? 4   VAL A O   1 
ATOM   25   C CB  . VAL A 1 7   ? -6.555  -9.665  -3.894  1.00 20.53 ? 4   VAL A CB  1 
ATOM   26   C CG1 . VAL A 1 7   ? -7.936  -9.691  -4.576  1.00 21.65 ? 4   VAL A CG1 1 
ATOM   27   C CG2 . VAL A 1 7   ? -6.692  -9.775  -2.367  1.00 20.74 ? 4   VAL A CG2 1 
ATOM   28   N N   . LYS A 1 8   ? -5.487  -11.452 -6.767  1.00 20.38 ? 5   LYS A N   1 
ATOM   29   C CA  A LYS A 1 8   ? -5.030  -11.446 -8.167  0.50 20.15 ? 5   LYS A CA  1 
ATOM   30   C CA  B LYS A 1 8   ? -5.060  -11.316 -8.166  0.50 20.06 ? 5   LYS A CA  1 
ATOM   31   C C   . LYS A 1 8   ? -6.197  -11.427 -9.178  1.00 20.52 ? 5   LYS A C   1 
ATOM   32   O O   . LYS A 1 8   ? -7.313  -11.833 -8.842  1.00 18.10 ? 5   LYS A O   1 
ATOM   33   C CB  A LYS A 1 8   ? -4.166  -12.699 -8.367  0.50 20.89 ? 5   LYS A CB  1 
ATOM   34   C CB  B LYS A 1 8   ? -3.931  -12.294 -8.489  0.50 20.72 ? 5   LYS A CB  1 
ATOM   35   C CG  A LYS A 1 8   ? -3.804  -13.081 -9.792  0.50 21.74 ? 5   LYS A CG  1 
ATOM   36   C CG  B LYS A 1 8   ? -4.294  -13.768 -8.401  0.50 21.43 ? 5   LYS A CG  1 
ATOM   37   C CD  A LYS A 1 8   ? -3.110  -14.455 -9.842  0.50 22.42 ? 5   LYS A CD  1 
ATOM   38   C CD  B LYS A 1 8   ? -3.016  -14.596 -8.379  0.50 23.81 ? 5   LYS A CD  1 
ATOM   39   C CE  A LYS A 1 8   ? -1.645  -14.391 -9.425  0.50 25.31 ? 5   LYS A CE  1 
ATOM   40   C CE  B LYS A 1 8   ? -3.059  -15.753 -9.365  0.50 26.26 ? 5   LYS A CE  1 
ATOM   41   N NZ  A LYS A 1 8   ? -1.451  -14.381 -7.933  0.50 27.11 ? 5   LYS A NZ  1 
ATOM   42   N NZ  B LYS A 1 8   ? -2.920  -15.338 -10.792 0.50 27.51 ? 5   LYS A NZ  1 
ATOM   43   N N   . ASN A 1 9   ? -5.924  -11.016 -10.422 1.00 19.79 ? 6   ASN A N   1 
ATOM   44   C CA  . ASN A 1 9   ? -6.916  -10.907 -11.506 1.00 20.64 ? 6   ASN A CA  1 
ATOM   45   C C   . ASN A 1 9   ? -8.012  -9.927  -11.157 1.00 20.79 ? 6   ASN A C   1 
ATOM   46   O O   . ASN A 1 9   ? -9.161  -10.096 -11.584 1.00 21.74 ? 6   ASN A O   1 
ATOM   47   C CB  . ASN A 1 9   ? -7.592  -12.239 -11.897 1.00 20.84 ? 6   ASN A CB  1 
ATOM   48   C CG  . ASN A 1 9   ? -6.633  -13.372 -12.078 1.00 25.51 ? 6   ASN A CG  1 
ATOM   49   O OD1 . ASN A 1 9   ? -6.870  -14.469 -11.563 1.00 30.97 ? 6   ASN A OD1 1 
ATOM   50   N ND2 . ASN A 1 9   ? -5.551  -13.136 -12.815 1.00 27.42 ? 6   ASN A ND2 1 
ATOM   51   N N   . ILE A 1 10  ? -7.676  -8.920  -10.359 1.00 20.62 ? 7   ILE A N   1 
ATOM   52   C CA  . ILE A 1 10  ? -8.607  -7.822  -10.109 1.00 20.69 ? 7   ILE A CA  1 
ATOM   53   C C   . ILE A 1 10  ? -8.596  -6.880  -11.322 1.00 20.62 ? 7   ILE A C   1 
ATOM   54   O O   . ILE A 1 10  ? -7.675  -6.909  -12.137 1.00 21.62 ? 7   ILE A O   1 
ATOM   55   C CB  . ILE A 1 10  ? -8.325  -7.076  -8.777  1.00 20.86 ? 7   ILE A CB  1 
ATOM   56   C CG1 . ILE A 1 10  ? -7.013  -6.287  -8.855  1.00 20.06 ? 7   ILE A CG1 1 
ATOM   57   C CG2 . ILE A 1 10  ? -8.235  -8.049  -7.612  1.00 20.89 ? 7   ILE A CG2 1 
ATOM   58   C CD1 . ILE A 1 10  ? -6.775  -5.376  -7.671  1.00 21.60 ? 7   ILE A CD1 1 
ATOM   59   N N   . THR A 1 11  ? -9.670  -6.133  -11.495 1.00 21.29 ? 8   THR A N   1 
ATOM   60   C CA  A THR A 1 11  ? -9.706  -5.102  -12.528 0.50 20.91 ? 8   THR A CA  1 
ATOM   61   C CA  B THR A 1 11  ? -9.726  -5.125  -12.529 0.50 20.53 ? 8   THR A CA  1 
ATOM   62   C C   . THR A 1 11  ? -9.924  -3.792  -11.805 1.00 20.84 ? 8   THR A C   1 
ATOM   63   O O   . THR A 1 11  ? -11.045 -3.350  -11.612 1.00 22.09 ? 8   THR A O   1 
ATOM   64   C CB  A THR A 1 11  ? -10.809 -5.332  -13.580 0.50 21.69 ? 8   THR A CB  1 
ATOM   65   C CB  B THR A 1 11  ? -10.842 -5.444  -13.567 0.50 21.25 ? 8   THR A CB  1 
ATOM   66   O OG1 A THR A 1 11  ? -12.020 -5.681  -12.907 0.50 21.89 ? 8   THR A OG1 1 
ATOM   67   O OG1 B THR A 1 11  ? -10.778 -6.835  -13.929 0.50 20.06 ? 8   THR A OG1 1 
ATOM   68   C CG2 A THR A 1 11  ? -10.415 -6.439  -14.560 0.50 20.59 ? 8   THR A CG2 1 
ATOM   69   C CG2 B THR A 1 11  ? -10.669 -4.594  -14.810 0.50 19.44 ? 8   THR A CG2 1 
ATOM   70   N N   . PHE A 1 12  ? -8.819  -3.198  -11.347 1.00 19.11 ? 9   PHE A N   1 
ATOM   71   C CA  . PHE A 1 12  ? -8.845  -1.958  -10.554 1.00 18.15 ? 9   PHE A CA  1 
ATOM   72   C C   . PHE A 1 12  ? -8.490  -0.816  -11.487 1.00 18.68 ? 9   PHE A C   1 
ATOM   73   O O   . PHE A 1 12  ? -7.316  -0.589  -11.799 1.00 18.37 ? 9   PHE A O   1 
ATOM   74   C CB  . PHE A 1 12  ? -7.864  -2.096  -9.347  1.00 16.64 ? 9   PHE A CB  1 
ATOM   75   C CG  . PHE A 1 12  ? -7.635  -0.836  -8.526  1.00 15.25 ? 9   PHE A CG  1 
ATOM   76   C CD1 . PHE A 1 12  ? -8.635  0.127   -8.283  1.00 14.35 ? 9   PHE A CD1 1 
ATOM   77   C CD2 . PHE A 1 12  ? -6.382  -0.649  -7.910  1.00 14.46 ? 9   PHE A CD2 1 
ATOM   78   C CE1 . PHE A 1 12  ? -8.385  1.244   -7.522  1.00 15.03 ? 9   PHE A CE1 1 
ATOM   79   C CE2 . PHE A 1 12  ? -6.142  0.467   -7.106  1.00 14.23 ? 9   PHE A CE2 1 
ATOM   80   C CZ  . PHE A 1 12  ? -7.141  1.417   -6.916  1.00 14.94 ? 9   PHE A CZ  1 
ATOM   81   N N   . LYS A 1 13  ? -9.527  -0.130  -11.954 1.00 19.07 ? 10  LYS A N   1 
ATOM   82   C CA  . LYS A 1 13  ? -9.418  0.818   -13.052 1.00 20.17 ? 10  LYS A CA  1 
ATOM   83   C C   . LYS A 1 13  ? -9.400  2.266   -12.549 1.00 20.87 ? 10  LYS A C   1 
ATOM   84   O O   . LYS A 1 13  ? -9.798  2.568   -11.417 1.00 19.19 ? 10  LYS A O   1 
ATOM   85   C CB  . LYS A 1 13  ? -10.598 0.610   -14.030 1.00 20.51 ? 10  LYS A CB  1 
ATOM   86   C CG  . LYS A 1 13  ? -10.565 -0.701  -14.781 1.00 23.59 ? 10  LYS A CG  1 
ATOM   87   C CD  . LYS A 1 13  ? -11.926 -1.062  -15.418 1.00 27.20 ? 10  LYS A CD  1 
ATOM   88   C CE  . LYS A 1 13  ? -12.277 -0.208  -16.607 1.00 33.12 ? 10  LYS A CE  1 
ATOM   89   N NZ  . LYS A 1 13  ? -13.336 -0.900  -17.427 1.00 34.69 ? 10  LYS A NZ  1 
ATOM   90   N N   . LEU A 1 14  ? -8.949  3.176   -13.419 1.00 22.28 ? 11  LEU A N   1 
ATOM   91   C CA  . LEU A 1 14  ? -8.945  4.606   -13.129 1.00 24.56 ? 11  LEU A CA  1 
ATOM   92   C C   . LEU A 1 14  ? -10.273 5.026   -12.547 1.00 24.06 ? 11  LEU A C   1 
ATOM   93   O O   . LEU A 1 14  ? -11.337 4.794   -13.131 1.00 25.12 ? 11  LEU A O   1 
ATOM   94   C CB  . LEU A 1 14  ? -8.658  5.452   -14.399 1.00 25.71 ? 11  LEU A CB  1 
ATOM   95   C CG  . LEU A 1 14  ? -7.174  5.752   -14.612 1.00 30.44 ? 11  LEU A CG  1 
ATOM   96   C CD1 . LEU A 1 14  ? -6.548  4.530   -15.148 1.00 36.18 ? 11  LEU A CD1 1 
ATOM   97   C CD2 . LEU A 1 14  ? -6.866  6.892   -15.536 1.00 33.37 ? 11  LEU A CD2 1 
ATOM   98   N N   . GLY A 1 15  ? -10.218 5.640   -11.376 1.00 24.59 ? 12  GLY A N   1 
ATOM   99   C CA  . GLY A 1 15  ? -11.428 6.177   -10.781 1.00 24.02 ? 12  GLY A CA  1 
ATOM   100  C C   . GLY A 1 15  ? -12.125 5.287   -9.759  1.00 23.99 ? 12  GLY A C   1 
ATOM   101  O O   . GLY A 1 15  ? -12.943 5.782   -8.978  1.00 25.29 ? 12  GLY A O   1 
ATOM   102  N N   . MET A 1 16  ? -11.818 3.983   -9.764  1.00 21.50 ? 13  MET A N   1 
ATOM   103  C CA  . MET A 1 16  ? -12.369 3.051   -8.766  1.00 19.63 ? 13  MET A CA  1 
ATOM   104  C C   . MET A 1 16  ? -11.659 3.211   -7.423  1.00 18.47 ? 13  MET A C   1 
ATOM   105  O O   . MET A 1 16  ? -10.644 3.919   -7.326  1.00 18.67 ? 13  MET A O   1 
ATOM   106  C CB  . MET A 1 16  ? -12.228 1.609   -9.248  1.00 19.10 ? 13  MET A CB  1 
ATOM   107  C CG  . MET A 1 16  ? -12.952 1.330   -10.579 1.00 20.43 ? 13  MET A CG  1 
ATOM   108  S SD  . MET A 1 16  ? -12.786 -0.392  -11.080 1.00 21.63 ? 13  MET A SD  1 
ATOM   109  C CE  . MET A 1 16  ? -13.604 -1.183  -9.707  1.00 24.20 ? 13  MET A CE  1 
ATOM   110  N N   . TYR A 1 17  ? -12.192 2.544   -6.399  1.00 17.43 ? 14  TYR A N   1 
ATOM   111  C CA  . TYR A 1 17  ? -11.644 2.610   -5.041  1.00 17.49 ? 14  TYR A CA  1 
ATOM   112  C C   . TYR A 1 17  ? -11.321 1.215   -4.557  1.00 16.68 ? 14  TYR A C   1 
ATOM   113  O O   . TYR A 1 17  ? -12.159 0.311   -4.625  1.00 16.82 ? 14  TYR A O   1 
ATOM   114  C CB  . TYR A 1 17  ? -12.658 3.260   -4.074  1.00 19.20 ? 14  TYR A CB  1 
ATOM   115  C CG  . TYR A 1 17  ? -12.821 4.732   -4.359  1.00 24.39 ? 14  TYR A CG  1 
ATOM   116  C CD1 . TYR A 1 17  ? -13.608 5.172   -5.423  1.00 29.04 ? 14  TYR A CD1 1 
ATOM   117  C CD2 . TYR A 1 17  ? -12.123 5.681   -3.615  1.00 29.12 ? 14  TYR A CD2 1 
ATOM   118  C CE1 . TYR A 1 17  ? -13.723 6.544   -5.718  1.00 31.02 ? 14  TYR A CE1 1 
ATOM   119  C CE2 . TYR A 1 17  ? -12.226 7.055   -3.902  1.00 32.31 ? 14  TYR A CE2 1 
ATOM   120  C CZ  . TYR A 1 17  ? -13.021 7.472   -4.954  1.00 33.12 ? 14  TYR A CZ  1 
ATOM   121  O OH  . TYR A 1 17  ? -13.119 8.827   -5.235  1.00 35.56 ? 14  TYR A OH  1 
ATOM   122  N N   . LEU A 1 18  ? -10.095 1.036   -4.066  1.00 14.16 ? 15  LEU A N   1 
ATOM   123  C CA  . LEU A 1 18  ? -9.651  -0.228  -3.479  1.00 14.29 ? 15  LEU A CA  1 
ATOM   124  C C   . LEU A 1 18  ? -9.443  -0.008  -1.983  1.00 14.32 ? 15  LEU A C   1 
ATOM   125  O O   . LEU A 1 18  ? -8.636  0.839   -1.571  1.00 14.32 ? 15  LEU A O   1 
ATOM   126  C CB  . LEU A 1 18  ? -8.315  -0.644  -4.117  1.00 14.55 ? 15  LEU A CB  1 
ATOM   127  C CG  . LEU A 1 18  ? -7.625  -1.799  -3.411  1.00 17.38 ? 15  LEU A CG  1 
ATOM   128  C CD1 . LEU A 1 18  ? -8.398  -3.084  -3.602  1.00 21.16 ? 15  LEU A CD1 1 
ATOM   129  C CD2 . LEU A 1 18  ? -6.249  -2.005  -4.014  1.00 18.15 ? 15  LEU A CD2 1 
ATOM   130  N N   . THR A 1 19  ? -10.200 -0.740  -1.155  1.00 13.02 ? 16  THR A N   1 
ATOM   131  C CA  . THR A 1 19  ? -10.045 -0.632  0.282   1.00 14.03 ? 16  THR A CA  1 
ATOM   132  C C   . THR A 1 19  ? -9.421  -1.908  0.803   1.00 13.82 ? 16  THR A C   1 
ATOM   133  O O   . THR A 1 19  ? -9.834  -3.006  0.413   1.00 14.93 ? 16  THR A O   1 
ATOM   134  C CB  . THR A 1 19  ? -11.407 -0.413  0.960   1.00 14.72 ? 16  THR A CB  1 
ATOM   135  O OG1 . THR A 1 19  ? -11.980 0.786   0.430   1.00 16.26 ? 16  THR A OG1 1 
ATOM   136  C CG2 . THR A 1 19  ? -11.254 -0.270  2.463   1.00 15.11 ? 16  THR A CG2 1 
ATOM   137  N N   . VAL A 1 20  ? -8.437  -1.765  1.687   1.00 12.95 ? 17  VAL A N   1 
ATOM   138  C CA  A VAL A 1 20  ? -7.793  -2.931  2.280   0.50 14.19 ? 17  VAL A CA  1 
ATOM   139  C CA  B VAL A 1 20  ? -7.735  -2.914  2.284   0.50 13.30 ? 17  VAL A CA  1 
ATOM   140  C C   . VAL A 1 20  ? -7.810  -2.754  3.782   1.00 14.03 ? 17  VAL A C   1 
ATOM   141  O O   . VAL A 1 20  ? -7.426  -1.687  4.294   1.00 14.29 ? 17  VAL A O   1 
ATOM   142  C CB  A VAL A 1 20  ? -6.344  -3.085  1.778   0.50 15.39 ? 17  VAL A CB  1 
ATOM   143  C CB  B VAL A 1 20  ? -6.220  -2.950  1.885   0.50 14.13 ? 17  VAL A CB  1 
ATOM   144  C CG1 A VAL A 1 20  ? -6.330  -3.638  0.362   0.50 15.83 ? 17  VAL A CG1 1 
ATOM   145  C CG1 B VAL A 1 20  ? -5.517  -4.206  2.467   0.50 13.25 ? 17  VAL A CG1 1 
ATOM   146  C CG2 A VAL A 1 20  ? -5.663  -1.751  1.827   0.50 17.42 ? 17  VAL A CG2 1 
ATOM   147  C CG2 B VAL A 1 20  ? -6.061  -2.859  0.369   0.50 12.81 ? 17  VAL A CG2 1 
ATOM   148  N N   . GLY A 1 21  ? -8.332  -3.778  4.465   1.00 13.54 ? 18  GLY A N   1 
ATOM   149  C CA  . GLY A 1 21  ? -8.416  -3.766  5.903   1.00 12.93 ? 18  GLY A CA  1 
ATOM   150  C C   . GLY A 1 21  ? -7.686  -4.961  6.501   1.00 13.59 ? 18  GLY A C   1 
ATOM   151  O O   . GLY A 1 21  ? -7.546  -6.019  5.861   1.00 13.15 ? 18  GLY A O   1 
ATOM   152  N N   . GLY A 1 22  ? -7.207  -4.791  7.719   1.00 13.20 ? 19  GLY A N   1 
ATOM   153  C CA  . GLY A 1 22  ? -6.543  -5.903  8.387   1.00 14.62 ? 19  GLY A CA  1 
ATOM   154  C C   . GLY A 1 22  ? -6.215  -5.558  9.804   1.00 14.08 ? 19  GLY A C   1 
ATOM   155  O O   . GLY A 1 22  ? -6.695  -4.563  10.332  1.00 13.90 ? 19  GLY A O   1 
ATOM   156  N N   . VAL A 1 23  ? -5.366  -6.391  10.415  1.00 14.21 ? 20  VAL A N   1 
ATOM   157  C CA  A VAL A 1 23  ? -4.932  -6.211  11.796  0.50 14.18 ? 20  VAL A CA  1 
ATOM   158  C CA  B VAL A 1 23  ? -4.921  -6.155  11.783  0.50 14.31 ? 20  VAL A CA  1 
ATOM   159  C C   . VAL A 1 23  ? -3.399  -6.242  11.822  1.00 13.32 ? 20  VAL A C   1 
ATOM   160  O O   . VAL A 1 23  ? -2.820  -7.182  11.290  1.00 14.25 ? 20  VAL A O   1 
ATOM   161  C CB  A VAL A 1 23  ? -5.464  -7.365  12.705  0.50 14.39 ? 20  VAL A CB  1 
ATOM   162  C CB  B VAL A 1 23  ? -5.572  -7.168  12.772  0.50 14.61 ? 20  VAL A CB  1 
ATOM   163  C CG1 A VAL A 1 23  ? -5.192  -7.048  14.156  0.50 12.64 ? 20  VAL A CG1 1 
ATOM   164  C CG1 B VAL A 1 23  ? -7.047  -6.926  12.858  0.50 15.14 ? 20  VAL A CG1 1 
ATOM   165  C CG2 A VAL A 1 23  ? -6.968  -7.651  12.462  0.50 15.68 ? 20  VAL A CG2 1 
ATOM   166  C CG2 B VAL A 1 23  ? -5.363  -8.569  12.301  0.50 14.39 ? 20  VAL A CG2 1 
ATOM   167  N N   . VAL A 1 24  ? -2.770  -5.232  12.423  1.00 13.43 ? 21  VAL A N   1 
ATOM   168  C CA  . VAL A 1 24  ? -1.323  -5.223  12.574  1.00 13.64 ? 21  VAL A CA  1 
ATOM   169  C C   . VAL A 1 24  ? -0.948  -6.232  13.656  1.00 14.01 ? 21  VAL A C   1 
ATOM   170  O O   . VAL A 1 24  ? -1.599  -6.322  14.699  1.00 14.52 ? 21  VAL A O   1 
ATOM   171  C CB  . VAL A 1 24  ? -0.822  -3.847  12.982  1.00 13.72 ? 21  VAL A CB  1 
ATOM   172  C CG1 . VAL A 1 24  ? 0.714   -3.831  13.019  1.00 15.24 ? 21  VAL A CG1 1 
ATOM   173  C CG2 . VAL A 1 24  ? -1.310  -2.782  12.001  1.00 14.73 ? 21  VAL A CG2 1 
ATOM   174  N N   . ASN A 1 25  ? 0.103   -7.016  13.423  1.00 13.83 ? 22  ASN A N   1 
ATOM   175  C CA  . ASN A 1 25  ? 0.567   -7.936  14.463  1.00 13.92 ? 22  ASN A CA  1 
ATOM   176  C C   . ASN A 1 25  ? 0.926   -7.182  15.754  1.00 14.84 ? 22  ASN A C   1 
ATOM   177  O O   . ASN A 1 25  ? 1.397   -6.058  15.694  1.00 15.45 ? 22  ASN A O   1 
ATOM   178  C CB  . ASN A 1 25  ? 1.814   -8.736  13.996  1.00 12.67 ? 22  ASN A CB  1 
ATOM   179  C CG  . ASN A 1 25  ? 1.552   -9.709  12.853  1.00 16.35 ? 22  ASN A CG  1 
ATOM   180  O OD1 . ASN A 1 25  ? 2.524   -10.297 12.336  1.00 19.83 ? 22  ASN A OD1 1 
ATOM   181  N ND2 . ASN A 1 25  ? 0.312   -9.910  12.449  1.00 15.32 ? 22  ASN A ND2 1 
ATOM   182  N N   . SER A 1 26  ? 0.762   -7.836  16.908  1.00 16.39 ? 23  SER A N   1 
ATOM   183  C CA  . SER A 1 26  ? 1.101   -7.208  18.185  1.00 18.62 ? 23  SER A CA  1 
ATOM   184  C C   . SER A 1 26  ? 2.538   -6.750  18.279  0.50 17.92 ? 23  SER A C   1 
ATOM   185  O O   . SER A 1 26  ? 2.847   -5.755  18.921  0.50 16.40 ? 23  SER A O   1 
ATOM   186  C CB  . SER A 1 26  ? 0.825   -8.186  19.325  1.00 19.33 ? 23  SER A CB  1 
ATOM   187  O OG  . SER A 1 26  ? -0.577  -8.391  19.426  1.00 25.33 ? 23  SER A OG  1 
ATOM   188  N N   . ASN A 1 27  ? 3.416   -7.498  17.643  0.50 17.98 ? 24  ASN A N   1 
ATOM   189  C CA  . ASN A 1 27  ? 4.814   -7.198  17.757  1.00 21.18 ? 24  ASN A CA  1 
ATOM   190  C C   . ASN A 1 27  ? 5.363   -7.010  16.350  1.00 20.81 ? 24  ASN A C   1 
ATOM   191  O O   . ASN A 1 27  ? 5.976   -7.892  15.767  1.00 23.13 ? 24  ASN A O   1 
ATOM   192  C CB  . ASN A 1 27  ? 5.511   -8.286  18.587  1.00 22.28 ? 24  ASN A CB  1 
ATOM   193  C CG  . ASN A 1 27  ? 5.023   -8.308  20.067  1.00 26.53 ? 24  ASN A CG  1 
ATOM   194  O OD1 . ASN A 1 27  ? 5.587   -7.620  20.934  1.00 31.91 ? 24  ASN A OD1 1 
ATOM   195  N ND2 . ASN A 1 27  ? 3.955   -9.057  20.338  1.00 30.41 ? 24  ASN A ND2 1 
ATOM   196  N N   . ALA A 1 28  ? 5.083   -5.840  15.786  1.00 18.95 ? 25  ALA A N   1 
ATOM   197  C CA  . ALA A 1 28  ? 5.384   -5.560  14.374  1.00 17.01 ? 25  ALA A CA  1 
ATOM   198  C C   . ALA A 1 28  ? 6.591   -4.666  14.207  1.00 15.75 ? 25  ALA A C   1 
ATOM   199  O O   . ALA A 1 28  ? 6.762   -3.688  14.947  1.00 16.71 ? 25  ALA A O   1 
ATOM   200  C CB  . ALA A 1 28  ? 4.187   -4.899  13.698  1.00 16.93 ? 25  ALA A CB  1 
ATOM   201  N N   . ASN A 1 29  ? 7.408   -4.975  13.192  1.00 13.74 ? 26  ASN A N   1 
ATOM   202  C CA  . ASN A 1 29  ? 8.362   -3.996  12.682  1.00 13.43 ? 26  ASN A CA  1 
ATOM   203  C C   . ASN A 1 29  ? 7.703   -3.155  11.591  1.00 12.90 ? 26  ASN A C   1 
ATOM   204  O O   . ASN A 1 29  ? 7.805   -1.919  11.579  1.00 13.44 ? 26  ASN A O   1 
ATOM   205  C CB  . ASN A 1 29  ? 9.606   -4.674  12.108  1.00 13.07 ? 26  ASN A CB  1 
ATOM   206  C CG  . ASN A 1 29  ? 10.487  -5.304  13.165  1.00 14.89 ? 26  ASN A CG  1 
ATOM   207  O OD1 . ASN A 1 29  ? 10.622  -4.786  14.268  1.00 15.96 ? 26  ASN A OD1 1 
ATOM   208  N ND2 . ASN A 1 29  ? 11.113  -6.426  12.806  1.00 15.99 ? 26  ASN A ND2 1 
ATOM   209  N N   . ARG A 1 30  ? 7.050   -3.818  10.646  1.00 12.03 ? 27  ARG A N   1 
ATOM   210  C CA  . ARG A 1 30  ? 6.479   -3.112  9.499   1.00 12.47 ? 27  ARG A CA  1 
ATOM   211  C C   . ARG A 1 30  ? 5.541   -4.047  8.752   1.00 11.71 ? 27  ARG A C   1 
ATOM   212  O O   . ARG A 1 30  ? 5.635   -5.280  8.854   1.00 12.75 ? 27  ARG A O   1 
ATOM   213  C CB  . ARG A 1 30  ? 7.595   -2.660  8.544   1.00 12.44 ? 27  ARG A CB  1 
ATOM   214  C CG  . ARG A 1 30  ? 8.363   -3.849  7.907   1.00 12.28 ? 27  ARG A CG  1 
ATOM   215  C CD  . ARG A 1 30  ? 9.335   -3.339  6.871   1.00 14.31 ? 27  ARG A CD  1 
ATOM   216  N NE  . ARG A 1 30  ? 10.135  -4.418  6.294   1.00 12.81 ? 27  ARG A NE  1 
ATOM   217  C CZ  . ARG A 1 30  ? 10.578  -4.431  5.038   1.00 11.23 ? 27  ARG A CZ  1 
ATOM   218  N NH1 . ARG A 1 30  ? 11.343  -5.438  4.637   1.00 12.60 ? 27  ARG A NH1 1 
ATOM   219  N NH2 . ARG A 1 30  ? 10.330  -3.422  4.202   1.00 12.87 ? 27  ARG A NH2 1 
ATOM   220  N N   . PHE A 1 31  ? 4.630   -3.455  7.975   1.00 11.02 ? 28  PHE A N   1 
ATOM   221  C CA  . PHE A 1 31  ? 3.886   -4.232  6.981   1.00 11.10 ? 28  PHE A CA  1 
ATOM   222  C C   . PHE A 1 31  ? 3.657   -3.361  5.745   1.00 10.67 ? 28  PHE A C   1 
ATOM   223  O O   . PHE A 1 31  ? 3.559   -2.139  5.865   1.00 10.99 ? 28  PHE A O   1 
ATOM   224  C CB  . PHE A 1 31  ? 2.552   -4.753  7.548   1.00 11.85 ? 28  PHE A CB  1 
ATOM   225  C CG  . PHE A 1 31  ? 1.487   -3.694  7.629   1.00 12.41 ? 28  PHE A CG  1 
ATOM   226  C CD1 . PHE A 1 31  ? 1.416   -2.860  8.730   1.00 13.86 ? 28  PHE A CD1 1 
ATOM   227  C CD2 . PHE A 1 31  ? 0.578   -3.526  6.567   1.00 12.26 ? 28  PHE A CD2 1 
ATOM   228  C CE1 . PHE A 1 31  ? 0.419   -1.862  8.815   1.00 15.01 ? 28  PHE A CE1 1 
ATOM   229  C CE2 . PHE A 1 31  ? -0.422  -2.533  6.631   1.00 13.69 ? 28  PHE A CE2 1 
ATOM   230  C CZ  . PHE A 1 31  ? -0.496  -1.710  7.737   1.00 12.78 ? 28  PHE A CZ  1 
ATOM   231  N N   . SER A 1 32  ? 3.490   -3.997  4.581   1.00 10.94 ? 29  SER A N   1 
ATOM   232  C CA  . SER A 1 32  ? 3.224   -3.242  3.355   1.00 10.88 ? 29  SER A CA  1 
ATOM   233  C C   . SER A 1 32  ? 1.989   -3.650  2.567   1.00 11.21 ? 29  SER A C   1 
ATOM   234  O O   . SER A 1 32  ? 1.572   -4.808  2.592   1.00 11.76 ? 29  SER A O   1 
ATOM   235  C CB  . SER A 1 32  ? 4.447   -3.226  2.406   1.00 11.78 ? 29  SER A CB  1 
ATOM   236  O OG  . SER A 1 32  ? 4.786   -4.564  2.064   1.00 11.79 ? 29  SER A OG  1 
ATOM   237  N N   . ILE A 1 33  ? 1.427   -2.673  1.861   1.00 11.14 ? 30  ILE A N   1 
ATOM   238  C CA  . ILE A 1 33  ? 0.438   -2.904  0.832   1.00 12.39 ? 30  ILE A CA  1 
ATOM   239  C C   . ILE A 1 33  ? 1.089   -2.689  -0.517  1.00 12.59 ? 30  ILE A C   1 
ATOM   240  O O   . ILE A 1 33  ? 1.847   -1.696  -0.702  1.00 13.24 ? 30  ILE A O   1 
ATOM   241  C CB  . ILE A 1 33  ? -0.744  -1.952  1.005   1.00 12.79 ? 30  ILE A CB  1 
ATOM   242  C CG1 . ILE A 1 33  ? -1.482  -2.298  2.296   1.00 16.90 ? 30  ILE A CG1 1 
ATOM   243  C CG2 . ILE A 1 33  ? -1.713  -2.097  -0.156  1.00 15.15 ? 30  ILE A CG2 1 
ATOM   244  C CD1 . ILE A 1 33  ? -2.515  -1.274  2.671   1.00 21.65 ? 30  ILE A CD1 1 
ATOM   245  N N   . ASN A 1 34  ? 0.832   -3.602  -1.451  1.00 11.66 ? 31  ASN A N   1 
ATOM   246  C CA  . ASN A 1 34  ? 1.595   -3.632  -2.712  1.00 12.28 ? 31  ASN A CA  1 
ATOM   247  C C   . ASN A 1 34  ? 0.615   -3.804  -3.836  1.00 13.08 ? 31  ASN A C   1 
ATOM   248  O O   . ASN A 1 34  ? -0.003  -4.858  -3.910  1.00 15.00 ? 31  ASN A O   1 
ATOM   249  C CB  . ASN A 1 34  ? 2.555   -4.816  -2.697  1.00 12.17 ? 31  ASN A CB  1 
ATOM   250  C CG  . ASN A 1 34  ? 3.549   -4.716  -1.583  1.00 13.14 ? 31  ASN A CG  1 
ATOM   251  O OD1 . ASN A 1 34  ? 4.595   -4.088  -1.749  1.00 14.26 ? 31  ASN A OD1 1 
ATOM   252  N ND2 . ASN A 1 34  ? 3.248   -5.311  -0.442  1.00 11.78 ? 31  ASN A ND2 1 
ATOM   253  N N   . VAL A 1 35  ? 0.477   -2.802  -4.708  1.00 11.96 ? 32  VAL A N   1 
ATOM   254  C CA  . VAL A 1 35  ? -0.486  -2.822  -5.828  1.00 12.15 ? 32  VAL A CA  1 
ATOM   255  C C   . VAL A 1 35  ? 0.288   -2.840  -7.137  1.00 13.01 ? 32  VAL A C   1 
ATOM   256  O O   . VAL A 1 35  ? 1.283   -2.121  -7.258  1.00 12.48 ? 32  VAL A O   1 
ATOM   257  C CB  . VAL A 1 35  ? -1.380  -1.553  -5.790  1.00 12.88 ? 32  VAL A CB  1 
ATOM   258  C CG1 . VAL A 1 35  ? -2.334  -1.532  -7.005  1.00 13.59 ? 32  VAL A CG1 1 
ATOM   259  C CG2 . VAL A 1 35  ? -2.160  -1.492  -4.464  1.00 14.13 ? 32  VAL A CG2 1 
ATOM   260  N N   . GLY A 1 36  ? -0.141  -3.625  -8.113  1.00 12.39 ? 33  GLY A N   1 
ATOM   261  C CA  . GLY A 1 36  ? 0.615   -3.609  -9.357  1.00 14.42 ? 33  GLY A CA  1 
ATOM   262  C C   . GLY A 1 36  ? -0.087  -4.299  -10.498 1.00 16.97 ? 33  GLY A C   1 
ATOM   263  O O   . GLY A 1 36  ? -1.266  -4.693  -10.400 1.00 15.01 ? 33  GLY A O   1 
ATOM   264  N N   . GLU A 1 37  ? 0.627   -4.425  -11.600 1.00 18.27 ? 34  GLU A N   1 
ATOM   265  C CA  . GLU A 1 37  ? -0.004  -4.917  -12.828 1.00 20.58 ? 34  GLU A CA  1 
ATOM   266  C C   . GLU A 1 37  ? 0.860   -5.859  -13.656 1.00 21.64 ? 34  GLU A C   1 
ATOM   267  O O   . GLU A 1 37  ? 0.403   -6.398  -14.681 1.00 21.92 ? 34  GLU A O   1 
ATOM   268  C CB  . GLU A 1 37  ? -0.597  -3.766  -13.680 1.00 21.73 ? 34  GLU A CB  1 
ATOM   269  C CG  . GLU A 1 37  ? 0.425   -2.777  -14.248 1.00 25.16 ? 34  GLU A CG  1 
ATOM   270  C CD  . GLU A 1 37  ? 0.993   -3.231  -15.585 1.00 29.43 ? 34  GLU A CD  1 
ATOM   271  O OE1 . GLU A 1 37  ? 0.217   -3.431  -16.561 1.00 32.23 ? 34  GLU A OE1 1 
ATOM   272  O OE2 . GLU A 1 37  ? 2.214   -3.382  -15.655 1.00 29.95 ? 34  GLU A OE2 1 
ATOM   273  N N   . SER A 1 38  ? 2.087   -6.090  -13.202 1.00 22.25 ? 35  SER A N   1 
ATOM   274  C CA  . SER A 1 38  ? 2.935   -7.087  -13.863 1.00 24.78 ? 35  SER A CA  1 
ATOM   275  C C   . SER A 1 38  ? 3.811   -7.821  -12.863 1.00 25.44 ? 35  SER A C   1 
ATOM   276  O O   . SER A 1 38  ? 4.093   -7.306  -11.775 1.00 25.13 ? 35  SER A O   1 
ATOM   277  C CB  . SER A 1 38  ? 3.731   -6.486  -15.028 1.00 25.26 ? 35  SER A CB  1 
ATOM   278  O OG  . SER A 1 38  ? 4.682   -5.563  -14.562 1.00 29.90 ? 35  SER A OG  1 
ATOM   279  N N   . THR A 1 39  ? 4.248   -9.025  -13.229 1.00 26.66 ? 36  THR A N   1 
ATOM   280  C CA  . THR A 1 39  ? 4.824   -9.963  -12.257 1.00 28.81 ? 36  THR A CA  1 
ATOM   281  C C   . THR A 1 39  ? 6.091   -9.558  -11.475 1.00 28.92 ? 36  THR A C   1 
ATOM   282  O O   . THR A 1 39  ? 6.225   -9.910  -10.305 1.00 30.79 ? 36  THR A O   1 
ATOM   283  C CB  . THR A 1 39  ? 5.011   -11.378 -12.864 1.00 29.41 ? 36  THR A CB  1 
ATOM   284  O OG1 . THR A 1 39  ? 5.912   -11.305 -13.971 1.00 32.29 ? 36  THR A OG1 1 
ATOM   285  C CG2 . THR A 1 39  ? 3.683   -11.926 -13.327 1.00 30.59 ? 36  THR A CG2 1 
ATOM   286  N N   . ASP A 1 40  ? 7.028   -8.838  -12.068 1.00 28.12 ? 37  ASP A N   1 
ATOM   287  C CA  . ASP A 1 40  ? 8.202   -8.485  -11.247 1.00 26.70 ? 37  ASP A CA  1 
ATOM   288  C C   . ASP A 1 40  ? 8.254   -7.000  -10.867 1.00 24.42 ? 37  ASP A C   1 
ATOM   289  O O   . ASP A 1 40  ? 9.317   -6.420  -10.621 1.00 23.95 ? 37  ASP A O   1 
ATOM   290  C CB  . ASP A 1 40  ? 9.484   -8.993  -11.901 1.00 28.44 ? 37  ASP A CB  1 
ATOM   291  C CG  . ASP A 1 40  ? 9.523   -10.514 -11.966 1.00 31.09 ? 37  ASP A CG  1 
ATOM   292  O OD1 . ASP A 1 40  ? 9.631   -11.040 -13.094 1.00 36.35 ? 37  ASP A OD1 1 
ATOM   293  O OD2 . ASP A 1 40  ? 9.418   -11.172 -10.899 1.00 33.30 ? 37  ASP A OD2 1 
ATOM   294  N N   . SER A 1 41  ? 7.068   -6.403  -10.793 1.00 21.70 ? 38  SER A N   1 
ATOM   295  C CA  A SER A 1 41  ? 6.941   -4.975  -10.554 0.50 20.05 ? 38  SER A CA  1 
ATOM   296  C CA  B SER A 1 41  ? 6.980   -4.993  -10.515 0.50 19.81 ? 38  SER A CA  1 
ATOM   297  C C   . SER A 1 41  ? 5.880   -4.715  -9.505  1.00 19.12 ? 38  SER A C   1 
ATOM   298  O O   . SER A 1 41  ? 5.002   -5.537  -9.297  1.00 18.98 ? 38  SER A O   1 
ATOM   299  C CB  A SER A 1 41  ? 6.600   -4.216  -11.842 0.50 20.14 ? 38  SER A CB  1 
ATOM   300  C CB  B SER A 1 41  ? 6.787   -4.213  -11.812 0.50 19.89 ? 38  SER A CB  1 
ATOM   301  O OG  A SER A 1 41  ? 5.305   -4.536  -12.332 0.50 20.64 ? 38  SER A OG  1 
ATOM   302  O OG  B SER A 1 41  ? 7.813   -4.571  -12.738 0.50 18.89 ? 38  SER A OG  1 
ATOM   303  N N   . ILE A 1 42  ? 5.988   -3.573  -8.843  1.00 16.19 ? 39  ILE A N   1 
ATOM   304  C CA  . ILE A 1 42  ? 5.002   -3.112  -7.878  1.00 14.67 ? 39  ILE A CA  1 
ATOM   305  C C   . ILE A 1 42  ? 4.851   -1.629  -8.185  1.00 13.38 ? 39  ILE A C   1 
ATOM   306  O O   . ILE A 1 42  ? 5.812   -0.857  -8.082  1.00 12.53 ? 39  ILE A O   1 
ATOM   307  C CB  . ILE A 1 42  ? 5.522   -3.238  -6.433  1.00 12.43 ? 39  ILE A CB  1 
ATOM   308  C CG1 . ILE A 1 42  ? 5.849   -4.699  -6.088  1.00 15.49 ? 39  ILE A CG1 1 
ATOM   309  C CG2 . ILE A 1 42  ? 4.461   -2.675  -5.456  1.00 13.20 ? 39  ILE A CG2 1 
ATOM   310  C CD1 . ILE A 1 42  ? 6.658   -4.864  -4.793  1.00 15.65 ? 39  ILE A CD1 1 
ATOM   311  N N   . ALA A 1 43  ? 3.656   -1.224  -8.583  1.00 12.20 ? 40  ALA A N   1 
ATOM   312  C CA  . ALA A 1 43  ? 3.406   0.169   -8.946  1.00 11.38 ? 40  ALA A CA  1 
ATOM   313  C C   . ALA A 1 43  ? 3.384   1.065   -7.712  1.00 10.87 ? 40  ALA A C   1 
ATOM   314  O O   . ALA A 1 43  ? 3.824   2.229   -7.738  1.00 11.54 ? 40  ALA A O   1 
ATOM   315  C CB  . ALA A 1 43  ? 2.066   0.289   -9.739  1.00 11.97 ? 40  ALA A CB  1 
ATOM   316  N N   . LEU A 1 44  ? 2.814   0.519   -6.636  1.00 10.96 ? 41  LEU A N   1 
ATOM   317  C CA  . LEU A 1 44  ? 2.658   1.269   -5.410  1.00 10.88 ? 41  LEU A CA  1 
ATOM   318  C C   . LEU A 1 44  ? 2.936   0.334   -4.253  1.00 10.88 ? 41  LEU A C   1 
ATOM   319  O O   . LEU A 1 44  ? 2.214   -0.654  -4.033  1.00 11.43 ? 41  LEU A O   1 
ATOM   320  C CB  . LEU A 1 44  ? 1.229   1.830   -5.330  1.00 10.37 ? 41  LEU A CB  1 
ATOM   321  C CG  . LEU A 1 44  ? 0.941   2.537   -4.012  1.00 11.39 ? 41  LEU A CG  1 
ATOM   322  C CD1 . LEU A 1 44  ? 1.840   3.778   -3.761  1.00 13.00 ? 41  LEU A CD1 1 
ATOM   323  C CD2 . LEU A 1 44  ? -0.508  2.940   -3.925  1.00 13.53 ? 41  LEU A CD2 1 
ATOM   324  N N   . HIS A 1 45  ? 4.025   0.623   -3.529  1.00 10.26 ? 42  HIS A N   1 
ATOM   325  C CA  . HIS A 1 45  ? 4.432   -0.060  -2.306  1.00 10.45 ? 42  HIS A CA  1 
ATOM   326  C C   . HIS A 1 45  ? 4.297   0.927   -1.182  1.00 10.53 ? 42  HIS A C   1 
ATOM   327  O O   . HIS A 1 45  ? 4.894   2.002   -1.219  1.00 10.74 ? 42  HIS A O   1 
ATOM   328  C CB  . HIS A 1 45  ? 5.897   -0.485  -2.455  1.00 11.38 ? 42  HIS A CB  1 
ATOM   329  C CG  . HIS A 1 45  ? 6.552   -0.967  -1.190  1.00 11.22 ? 42  HIS A CG  1 
ATOM   330  N ND1 . HIS A 1 45  ? 6.310   -2.204  -0.616  1.00 10.90 ? 42  HIS A ND1 1 
ATOM   331  C CD2 . HIS A 1 45  ? 7.559   -0.409  -0.456  1.00 10.87 ? 42  HIS A CD2 1 
ATOM   332  C CE1 . HIS A 1 45  ? 7.120   -2.371  0.423   1.00 12.19 ? 42  HIS A CE1 1 
ATOM   333  N NE2 . HIS A 1 45  ? 7.875   -1.291  0.551   1.00 12.10 ? 42  HIS A NE2 1 
ATOM   334  N N   . ILE A 1 46  ? 3.484   0.584   -0.184  1.00 10.97 ? 43  ILE A N   1 
ATOM   335  C CA  . ILE A 1 46  ? 3.267   1.463   0.967   1.00 11.36 ? 43  ILE A CA  1 
ATOM   336  C C   . ILE A 1 46  ? 3.761   0.691   2.163   1.00 11.28 ? 43  ILE A C   1 
ATOM   337  O O   . ILE A 1 46  ? 3.111   -0.268  2.575   1.00 11.58 ? 43  ILE A O   1 
ATOM   338  C CB  . ILE A 1 46  ? 1.760   1.764   1.162   1.00 11.91 ? 43  ILE A CB  1 
ATOM   339  C CG1 . ILE A 1 46  ? 1.084   2.179   -0.160  1.00 12.06 ? 43  ILE A CG1 1 
ATOM   340  C CG2 . ILE A 1 46  ? 1.597   2.842   2.231   1.00 12.77 ? 43  ILE A CG2 1 
ATOM   341  C CD1 . ILE A 1 46  ? -0.456  2.127   -0.073  1.00 13.84 ? 43  ILE A CD1 1 
ATOM   342  N N   . ASP A 1 47  ? 4.913   1.075   2.701   1.00 10.60 ? 44  ASP A N   1 
ATOM   343  C CA  . ASP A 1 47  ? 5.543   0.331   3.797   1.00 11.29 ? 44  ASP A CA  1 
ATOM   344  C C   . ASP A 1 47  ? 5.296   1.085   5.085   1.00 11.77 ? 44  ASP A C   1 
ATOM   345  O O   . ASP A 1 47  ? 5.803   2.199   5.265   1.00 12.56 ? 44  ASP A O   1 
ATOM   346  C CB  . ASP A 1 47  ? 7.057   0.170   3.545   1.00 11.56 ? 44  ASP A CB  1 
ATOM   347  C CG  . ASP A 1 47  ? 7.642   -1.051  4.224   1.00 12.82 ? 44  ASP A CG  1 
ATOM   348  O OD1 . ASP A 1 47  ? 6.884   -2.006  4.514   1.00 12.44 ? 44  ASP A OD1 1 
ATOM   349  O OD2 . ASP A 1 47  ? 8.860   -1.047  4.471   1.00 13.30 ? 44  ASP A OD2 1 
ATOM   350  N N   . HIS A 1 48  ? 4.538   0.476   5.991   1.00 12.15 ? 45  HIS A N   1 
ATOM   351  C CA  . HIS A 1 48  ? 4.190   1.112   7.223   1.00 12.40 ? 45  HIS A CA  1 
ATOM   352  C C   . HIS A 1 48  ? 5.211   0.673   8.263   1.00 12.81 ? 45  HIS A C   1 
ATOM   353  O O   . HIS A 1 48  ? 5.114   -0.437  8.797   1.00 12.76 ? 45  HIS A O   1 
ATOM   354  C CB  . HIS A 1 48  ? 2.776   0.683   7.616   1.00 12.85 ? 45  HIS A CB  1 
ATOM   355  C CG  . HIS A 1 48  ? 1.768   0.921   6.535   1.00 13.02 ? 45  HIS A CG  1 
ATOM   356  N ND1 . HIS A 1 48  ? 1.529   0.020   5.525   1.00 13.14 ? 45  HIS A ND1 1 
ATOM   357  C CD2 . HIS A 1 48  ? 0.934   1.964   6.311   1.00 16.46 ? 45  HIS A CD2 1 
ATOM   358  C CE1 . HIS A 1 48  ? 0.594   0.493   4.717   1.00 15.11 ? 45  HIS A CE1 1 
ATOM   359  N NE2 . HIS A 1 48  ? 0.212   1.674   5.179   1.00 16.76 ? 45  HIS A NE2 1 
ATOM   360  N N   . ARG A 1 49  ? 6.214   1.520   8.520   1.00 12.94 ? 46  ARG A N   1 
ATOM   361  C CA  . ARG A 1 49  ? 7.341   1.148   9.388   1.00 12.67 ? 46  ARG A CA  1 
ATOM   362  C C   . ARG A 1 49  ? 7.171   1.631   10.809  1.00 13.43 ? 46  ARG A C   1 
ATOM   363  O O   . ARG A 1 49  ? 7.403   2.808   11.104  1.00 14.74 ? 46  ARG A O   1 
ATOM   364  C CB  . ARG A 1 49  ? 8.669   1.672   8.807   1.00 12.55 ? 46  ARG A CB  1 
ATOM   365  C CG  . ARG A 1 49  ? 8.907   1.110   7.435   1.00 11.68 ? 46  ARG A CG  1 
ATOM   366  C CD  . ARG A 1 49  ? 10.239  1.577   6.869   1.00 13.42 ? 46  ARG A CD  1 
ATOM   367  N NE  . ARG A 1 49  ? 10.438  0.934   5.580   1.00 12.09 ? 46  ARG A NE  1 
ATOM   368  C CZ  . ARG A 1 49  ? 11.515  1.058   4.822   1.00 12.61 ? 46  ARG A CZ  1 
ATOM   369  N NH1 . ARG A 1 49  ? 11.568  0.410   3.664   1.00 11.78 ? 46  ARG A NH1 1 
ATOM   370  N NH2 . ARG A 1 49  ? 12.525  1.835   5.198   1.00 12.84 ? 46  ARG A NH2 1 
ATOM   371  N N   . PHE A 1 50  ? 6.766   0.728   11.696  1.00 14.03 ? 47  PHE A N   1 
ATOM   372  C CA  . PHE A 1 50  ? 6.816   1.028   13.127  1.00 14.15 ? 47  PHE A CA  1 
ATOM   373  C C   . PHE A 1 50  ? 8.260   1.220   13.535  1.00 14.14 ? 47  PHE A C   1 
ATOM   374  O O   . PHE A 1 50  ? 8.636   2.215   14.161  1.00 14.93 ? 47  PHE A O   1 
ATOM   375  C CB  . PHE A 1 50  ? 6.150   -0.098  13.929  1.00 14.04 ? 47  PHE A CB  1 
ATOM   376  C CG  . PHE A 1 50  ? 4.690   -0.267  13.596  1.00 14.93 ? 47  PHE A CG  1 
ATOM   377  C CD1 . PHE A 1 50  ? 4.301   -0.985  12.466  1.00 17.73 ? 47  PHE A CD1 1 
ATOM   378  C CD2 . PHE A 1 50  ? 3.707   0.377   14.351  1.00 19.65 ? 47  PHE A CD2 1 
ATOM   379  C CE1 . PHE A 1 50  ? 2.963   -1.112  12.123  1.00 18.53 ? 47  PHE A CE1 1 
ATOM   380  C CE2 . PHE A 1 50  ? 2.348   0.242   13.989  1.00 16.74 ? 47  PHE A CE2 1 
ATOM   381  C CZ  . PHE A 1 50  ? 1.998   -0.470  12.887  1.00 18.83 ? 47  PHE A CZ  1 
ATOM   382  N N   . SER A 1 51  ? 9.089   0.240   13.179  1.00 13.76 ? 48  SER A N   1 
ATOM   383  C CA  . SER A 1 51  ? 10.528  0.340   13.382  1.00 14.32 ? 48  SER A CA  1 
ATOM   384  C C   . SER A 1 51  ? 11.212  -0.571  12.405  1.00 14.20 ? 48  SER A C   1 
ATOM   385  O O   . SER A 1 51  ? 11.023  -1.792  12.438  1.00 14.88 ? 48  SER A O   1 
ATOM   386  C CB  . SER A 1 51  ? 10.874  -0.078  14.800  1.00 14.54 ? 48  SER A CB  1 
ATOM   387  O OG  . SER A 1 51  ? 12.237  0.182   15.057  1.00 17.27 ? 48  SER A OG  1 
ATOM   388  N N   . TYR A 1 52  ? 11.970  0.036   11.505  1.00 14.34 ? 49  TYR A N   1 
ATOM   389  C CA  . TYR A 1 52  ? 12.703  -0.721  10.514  1.00 13.73 ? 49  TYR A CA  1 
ATOM   390  C C   . TYR A 1 52  ? 13.802  0.175   9.986   1.00 15.14 ? 49  TYR A C   1 
ATOM   391  O O   . TYR A 1 52  ? 13.550  1.314   9.594   1.00 15.30 ? 49  TYR A O   1 
ATOM   392  C CB  . TYR A 1 52  ? 11.780  -1.187  9.357   1.00 12.42 ? 49  TYR A CB  1 
ATOM   393  C CG  . TYR A 1 52  ? 12.522  -1.902  8.242   1.00 11.40 ? 49  TYR A CG  1 
ATOM   394  C CD1 . TYR A 1 52  ? 12.777  -3.278  8.312   1.00 11.77 ? 49  TYR A CD1 1 
ATOM   395  C CD2 . TYR A 1 52  ? 12.995  -1.185  7.156   1.00 12.16 ? 49  TYR A CD2 1 
ATOM   396  C CE1 . TYR A 1 52  ? 13.486  -3.919  7.295   1.00 12.44 ? 49  TYR A CE1 1 
ATOM   397  C CE2 . TYR A 1 52  ? 13.709  -1.797  6.148   1.00 13.28 ? 49  TYR A CE2 1 
ATOM   398  C CZ  . TYR A 1 52  ? 13.927  -3.174  6.222   1.00 11.59 ? 49  TYR A CZ  1 
ATOM   399  O OH  . TYR A 1 52  ? 14.666  -3.761  5.211   1.00 12.42 ? 49  TYR A OH  1 
ATOM   400  N N   . GLY A 1 53  ? 15.021  -0.339  9.938   1.00 16.45 ? 50  GLY A N   1 
ATOM   401  C CA  . GLY A 1 53  ? 16.125  0.497   9.425   1.00 18.94 ? 50  GLY A CA  1 
ATOM   402  C C   . GLY A 1 53  ? 16.278  1.748   10.271  1.00 20.39 ? 50  GLY A C   1 
ATOM   403  O O   . GLY A 1 53  ? 16.217  1.680   11.486  1.00 22.00 ? 50  GLY A O   1 
ATOM   404  N N   . ALA A 1 54  ? 16.407  2.903   9.626   1.00 20.84 ? 51  ALA A N   1 
ATOM   405  C CA  . ALA A 1 54  ? 16.526  4.169   10.370  1.00 20.98 ? 51  ALA A CA  1 
ATOM   406  C C   . ALA A 1 54  ? 15.174  4.855   10.596  1.00 21.14 ? 51  ALA A C   1 
ATOM   407  O O   . ALA A 1 54  ? 15.105  6.000   11.073  1.00 21.51 ? 51  ALA A O   1 
ATOM   408  C CB  . ALA A 1 54  ? 17.527  5.113   9.680   1.00 21.52 ? 51  ALA A CB  1 
ATOM   409  N N   . ASP A 1 55  ? 14.101  4.131   10.274  1.00 18.32 ? 52  ASP A N   1 
ATOM   410  C CA  . ASP A 1 55  ? 12.752  4.677   10.304  1.00 17.38 ? 52  ASP A CA  1 
ATOM   411  C C   . ASP A 1 55  ? 11.975  4.219   11.519  1.00 17.32 ? 52  ASP A C   1 
ATOM   412  O O   . ASP A 1 55  ? 11.891  3.014   11.798  1.00 17.95 ? 52  ASP A O   1 
ATOM   413  C CB  . ASP A 1 55  ? 11.968  4.260   9.051   1.00 16.33 ? 52  ASP A CB  1 
ATOM   414  C CG  . ASP A 1 55  ? 12.537  4.873   7.784   1.00 17.37 ? 52  ASP A CG  1 
ATOM   415  O OD1 . ASP A 1 55  ? 12.618  6.122   7.714   1.00 17.43 ? 52  ASP A OD1 1 
ATOM   416  O OD2 . ASP A 1 55  ? 12.945  4.123   6.857   1.00 16.72 ? 52  ASP A OD2 1 
ATOM   417  N N   . GLN A 1 56  ? 11.384  5.182   12.214  1.00 17.08 ? 53  GLN A N   1 
ATOM   418  C CA  A GLN A 1 56  ? 10.428  4.890   13.275  0.50 18.01 ? 53  GLN A CA  1 
ATOM   419  C CA  B GLN A 1 56  ? 10.452  4.928   13.306  0.50 17.96 ? 53  GLN A CA  1 
ATOM   420  C C   . GLN A 1 56  ? 9.136   5.619   12.953  1.00 17.28 ? 53  GLN A C   1 
ATOM   421  O O   . GLN A 1 56  ? 9.145   6.815   12.593  1.00 17.75 ? 53  GLN A O   1 
ATOM   422  C CB  A GLN A 1 56  ? 10.963  5.306   14.647  0.50 18.74 ? 53  GLN A CB  1 
ATOM   423  C CB  B GLN A 1 56  ? 11.008  5.498   14.616  0.50 18.55 ? 53  GLN A CB  1 
ATOM   424  C CG  A GLN A 1 56  ? 11.891  4.286   15.297  0.50 21.92 ? 53  GLN A CG  1 
ATOM   425  C CG  B GLN A 1 56  ? 12.320  4.870   15.091  0.50 21.65 ? 53  GLN A CG  1 
ATOM   426  C CD  A GLN A 1 56  ? 12.464  4.789   16.613  0.50 25.66 ? 53  GLN A CD  1 
ATOM   427  C CD  B GLN A 1 56  ? 13.558  5.389   14.372  0.50 23.86 ? 53  GLN A CD  1 
ATOM   428  O OE1 A GLN A 1 56  ? 11.725  5.244   17.493  0.50 29.77 ? 53  GLN A OE1 1 
ATOM   429  O OE1 B GLN A 1 56  ? 13.673  6.583   14.060  0.50 26.99 ? 53  GLN A OE1 1 
ATOM   430  N NE2 A GLN A 1 56  ? 13.786  4.727   16.751  0.50 26.97 ? 53  GLN A NE2 1 
ATOM   431  N NE2 B GLN A 1 56  ? 14.502  4.494   14.125  0.50 26.50 ? 53  GLN A NE2 1 
ATOM   432  N N   . ASN A 1 57  ? 8.029   4.884   13.048  1.00 16.30 ? 54  ASN A N   1 
ATOM   433  C CA  . ASN A 1 57  ? 6.697   5.424   12.779  1.00 17.01 ? 54  ASN A CA  1 
ATOM   434  C C   . ASN A 1 57  ? 6.689   6.292   11.528  1.00 16.56 ? 54  ASN A C   1 
ATOM   435  O O   . ASN A 1 57  ? 6.284   7.452   11.538  1.00 16.93 ? 54  ASN A O   1 
ATOM   436  C CB  . ASN A 1 57  ? 6.160   6.176   14.009  1.00 16.96 ? 54  ASN A CB  1 
ATOM   437  C CG  . ASN A 1 57  ? 6.162   5.309   15.251  1.00 19.45 ? 54  ASN A CG  1 
ATOM   438  O OD1 . ASN A 1 57  ? 5.781   4.150   15.209  1.00 21.41 ? 54  ASN A OD1 1 
ATOM   439  N ND2 . ASN A 1 57  ? 6.625   5.865   16.356  1.00 24.07 ? 54  ASN A ND2 1 
ATOM   440  N N   . THR A 1 58  ? 7.117   5.688   10.425  1.00 16.09 ? 55  THR A N   1 
ATOM   441  C CA  . THR A 1 58  ? 7.208   6.411   9.158   1.00 15.66 ? 55  THR A CA  1 
ATOM   442  C C   . THR A 1 58  ? 6.608   5.552   8.057   1.00 14.60 ? 55  THR A C   1 
ATOM   443  O O   . THR A 1 58  ? 6.813   4.337   8.037   1.00 15.06 ? 55  THR A O   1 
ATOM   444  C CB  . THR A 1 58  ? 8.685   6.699   8.811   1.00 16.09 ? 55  THR A CB  1 
ATOM   445  O OG1 . THR A 1 58  ? 9.278   7.496   9.847   1.00 16.72 ? 55  THR A OG1 1 
ATOM   446  C CG2 . THR A 1 58  ? 8.820   7.454   7.501   1.00 16.21 ? 55  THR A CG2 1 
ATOM   447  N N   . ILE A 1 59  ? 5.891   6.173   7.136   1.00 13.60 ? 56  ILE A N   1 
ATOM   448  C CA  . ILE A 1 59  ? 5.466   5.449   5.942   1.00 13.24 ? 56  ILE A CA  1 
ATOM   449  C C   . ILE A 1 59  ? 6.533   5.690   4.905   1.00 12.83 ? 56  ILE A C   1 
ATOM   450  O O   . ILE A 1 59  ? 6.871   6.843   4.602   1.00 14.30 ? 56  ILE A O   1 
ATOM   451  C CB  . ILE A 1 59  ? 4.090   5.909   5.382   1.00 12.76 ? 56  ILE A CB  1 
ATOM   452  C CG1 . ILE A 1 59  ? 3.034   5.812   6.482   1.00 15.67 ? 56  ILE A CG1 1 
ATOM   453  C CG2 . ILE A 1 59  ? 3.674   5.043   4.162   1.00 14.05 ? 56  ILE A CG2 1 
ATOM   454  C CD1 . ILE A 1 59  ? 1.649   6.235   6.002   1.00 16.37 ? 56  ILE A CD1 1 
ATOM   455  N N   . VAL A 1 60  ? 7.051   4.602   4.331   1.00 12.72 ? 57  VAL A N   1 
ATOM   456  C CA  . VAL A 1 60  ? 7.967   4.698   3.195   1.00 12.71 ? 57  VAL A CA  1 
ATOM   457  C C   . VAL A 1 60  ? 7.231   4.202   1.971   1.00 13.56 ? 57  VAL A C   1 
ATOM   458  O O   . VAL A 1 60  ? 6.727   3.073   1.961   1.00 13.20 ? 57  VAL A O   1 
ATOM   459  C CB  . VAL A 1 60  ? 9.236   3.876   3.458   1.00 12.23 ? 57  VAL A CB  1 
ATOM   460  C CG1 . VAL A 1 60  ? 10.115  3.863   2.205   1.00 14.32 ? 57  VAL A CG1 1 
ATOM   461  C CG2 . VAL A 1 60  ? 9.968   4.470   4.679   1.00 13.00 ? 57  VAL A CG2 1 
ATOM   462  N N   . LEU A 1 61  ? 7.151   5.049   0.958   1.00 13.03 ? 58  LEU A N   1 
ATOM   463  C CA  . LEU A 1 61  ? 6.483   4.736   -0.292  1.00 12.30 ? 58  LEU A CA  1 
ATOM   464  C C   . LEU A 1 61  ? 7.519   4.551   -1.392  1.00 13.07 ? 58  LEU A C   1 
ATOM   465  O O   . LEU A 1 61  ? 8.517   5.286   -1.491  1.00 13.01 ? 58  LEU A O   1 
ATOM   466  C CB  . LEU A 1 61  ? 5.461   5.814   -0.692  1.00 13.88 ? 58  LEU A CB  1 
ATOM   467  C CG  . LEU A 1 61  ? 4.402   6.027   0.392   1.00 14.82 ? 58  LEU A CG  1 
ATOM   468  C CD1 . LEU A 1 61  ? 4.773   7.204   1.330   1.00 15.95 ? 58  LEU A CD1 1 
ATOM   469  C CD2 . LEU A 1 61  ? 3.053   6.229   -0.254  1.00 16.67 ? 58  LEU A CD2 1 
ATOM   470  N N   . ASN A 1 62  ? 7.289   3.575   -2.244  1.00 11.68 ? 59  ASN A N   1 
ATOM   471  C CA  . ASN A 1 62  ? 8.159   3.358   -3.377  1.00 12.07 ? 59  ASN A CA  1 
ATOM   472  C C   . ASN A 1 62  ? 7.432   2.544   -4.449  1.00 12.18 ? 59  ASN A C   1 
ATOM   473  O O   . ASN A 1 62  ? 6.256   2.187   -4.334  1.00 12.51 ? 59  ASN A O   1 
ATOM   474  C CB  . ASN A 1 62  ? 9.458   2.706   -2.902  1.00 11.91 ? 59  ASN A CB  1 
ATOM   475  C CG  . ASN A 1 62  ? 10.662  3.025   -3.807  1.00 12.58 ? 59  ASN A CG  1 
ATOM   476  O OD1 . ASN A 1 62  ? 10.526  3.636   -4.869  1.00 13.10 ? 59  ASN A OD1 1 
ATOM   477  N ND2 . ASN A 1 62  ? 11.858  2.619   -3.353  1.00 14.39 ? 59  ASN A ND2 1 
ATOM   478  N N   . SER A 1 63  ? 8.127   2.287   -5.542  1.00 12.06 ? 60  SER A N   1 
ATOM   479  C CA  . SER A 1 63  ? 7.717   1.409   -6.605  1.00 11.55 ? 60  SER A CA  1 
ATOM   480  C C   . SER A 1 63  ? 8.884   0.505   -6.958  1.00 12.82 ? 60  SER A C   1 
ATOM   481  O O   . SER A 1 63  ? 10.038  0.815   -6.627  1.00 13.55 ? 60  SER A O   1 
ATOM   482  C CB  . SER A 1 63  ? 7.307   2.216   -7.840  1.00 11.69 ? 60  SER A CB  1 
ATOM   483  O OG  . SER A 1 63  ? 8.334   3.174   -8.172  1.00 11.62 ? 60  SER A OG  1 
ATOM   484  N N   . MET A 1 64  ? 8.577   -0.607  -7.602  1.00 12.53 ? 61  MET A N   1 
ATOM   485  C CA  . MET A 1 64  ? 9.586   -1.587  -8.015  1.00 14.00 ? 61  MET A CA  1 
ATOM   486  C C   . MET A 1 64  ? 9.390   -1.920  -9.484  1.00 15.02 ? 61  MET A C   1 
ATOM   487  O O   . MET A 1 64  ? 8.296   -2.279  -9.913  1.00 15.17 ? 61  MET A O   1 
ATOM   488  C CB  . MET A 1 64  ? 9.458   -2.859  -7.158  1.00 13.95 ? 61  MET A CB  1 
ATOM   489  C CG  . MET A 1 64  ? 10.081  -4.103  -7.819  1.00 16.47 ? 61  MET A CG  1 
ATOM   490  S SD  . MET A 1 64  ? 9.886   -5.594  -6.806  1.00 21.23 ? 61  MET A SD  1 
ATOM   491  C CE  . MET A 1 64  ? 10.913  -5.185  -5.486  1.00 15.63 ? 61  MET A CE  1 
ATOM   492  N N   . VAL A 1 65  ? 10.487  -1.867  -10.239 1.00 14.41 ? 62  VAL A N   1 
ATOM   493  C CA  . VAL A 1 65  ? 10.465  -2.149  -11.655 1.00 16.11 ? 62  VAL A CA  1 
ATOM   494  C C   . VAL A 1 65  ? 11.431  -3.287  -11.831 1.00 17.97 ? 62  VAL A C   1 
ATOM   495  O O   . VAL A 1 65  ? 12.583  -3.157  -11.454 1.00 17.59 ? 62  VAL A O   1 
ATOM   496  C CB  . VAL A 1 65  ? 10.921  -0.934  -12.480 1.00 15.86 ? 62  VAL A CB  1 
ATOM   497  C CG1 . VAL A 1 65  ? 11.042  -1.322  -13.982 1.00 16.74 ? 62  VAL A CG1 1 
ATOM   498  C CG2 . VAL A 1 65  ? 9.973   0.238   -12.280 1.00 17.78 ? 62  VAL A CG2 1 
ATOM   499  N N   . ASP A 1 66  ? 10.939  -4.392  -12.389 1.00 19.89 ? 63  ASP A N   1 
ATOM   500  C CA  . ASP A 1 66  ? 11.753  -5.588  -12.670 1.00 22.73 ? 63  ASP A CA  1 
ATOM   501  C C   . ASP A 1 66  ? 12.673  -5.918  -11.497 1.00 22.49 ? 63  ASP A C   1 
ATOM   502  O O   . ASP A 1 66  ? 13.904  -6.007  -11.629 1.00 22.12 ? 63  ASP A O   1 
ATOM   503  C CB  . ASP A 1 66  ? 12.477  -5.420  -14.010 1.00 23.96 ? 63  ASP A CB  1 
ATOM   504  C CG  . ASP A 1 66  ? 11.489  -5.195  -15.178 1.00 28.02 ? 63  ASP A CG  1 
ATOM   505  O OD1 . ASP A 1 66  ? 10.434  -5.883  -15.211 1.00 32.72 ? 63  ASP A OD1 1 
ATOM   506  O OD2 . ASP A 1 66  ? 11.735  -4.322  -16.048 1.00 32.88 ? 63  ASP A OD2 1 
ATOM   507  N N   . ASP A 1 67  ? 12.047  -6.066  -10.325 1.00 21.92 ? 64  ASP A N   1 
ATOM   508  C CA  . ASP A 1 67  ? 12.721  -6.408  -9.064  1.00 22.25 ? 64  ASP A CA  1 
ATOM   509  C C   . ASP A 1 67  ? 13.654  -5.370  -8.445  1.00 20.30 ? 64  ASP A C   1 
ATOM   510  O O   . ASP A 1 67  ? 14.315  -5.660  -7.456  1.00 22.29 ? 64  ASP A O   1 
ATOM   511  C CB  . ASP A 1 67  ? 13.404  -7.786  -9.149  1.00 23.27 ? 64  ASP A CB  1 
ATOM   512  C CG  . ASP A 1 67  ? 12.403  -8.912  -9.231  1.00 28.96 ? 64  ASP A CG  1 
ATOM   513  O OD1 . ASP A 1 67  ? 11.558  -9.007  -8.308  1.00 33.77 ? 64  ASP A OD1 1 
ATOM   514  O OD2 . ASP A 1 67  ? 12.457  -9.692  -10.214 1.00 34.95 ? 64  ASP A OD2 1 
ATOM   515  N N   . GLY A 1 68  ? 13.699  -4.153  -8.993  1.00 18.03 ? 65  GLY A N   1 
ATOM   516  C CA  . GLY A 1 68  ? 14.510  -3.079  -8.417  1.00 16.81 ? 65  GLY A CA  1 
ATOM   517  C C   . GLY A 1 68  ? 13.686  -1.947  -7.839  1.00 15.80 ? 65  GLY A C   1 
ATOM   518  O O   . GLY A 1 68  ? 12.840  -1.393  -8.535  1.00 16.31 ? 65  GLY A O   1 
ATOM   519  N N   . TRP A 1 69  ? 13.991  -1.559  -6.601  1.00 15.12 ? 66  TRP A N   1 
ATOM   520  C CA  . TRP A 1 69  ? 13.337  -0.409  -5.982  1.00 14.59 ? 66  TRP A CA  1 
ATOM   521  C C   . TRP A 1 69  ? 13.740  0.905   -6.614  1.00 15.68 ? 66  TRP A C   1 
ATOM   522  O O   . TRP A 1 69  ? 14.887  1.079   -7.044  1.00 16.22 ? 66  TRP A O   1 
ATOM   523  C CB  . TRP A 1 69  ? 13.610  -0.384  -4.487  1.00 14.74 ? 66  TRP A CB  1 
ATOM   524  C CG  . TRP A 1 69  ? 12.978  -1.554  -3.780  1.00 14.30 ? 66  TRP A CG  1 
ATOM   525  C CD1 . TRP A 1 69  ? 13.622  -2.618  -3.233  1.00 15.45 ? 66  TRP A CD1 1 
ATOM   526  C CD2 . TRP A 1 69  ? 11.581  -1.773  -3.559  1.00 15.07 ? 66  TRP A CD2 1 
ATOM   527  N NE1 . TRP A 1 69  ? 12.712  -3.499  -2.683  1.00 16.52 ? 66  TRP A NE1 1 
ATOM   528  C CE2 . TRP A 1 69  ? 11.451  -3.001  -2.873  1.00 14.91 ? 66  TRP A CE2 1 
ATOM   529  C CE3 . TRP A 1 69  ? 10.428  -1.043  -3.871  1.00 15.71 ? 66  TRP A CE3 1 
ATOM   530  C CZ2 . TRP A 1 69  ? 10.195  -3.520  -2.479  1.00 15.81 ? 66  TRP A CZ2 1 
ATOM   531  C CZ3 . TRP A 1 69  ? 9.181   -1.564  -3.481  1.00 14.95 ? 66  TRP A CZ3 1 
ATOM   532  C CH2 . TRP A 1 69  ? 9.086   -2.780  -2.798  1.00 14.65 ? 66  TRP A CH2 1 
ATOM   533  N N   . GLN A 1 70  ? 12.793  1.838   -6.674  1.00 14.63 ? 67  GLN A N   1 
ATOM   534  C CA  . GLN A 1 70  ? 13.035  3.161   -7.229  1.00 14.78 ? 67  GLN A CA  1 
ATOM   535  C C   . GLN A 1 70  ? 13.264  4.159   -6.087  1.00 14.85 ? 67  GLN A C   1 
ATOM   536  O O   . GLN A 1 70  ? 13.775  3.761   -5.031  1.00 15.80 ? 67  GLN A O   1 
ATOM   537  C CB  . GLN A 1 70  ? 11.901  3.548   -8.201  1.00 15.20 ? 67  GLN A CB  1 
ATOM   538  C CG  . GLN A 1 70  ? 11.705  2.554   -9.358  1.00 15.11 ? 67  GLN A CG  1 
ATOM   539  C CD  . GLN A 1 70  ? 10.734  3.098   -10.459 1.00 19.27 ? 67  GLN A CD  1 
ATOM   540  O OE1 . GLN A 1 70  ? 9.497   3.020   -10.336 1.00 21.83 ? 67  GLN A OE1 1 
ATOM   541  N NE2 . GLN A 1 70  ? 11.307  3.614   -11.551 1.00 23.89 ? 67  GLN A NE2 1 
ATOM   542  N N   . GLN A 1 71  ? 12.945  5.436   -6.276  1.00 14.76 ? 68  GLN A N   1 
ATOM   543  C CA  . GLN A 1 71  ? 13.241  6.441   -5.252  1.00 15.58 ? 68  GLN A CA  1 
ATOM   544  C C   . GLN A 1 71  ? 12.164  6.479   -4.158  1.00 14.58 ? 68  GLN A C   1 
ATOM   545  O O   . GLN A 1 71  ? 10.955  6.628   -4.425  1.00 13.65 ? 68  GLN A O   1 
ATOM   546  C CB  . GLN A 1 71  ? 13.425  7.834   -5.878  1.00 16.26 ? 68  GLN A CB  1 
ATOM   547  C CG  . GLN A 1 71  ? 13.824  8.907   -4.865  1.00 22.61 ? 68  GLN A CG  1 
ATOM   548  C CD  . GLN A 1 71  ? 14.451  10.147  -5.510  1.00 28.70 ? 68  GLN A CD  1 
ATOM   549  O OE1 . GLN A 1 71  ? 14.293  10.405  -6.713  1.00 33.74 ? 68  GLN A OE1 1 
ATOM   550  N NE2 . GLN A 1 71  ? 15.165  10.926  -4.700  1.00 32.13 ? 68  GLN A NE2 1 
ATOM   551  N N   . GLU A 1 72  ? 12.603  6.383   -2.915  1.00 13.90 ? 69  GLU A N   1 
ATOM   552  C CA  . GLU A 1 72  ? 11.706  6.449   -1.767  1.00 13.28 ? 69  GLU A CA  1 
ATOM   553  C C   . GLU A 1 72  ? 11.144  7.812   -1.526  1.00 14.22 ? 69  GLU A C   1 
ATOM   554  O O   . GLU A 1 72  ? 11.792  8.855   -1.789  1.00 15.70 ? 69  GLU A O   1 
ATOM   555  C CB  . GLU A 1 72  ? 12.446  6.003   -0.506  1.00 13.69 ? 69  GLU A CB  1 
ATOM   556  C CG  . GLU A 1 72  ? 12.798  4.550   -0.551  1.00 13.61 ? 69  GLU A CG  1 
ATOM   557  C CD  . GLU A 1 72  ? 13.642  4.072   0.635   1.00 13.60 ? 69  GLU A CD  1 
ATOM   558  O OE1 . GLU A 1 72  ? 14.105  4.899   1.456   1.00 15.78 ? 69  GLU A OE1 1 
ATOM   559  O OE2 . GLU A 1 72  ? 13.839  2.843   0.748   1.00 15.64 ? 69  GLU A OE2 1 
ATOM   560  N N   . GLN A 1 73  ? 9.909   7.801   -1.041  1.00 13.54 ? 70  GLN A N   1 
ATOM   561  C CA  . GLN A 1 73  ? 9.284   8.983   -0.492  1.00 14.71 ? 70  GLN A CA  1 
ATOM   562  C C   . GLN A 1 73  ? 8.800   8.620   0.893   1.00 15.17 ? 70  GLN A C   1 
ATOM   563  O O   . GLN A 1 73  ? 8.560   7.443   1.191   1.00 15.44 ? 70  GLN A O   1 
ATOM   564  C CB  . GLN A 1 73  ? 8.115   9.431   -1.366  1.00 14.46 ? 70  GLN A CB  1 
ATOM   565  C CG  . GLN A 1 73  ? 8.576   9.839   -2.780  1.00 18.72 ? 70  GLN A CG  1 
ATOM   566  C CD  . GLN A 1 73  ? 7.526   10.528  -3.637  1.00 20.11 ? 70  GLN A CD  1 
ATOM   567  O OE1 . GLN A 1 73  ? 6.334   10.738  -3.240  1.00 18.39 ? 70  GLN A OE1 1 
ATOM   568  N NE2 . GLN A 1 73  ? 7.974   10.902  -4.852  1.00 21.09 ? 70  GLN A NE2 1 
ATOM   569  N N   . ARG A 1 74  ? 8.717   9.610   1.763   1.00 15.06 ? 71  ARG A N   1 
ATOM   570  C CA  . ARG A 1 74  ? 8.357   9.354   3.155   1.00 15.22 ? 71  ARG A CA  1 
ATOM   571  C C   . ARG A 1 74  ? 7.232   10.234  3.597   1.00 16.63 ? 71  ARG A C   1 
ATOM   572  O O   . ARG A 1 74  ? 7.088   11.373  3.131   1.00 17.41 ? 71  ARG A O   1 
ATOM   573  C CB  . ARG A 1 74  ? 9.554   9.532   4.092   1.00 15.19 ? 71  ARG A CB  1 
ATOM   574  C CG  . ARG A 1 74  ? 10.495  8.313   4.073   0.50 9.37  ? 71  ARG A CG  1 
ATOM   575  C CD  . ARG A 1 74  ? 11.800  8.501   4.875   0.50 8.50  ? 71  ARG A CD  1 
ATOM   576  N NE  . ARG A 1 74  ? 12.492  7.212   5.045   0.50 7.02  ? 71  ARG A NE  1 
ATOM   577  C CZ  . ARG A 1 74  ? 13.079  6.538   4.062   0.50 5.59  ? 71  ARG A CZ  1 
ATOM   578  N NH1 . ARG A 1 74  ? 13.117  7.031   2.832   0.50 7.50  ? 71  ARG A NH1 1 
ATOM   579  N NH2 . ARG A 1 74  ? 13.606  5.353   4.322   0.50 5.90  ? 71  ARG A NH2 1 
ATOM   580  N N   . SER A 1 75  ? 6.425   9.699   4.507   1.00 16.90 ? 72  SER A N   1 
ATOM   581  C CA  . SER A 1 75  ? 5.457   10.491  5.260   1.00 17.88 ? 72  SER A CA  1 
ATOM   582  C C   . SER A 1 75  ? 5.627   10.184  6.746   1.00 18.56 ? 72  SER A C   1 
ATOM   583  O O   . SER A 1 75  ? 5.812   9.036   7.136   1.00 18.41 ? 72  SER A O   1 
ATOM   584  C CB  . SER A 1 75  ? 4.039   10.161  4.814   1.00 18.67 ? 72  SER A CB  1 
ATOM   585  O OG  . SER A 1 75  ? 3.084   10.896  5.599   1.00 21.71 ? 72  SER A OG  1 
ATOM   586  N N   . LYS A 1 76  ? 5.556   11.211  7.583   1.00 19.02 ? 73  LYS A N   1 
ATOM   587  C CA  . LYS A 1 76  ? 5.591   11.050  9.040   1.00 20.26 ? 73  LYS A CA  1 
ATOM   588  C C   . LYS A 1 76  ? 4.191   10.977  9.646   1.00 19.65 ? 73  LYS A C   1 
ATOM   589  O O   . LYS A 1 76  ? 4.052   10.920  10.871  1.00 19.78 ? 73  LYS A O   1 
ATOM   590  C CB  . LYS A 1 76  ? 6.359   12.207  9.695   1.00 22.04 ? 73  LYS A CB  1 
ATOM   591  C CG  . LYS A 1 76  ? 7.801   12.328  9.253   1.00 26.64 ? 73  LYS A CG  1 
ATOM   592  C CD  . LYS A 1 76  ? 8.742   11.761  10.283  1.00 33.03 ? 73  LYS A CD  1 
ATOM   593  C CE  . LYS A 1 76  ? 8.917   10.278  10.129  1.00 34.84 ? 73  LYS A CE  1 
ATOM   594  N NZ  . LYS A 1 76  ? 9.790   9.724   11.218  1.00 39.23 ? 73  LYS A NZ  1 
ATOM   595  N N   . ASN A 1 77  ? 3.165   11.014  8.800   1.00 19.08 ? 74  ASN A N   1 
ATOM   596  C CA  . ASN A 1 77  ? 1.797   10.762  9.264   1.00 19.85 ? 74  ASN A CA  1 
ATOM   597  C C   . ASN A 1 77  ? 1.642   9.273   9.445   1.00 18.33 ? 74  ASN A C   1 
ATOM   598  O O   . ASN A 1 77  ? 1.693   8.526   8.478   1.00 19.25 ? 74  ASN A O   1 
ATOM   599  C CB  . ASN A 1 77  ? 0.756   11.264  8.264   1.00 22.31 ? 74  ASN A CB  1 
ATOM   600  C CG  . ASN A 1 77  ? 0.589   12.753  8.314   1.00 26.40 ? 74  ASN A CG  1 
ATOM   601  O OD1 . ASN A 1 77  ? 0.209   13.309  9.345   1.00 34.57 ? 74  ASN A OD1 1 
ATOM   602  N ND2 . ASN A 1 77  ? 0.897   13.416  7.215   1.00 32.87 ? 74  ASN A ND2 1 
ATOM   603  N N   . PHE A 1 78  ? 1.438   8.834   10.676  1.00 16.27 ? 75  PHE A N   1 
ATOM   604  C CA  . PHE A 1 78  ? 1.531   7.386   10.971  1.00 14.98 ? 75  PHE A CA  1 
ATOM   605  C C   . PHE A 1 78  ? 0.419   6.917   11.889  1.00 13.87 ? 75  PHE A C   1 
ATOM   606  O O   . PHE A 1 78  ? 0.667   6.575   13.038  1.00 14.56 ? 75  PHE A O   1 
ATOM   607  C CB  . PHE A 1 78  ? 2.896   7.055   11.568  1.00 15.01 ? 75  PHE A CB  1 
ATOM   608  C CG  . PHE A 1 78  ? 3.237   5.594   11.453  1.00 15.14 ? 75  PHE A CG  1 
ATOM   609  C CD1 . PHE A 1 78  ? 3.122   4.724   12.553  1.00 16.54 ? 75  PHE A CD1 1 
ATOM   610  C CD2 . PHE A 1 78  ? 3.582   5.065   10.215  1.00 14.71 ? 75  PHE A CD2 1 
ATOM   611  C CE1 . PHE A 1 78  ? 3.422   3.349   12.418  1.00 16.06 ? 75  PHE A CE1 1 
ATOM   612  C CE2 . PHE A 1 78  ? 3.871   3.690   10.078  1.00 15.60 ? 75  PHE A CE2 1 
ATOM   613  C CZ  . PHE A 1 78  ? 3.777   2.845   11.169  1.00 15.81 ? 75  PHE A CZ  1 
ATOM   614  N N   . PRO A 1 79  ? -0.830  6.932   11.381  1.00 13.63 ? 76  PRO A N   1 
ATOM   615  C CA  . PRO A 1 79  ? -1.975  6.569   12.227  1.00 13.47 ? 76  PRO A CA  1 
ATOM   616  C C   . PRO A 1 79  ? -2.231  5.071   12.315  1.00 13.69 ? 76  PRO A C   1 
ATOM   617  O O   . PRO A 1 79  ? -3.297  4.573   11.892  1.00 13.07 ? 76  PRO A O   1 
ATOM   618  C CB  . PRO A 1 79  ? -3.140  7.258   11.517  1.00 13.60 ? 76  PRO A CB  1 
ATOM   619  C CG  . PRO A 1 79  ? -2.762  7.166   10.037  1.00 15.01 ? 76  PRO A CG  1 
ATOM   620  C CD  . PRO A 1 79  ? -1.260  7.409   10.049  1.00 14.01 ? 76  PRO A CD  1 
ATOM   621  N N   . PHE A 1 80  ? -1.246  4.358   12.864  1.00 14.47 ? 77  PHE A N   1 
ATOM   622  C CA  . PHE A 1 80  ? -1.326  2.903   13.007  1.00 14.56 ? 77  PHE A CA  1 
ATOM   623  C C   . PHE A 1 80  ? -0.788  2.495   14.363  1.00 15.17 ? 77  PHE A C   1 
ATOM   624  O O   . PHE A 1 80  ? 0.078   3.172   14.918  1.00 17.17 ? 77  PHE A O   1 
ATOM   625  C CB  . PHE A 1 80  ? -0.482  2.213   11.895  1.00 14.74 ? 77  PHE A CB  1 
ATOM   626  C CG  . PHE A 1 80  ? -0.879  2.630   10.528  1.00 14.96 ? 77  PHE A CG  1 
ATOM   627  C CD1 . PHE A 1 80  ? -1.950  2.002   9.902   1.00 15.50 ? 77  PHE A CD1 1 
ATOM   628  C CD2 . PHE A 1 80  ? -0.244  3.696   9.867   1.00 12.86 ? 77  PHE A CD2 1 
ATOM   629  C CE1 . PHE A 1 80  ? -2.397  2.406   8.641   1.00 17.19 ? 77  PHE A CE1 1 
ATOM   630  C CE2 . PHE A 1 80  ? -0.700  4.100   8.597   1.00 14.16 ? 77  PHE A CE2 1 
ATOM   631  C CZ  . PHE A 1 80  ? -1.765  3.448   8.000   1.00 15.35 ? 77  PHE A CZ  1 
ATOM   632  N N   . THR A 1 81  ? -1.307  1.393   14.894  1.00 15.71 ? 78  THR A N   1 
ATOM   633  C CA  . THR A 1 81  ? -0.855  0.859   16.184  1.00 15.97 ? 78  THR A CA  1 
ATOM   634  C C   . THR A 1 81  ? -0.685  -0.664  16.071  1.00 15.76 ? 78  THR A C   1 
ATOM   635  O O   . THR A 1 81  ? -1.552  -1.365  15.552  1.00 15.50 ? 78  THR A O   1 
ATOM   636  C CB  . THR A 1 81  ? -1.852  1.188   17.315  1.00 17.03 ? 78  THR A CB  1 
ATOM   637  O OG1 . THR A 1 81  ? -2.062  2.599   17.326  1.00 18.70 ? 78  THR A OG1 1 
ATOM   638  C CG2 . THR A 1 81  ? -1.315  0.762   18.706  1.00 18.34 ? 78  THR A CG2 1 
ATOM   639  N N   . ALA A 1 82  ? 0.442   -1.144  16.581  1.00 15.69 ? 79  ALA A N   1 
ATOM   640  C CA  . ALA A 1 82  ? 0.697   -2.582  16.615  1.00 16.27 ? 79  ALA A CA  1 
ATOM   641  C C   . ALA A 1 82  ? -0.415  -3.293  17.389  1.00 15.42 ? 79  ALA A C   1 
ATOM   642  O O   . ALA A 1 82  ? -0.838  -2.820  18.467  1.00 16.62 ? 79  ALA A O   1 
ATOM   643  C CB  . ALA A 1 82  ? 2.074   -2.877  17.235  1.00 16.45 ? 79  ALA A CB  1 
ATOM   644  N N   . GLY A 1 83  ? -0.887  -4.413  16.836  1.00 14.64 ? 80  GLY A N   1 
ATOM   645  C CA  . GLY A 1 83  ? -1.950  -5.215  17.420  1.00 14.82 ? 80  GLY A CA  1 
ATOM   646  C C   . GLY A 1 83  ? -3.346  -4.780  17.033  1.00 14.65 ? 80  GLY A C   1 
ATOM   647  O O   . GLY A 1 83  ? -4.315  -5.471  17.386  1.00 15.95 ? 80  GLY A O   1 
ATOM   648  N N   . GLU A 1 84  ? -3.472  -3.684  16.288  1.00 14.02 ? 81  GLU A N   1 
ATOM   649  C CA  . GLU A 1 84  ? -4.800  -3.111  16.049  1.00 14.48 ? 81  GLU A CA  1 
ATOM   650  C C   . GLU A 1 84  ? -5.201  -3.080  14.592  1.00 14.58 ? 81  GLU A C   1 
ATOM   651  O O   . GLU A 1 84  ? -4.361  -3.144  13.683  1.00 14.07 ? 81  GLU A O   1 
ATOM   652  C CB  . GLU A 1 84  ? -4.866  -1.681  16.601  1.00 15.53 ? 81  GLU A CB  1 
ATOM   653  C CG  . GLU A 1 84  ? -4.447  -1.558  18.071  1.00 17.43 ? 81  GLU A CG  1 
ATOM   654  C CD  . GLU A 1 84  ? -5.298  -2.405  19.011  1.00 20.09 ? 81  GLU A CD  1 
ATOM   655  O OE1 . GLU A 1 84  ? -6.485  -2.709  18.684  1.00 18.14 ? 81  GLU A OE1 1 
ATOM   656  O OE2 . GLU A 1 84  ? -4.764  -2.755  20.093  1.00 22.04 ? 81  GLU A OE2 1 
ATOM   657  N N   . HIS A 1 85  ? -6.499  -2.973  14.360  1.00 15.34 ? 82  HIS A N   1 
ATOM   658  C CA  . HIS A 1 85  ? -7.035  -2.869  13.024  1.00 15.06 ? 82  HIS A CA  1 
ATOM   659  C C   . HIS A 1 85  ? -6.646  -1.596  12.325  1.00 14.41 ? 82  HIS A C   1 
ATOM   660  O O   . HIS A 1 85  ? -6.491  -0.541  12.940  1.00 14.94 ? 82  HIS A O   1 
ATOM   661  C CB  . HIS A 1 85  ? -8.571  -2.947  13.085  1.00 16.27 ? 82  HIS A CB  1 
ATOM   662  C CG  . HIS A 1 85  ? -9.062  -4.271  13.572  1.00 21.13 ? 82  HIS A CG  1 
ATOM   663  N ND1 . HIS A 1 85  ? -9.690  -5.183  12.748  1.00 26.83 ? 82  HIS A ND1 1 
ATOM   664  C CD2 . HIS A 1 85  ? -8.956  -4.869  14.786  1.00 26.80 ? 82  HIS A CD2 1 
ATOM   665  C CE1 . HIS A 1 85  ? -10.003 -6.261  13.448  1.00 27.06 ? 82  HIS A CE1 1 
ATOM   666  N NE2 . HIS A 1 85  ? -9.561  -6.100  14.685  1.00 28.71 ? 82  HIS A NE2 1 
ATOM   667  N N   . PHE A 1 86  ? -6.517  -1.720  11.011  1.00 14.31 ? 83  PHE A N   1 
ATOM   668  C CA  . PHE A 1 86  ? -6.352  -0.549  10.154  1.00 14.08 ? 83  PHE A CA  1 
ATOM   669  C C   . PHE A 1 86  ? -7.180  -0.728  8.878   1.00 14.74 ? 83  PHE A C   1 
ATOM   670  O O   . PHE A 1 86  ? -7.545  -1.865  8.468   1.00 13.60 ? 83  PHE A O   1 
ATOM   671  C CB  . PHE A 1 86  ? -4.877  -0.385  9.731   1.00 15.63 ? 83  PHE A CB  1 
ATOM   672  C CG  . PHE A 1 86  ? -4.412  -1.493  8.835   1.00 14.03 ? 83  PHE A CG  1 
ATOM   673  C CD1 . PHE A 1 86  ? -3.918  -2.655  9.386   1.00 16.96 ? 83  PHE A CD1 1 
ATOM   674  C CD2 . PHE A 1 86  ? -4.520  -1.394  7.437   1.00 14.67 ? 83  PHE A CD2 1 
ATOM   675  C CE1 . PHE A 1 86  ? -3.561  -3.733  8.584   1.00 17.21 ? 83  PHE A CE1 1 
ATOM   676  C CE2 . PHE A 1 86  ? -4.184  -2.473  6.629   1.00 14.23 ? 83  PHE A CE2 1 
ATOM   677  C CZ  . PHE A 1 86  ? -3.681  -3.635  7.207   1.00 17.84 ? 83  PHE A CZ  1 
ATOM   678  N N   . GLN A 1 87  ? -7.435  0.384   8.206   1.00 14.79 ? 84  GLN A N   1 
ATOM   679  C CA  . GLN A 1 87  ? -8.054  0.334   6.890   1.00 15.30 ? 84  GLN A CA  1 
ATOM   680  C C   . GLN A 1 87  ? -7.481  1.482   6.084   1.00 14.58 ? 84  GLN A C   1 
ATOM   681  O O   . GLN A 1 87  ? -7.328  2.600   6.591   1.00 14.69 ? 84  GLN A O   1 
ATOM   682  C CB  . GLN A 1 87  ? -9.560  0.476   7.039   1.00 16.49 ? 84  GLN A CB  1 
ATOM   683  C CG  . GLN A 1 87  ? -10.368 0.302   5.755   1.00 21.95 ? 84  GLN A CG  1 
ATOM   684  C CD  . GLN A 1 87  ? -11.796 0.792   5.971   1.00 26.61 ? 84  GLN A CD  1 
ATOM   685  O OE1 . GLN A 1 87  ? -12.227 1.805   5.403   1.00 28.76 ? 84  GLN A OE1 1 
ATOM   686  N NE2 . GLN A 1 87  ? -12.511 0.104   6.845   1.00 28.47 ? 84  GLN A NE2 1 
ATOM   687  N N   . ILE A 1 88  ? -7.136  1.197   4.834   1.00 13.31 ? 85  ILE A N   1 
ATOM   688  C CA  . ILE A 1 88  ? -6.632  2.252   3.917   1.00 14.18 ? 85  ILE A CA  1 
ATOM   689  C C   . ILE A 1 88  ? -7.419  2.154   2.608   1.00 13.94 ? 85  ILE A C   1 
ATOM   690  O O   . ILE A 1 88  ? -7.802  1.050   2.201   1.00 14.54 ? 85  ILE A O   1 
ATOM   691  C CB  . ILE A 1 88  ? -5.133  2.013   3.645   1.00 16.11 ? 85  ILE A CB  1 
ATOM   692  C CG1 . ILE A 1 88  ? -4.295  2.341   4.890   1.00 16.68 ? 85  ILE A CG1 1 
ATOM   693  C CG2 . ILE A 1 88  ? -4.632  2.818   2.455   1.00 18.52 ? 85  ILE A CG2 1 
ATOM   694  C CD1 . ILE A 1 88  ? -3.092  1.379   5.040   1.00 22.94 ? 85  ILE A CD1 1 
ATOM   695  N N   . THR A 1 89  ? -7.630  3.281   1.917   1.00 13.47 ? 86  THR A N   1 
ATOM   696  C CA  . THR A 1 89  ? -8.276  3.231   0.606   1.00 13.65 ? 86  THR A CA  1 
ATOM   697  C C   . THR A 1 89  ? -7.378  3.923   -0.410  1.00 13.40 ? 86  THR A C   1 
ATOM   698  O O   . THR A 1 89  ? -6.779  4.972   -0.105  1.00 14.71 ? 86  THR A O   1 
ATOM   699  C CB  . THR A 1 89  ? -9.674  3.893   0.621   1.00 14.75 ? 86  THR A CB  1 
ATOM   700  O OG1 . THR A 1 89  ? -10.532 3.157   1.507   1.00 16.90 ? 86  THR A OG1 1 
ATOM   701  C CG2 . THR A 1 89  ? -10.335 3.893   -0.750  1.00 17.04 ? 86  THR A CG2 1 
ATOM   702  N N   . ILE A 1 90  ? -7.294  3.325   -1.587  1.00 12.48 ? 87  ILE A N   1 
ATOM   703  C CA  . ILE A 1 90  ? -6.422  3.816   -2.651  1.00 12.51 ? 87  ILE A CA  1 
ATOM   704  C C   . ILE A 1 90  ? -7.258  4.115   -3.892  1.00 13.45 ? 87  ILE A C   1 
ATOM   705  O O   . ILE A 1 90  ? -8.132  3.317   -4.285  1.00 12.29 ? 87  ILE A O   1 
ATOM   706  C CB  . ILE A 1 90  ? -5.380  2.737   -2.998  1.00 12.63 ? 87  ILE A CB  1 
ATOM   707  C CG1 . ILE A 1 90  ? -4.510  2.431   -1.777  1.00 14.91 ? 87  ILE A CG1 1 
ATOM   708  C CG2 . ILE A 1 90  ? -4.508  3.183   -4.182  1.00 13.28 ? 87  ILE A CG2 1 
ATOM   709  C CD1 . ILE A 1 90  ? -3.788  1.080   -1.854  1.00 14.57 ? 87  ILE A CD1 1 
ATOM   710  N N   . THR A 1 91  ? -6.975  5.258   -4.509  1.00 12.61 ? 88  THR A N   1 
ATOM   711  C CA  . THR A 1 91  ? -7.558  5.608   -5.799  1.00 14.25 ? 88  THR A CA  1 
ATOM   712  C C   . THR A 1 91  ? -6.429  6.156   -6.657  1.00 14.80 ? 88  THR A C   1 
ATOM   713  O O   . THR A 1 91  ? -5.337  6.366   -6.138  1.00 13.78 ? 88  THR A O   1 
ATOM   714  C CB  . THR A 1 91  ? -8.680  6.656   -5.654  1.00 14.95 ? 88  THR A CB  1 
ATOM   715  O OG1 . THR A 1 91  ? -8.160  7.818   -5.025  1.00 18.65 ? 88  THR A OG1 1 
ATOM   716  C CG2 . THR A 1 91  ? -9.754  6.144   -4.775  1.00 19.40 ? 88  THR A CG2 1 
ATOM   717  N N   . PHE A 1 92  ? -6.657  6.336   -7.949  1.00 14.67 ? 89  PHE A N   1 
ATOM   718  C CA  . PHE A 1 92  ? -5.605  6.913   -8.773  1.00 14.35 ? 89  PHE A CA  1 
ATOM   719  C C   . PHE A 1 92  ? -6.125  7.546   -10.033 1.00 15.16 ? 89  PHE A C   1 
ATOM   720  O O   . PHE A 1 92  ? -7.213  7.210   -10.496 1.00 16.05 ? 89  PHE A O   1 
ATOM   721  C CB  . PHE A 1 92  ? -4.570  5.833   -9.129  1.00 14.78 ? 89  PHE A CB  1 
ATOM   722  C CG  . PHE A 1 92  ? -5.106  4.728   -10.006 1.00 14.14 ? 89  PHE A CG  1 
ATOM   723  C CD1 . PHE A 1 92  ? -5.829  3.673   -9.461  1.00 14.44 ? 89  PHE A CD1 1 
ATOM   724  C CD2 . PHE A 1 92  ? -4.867  4.729   -11.390 1.00 14.55 ? 89  PHE A CD2 1 
ATOM   725  C CE1 . PHE A 1 92  ? -6.322  2.659   -10.275 1.00 15.03 ? 89  PHE A CE1 1 
ATOM   726  C CE2 . PHE A 1 92  ? -5.357  3.722   -12.195 1.00 17.09 ? 89  PHE A CE2 1 
ATOM   727  C CZ  . PHE A 1 92  ? -6.082  2.666   -11.624 1.00 16.45 ? 89  PHE A CZ  1 
ATOM   728  N N   . ASP A 1 93  ? -5.317  8.456   -10.598 1.00 15.95 ? 90  ASP A N   1 
ATOM   729  C CA  . ASP A 1 93  ? -5.511  8.848   -11.988 1.00 15.86 ? 90  ASP A CA  1 
ATOM   730  C C   . ASP A 1 93  ? -4.205  8.533   -12.725 1.00 16.55 ? 90  ASP A C   1 
ATOM   731  O O   . ASP A 1 93  ? -3.366  7.826   -12.174 1.00 15.81 ? 90  ASP A O   1 
ATOM   732  C CB  . ASP A 1 93  ? -5.934  10.322  -12.103 1.00 16.45 ? 90  ASP A CB  1 
ATOM   733  C CG  . ASP A 1 93  ? -4.977  11.267  -11.465 1.00 17.32 ? 90  ASP A CG  1 
ATOM   734  O OD1 . ASP A 1 93  ? -5.422  12.291  -10.915 1.00 19.21 ? 90  ASP A OD1 1 
ATOM   735  O OD2 . ASP A 1 93  ? -3.743  11.053  -11.556 1.00 15.97 ? 90  ASP A OD2 1 
ATOM   736  N N   . ILE A 1 94  ? -4.059  9.024   -13.958 1.00 17.95 ? 91  ILE A N   1 
ATOM   737  C CA  . ILE A 1 94  ? -2.866  8.698   -14.757 1.00 19.76 ? 91  ILE A CA  1 
ATOM   738  C C   . ILE A 1 94  ? -1.577  9.216   -14.139 1.00 18.01 ? 91  ILE A C   1 
ATOM   739  O O   . ILE A 1 94  ? -0.510  8.631   -14.366 1.00 18.01 ? 91  ILE A O   1 
ATOM   740  C CB  . ILE A 1 94  ? -2.928  9.265   -16.212 1.00 20.59 ? 91  ILE A CB  1 
ATOM   741  C CG1 . ILE A 1 94  ? -3.990  10.353  -16.352 1.00 25.52 ? 91  ILE A CG1 1 
ATOM   742  C CG2 . ILE A 1 94  ? -3.121  8.149   -17.200 1.00 26.82 ? 91  ILE A CG2 1 
ATOM   743  C CD1 . ILE A 1 94  ? -3.442  11.766  -16.315 1.00 29.43 ? 91  ILE A CD1 1 
ATOM   744  N N   . ASP A 1 95  ? -1.681  10.290  -13.362 1.00 16.85 ? 92  ASP A N   1 
ATOM   745  C CA  . ASP A 1 95  ? -0.524  10.954  -12.766 1.00 16.62 ? 92  ASP A CA  1 
ATOM   746  C C   . ASP A 1 95  ? -0.206  10.614  -11.322 1.00 17.53 ? 92  ASP A C   1 
ATOM   747  O O   . ASP A 1 95  ? 0.880   10.965  -10.832 1.00 18.84 ? 92  ASP A O   1 
ATOM   748  C CB  . ASP A 1 95  ? -0.741  12.467  -12.761 1.00 16.62 ? 92  ASP A CB  1 
ATOM   749  C CG  . ASP A 1 95  ? -0.887  13.044  -14.137 1.00 19.34 ? 92  ASP A CG  1 
ATOM   750  O OD1 . ASP A 1 95  ? -0.001  12.795  -14.975 1.00 20.64 ? 92  ASP A OD1 1 
ATOM   751  O OD2 . ASP A 1 95  ? -1.884  13.761  -14.365 1.00 21.22 ? 92  ASP A OD2 1 
ATOM   752  N N   . THR A 1 96  ? -1.154  10.076  -10.562 1.00 15.28 ? 93  THR A N   1 
ATOM   753  C CA  . THR A 1 96  ? -0.957  10.097  -9.123  1.00 14.11 ? 93  THR A CA  1 
ATOM   754  C C   . THR A 1 96  ? -1.824  9.052   -8.439  1.00 13.95 ? 93  THR A C   1 
ATOM   755  O O   . THR A 1 96  ? -2.986  8.825   -8.848  1.00 14.72 ? 93  THR A O   1 
ATOM   756  C CB  . THR A 1 96  ? -1.314  11.488  -8.549  1.00 14.51 ? 93  THR A CB  1 
ATOM   757  O OG1 . THR A 1 96  ? -0.513  12.491  -9.204  1.00 15.95 ? 93  THR A OG1 1 
ATOM   758  C CG2 . THR A 1 96  ? -1.082  11.553  -7.075  1.00 16.46 ? 93  THR A CG2 1 
ATOM   759  N N   . PHE A 1 97  ? -1.245  8.410   -7.436  1.00 11.90 ? 94  PHE A N   1 
ATOM   760  C CA  . PHE A 1 97  ? -2.021  7.560   -6.513  1.00 12.37 ? 94  PHE A CA  1 
ATOM   761  C C   . PHE A 1 97  ? -2.389  8.422   -5.346  1.00 12.83 ? 94  PHE A C   1 
ATOM   762  O O   . PHE A 1 97  ? -1.567  9.215   -4.849  1.00 12.00 ? 94  PHE A O   1 
ATOM   763  C CB  . PHE A 1 97  ? -1.156  6.433   -5.929  1.00 11.53 ? 94  PHE A CB  1 
ATOM   764  C CG  . PHE A 1 97  ? -0.778  5.369   -6.905  1.00 12.05 ? 94  PHE A CG  1 
ATOM   765  C CD1 . PHE A 1 97  ? -1.624  4.279   -7.179  1.00 12.81 ? 94  PHE A CD1 1 
ATOM   766  C CD2 . PHE A 1 97  ? 0.482   5.398   -7.494  1.00 13.66 ? 94  PHE A CD2 1 
ATOM   767  C CE1 . PHE A 1 97  ? -1.236  3.302   -8.062  1.00 14.26 ? 94  PHE A CE1 1 
ATOM   768  C CE2 . PHE A 1 97  ? 0.876   4.405   -8.346  1.00 12.93 ? 94  PHE A CE2 1 
ATOM   769  C CZ  . PHE A 1 97  ? 0.037   3.368   -8.644  1.00 12.97 ? 94  PHE A CZ  1 
ATOM   770  N N   . TYR A 1 98  ? -3.612  8.225   -4.849  1.00 12.87 ? 95  TYR A N   1 
ATOM   771  C CA  . TYR A 1 98  ? -4.115  8.911   -3.680  1.00 14.03 ? 95  TYR A CA  1 
ATOM   772  C C   . TYR A 1 98  ? -4.409  7.873   -2.609  1.00 13.92 ? 95  TYR A C   1 
ATOM   773  O O   . TYR A 1 98  ? -5.261  6.994   -2.807  1.00 14.57 ? 95  TYR A O   1 
ATOM   774  C CB  . TYR A 1 98  ? -5.404  9.664   -4.058  1.00 15.25 ? 95  TYR A CB  1 
ATOM   775  C CG  . TYR A 1 98  ? -5.201  10.609  -5.228  1.00 14.29 ? 95  TYR A CG  1 
ATOM   776  C CD1 . TYR A 1 98  ? -5.473  10.211  -6.533  1.00 14.69 ? 95  TYR A CD1 1 
ATOM   777  C CD2 . TYR A 1 98  ? -4.692  11.886  -5.018  1.00 16.47 ? 95  TYR A CD2 1 
ATOM   778  C CE1 . TYR A 1 98  ? -5.257  11.063  -7.632  1.00 14.85 ? 95  TYR A CE1 1 
ATOM   779  C CE2 . TYR A 1 98  ? -4.486  12.754  -6.098  1.00 15.49 ? 95  TYR A CE2 1 
ATOM   780  C CZ  . TYR A 1 98  ? -4.758  12.338  -7.391  1.00 15.95 ? 95  TYR A CZ  1 
ATOM   781  O OH  . TYR A 1 98  ? -4.551  13.181  -8.476  1.00 18.46 ? 95  TYR A OH  1 
ATOM   782  N N   . ILE A 1 99  ? -3.696  7.969   -1.501  1.00 13.17 ? 96  ILE A N   1 
ATOM   783  C CA  . ILE A 1 99  ? -3.773  6.960   -0.451  1.00 14.27 ? 96  ILE A CA  1 
ATOM   784  C C   . ILE A 1 99  ? -4.464  7.613   0.745   1.00 15.13 ? 96  ILE A C   1 
ATOM   785  O O   . ILE A 1 99  ? -3.936  8.554   1.322   1.00 17.05 ? 96  ILE A O   1 
ATOM   786  C CB  . ILE A 1 99  ? -2.363  6.485   -0.072  1.00 14.82 ? 96  ILE A CB  1 
ATOM   787  C CG1 . ILE A 1 99  ? -1.704  5.832   -1.291  1.00 16.93 ? 96  ILE A CG1 1 
ATOM   788  C CG2 . ILE A 1 99  ? -2.419  5.476   1.072   1.00 16.58 ? 96  ILE A CG2 1 
ATOM   789  C CD1 . ILE A 1 99  ? -0.402  6.471   -1.660  1.00 20.51 ? 96  ILE A CD1 1 
ATOM   790  N N   . GLN A 1 100 ? -5.643  7.118   1.083   1.00 13.57 ? 97  GLN A N   1 
ATOM   791  C CA  . GLN A 1 100 ? -6.424  7.700   2.170   1.00 14.10 ? 97  GLN A CA  1 
ATOM   792  C C   . GLN A 1 100 ? -6.131  6.933   3.455   1.00 13.46 ? 97  GLN A C   1 
ATOM   793  O O   . GLN A 1 100 ? -6.425  5.724   3.552   1.00 13.71 ? 97  GLN A O   1 
ATOM   794  C CB  . GLN A 1 100 ? -7.920  7.623   1.829   1.00 13.83 ? 97  GLN A CB  1 
ATOM   795  C CG  . GLN A 1 100 ? -8.860  8.274   2.865   1.00 18.22 ? 97  GLN A CG  1 
ATOM   796  C CD  . GLN A 1 100 ? -8.612  9.738   2.972   1.00 20.30 ? 97  GLN A CD  1 
ATOM   797  O OE1 . GLN A 1 100 ? -8.864  10.489  2.027   1.00 24.19 ? 97  GLN A OE1 1 
ATOM   798  N NE2 . GLN A 1 100 ? -8.058  10.155  4.091   1.00 20.40 ? 97  GLN A NE2 1 
ATOM   799  N N   . LEU A 1 101 ? -5.519  7.618   4.418   1.00 13.84 ? 98  LEU A N   1 
ATOM   800  C CA  . LEU A 1 101 ? -5.159  7.023   5.697   1.00 14.43 ? 98  LEU A CA  1 
ATOM   801  C C   . LEU A 1 101 ? -6.370  7.158   6.640   1.00 13.53 ? 98  LEU A C   1 
ATOM   802  O O   . LEU A 1 101 ? -7.231  7.998   6.428   1.00 15.59 ? 98  LEU A O   1 
ATOM   803  C CB  . LEU A 1 101 ? -3.907  7.697   6.298   1.00 14.90 ? 98  LEU A CB  1 
ATOM   804  C CG  . LEU A 1 101 ? -2.644  7.749   5.414   1.00 14.58 ? 98  LEU A CG  1 
ATOM   805  C CD1 . LEU A 1 101 ? -1.522  8.460   6.178   1.00 15.39 ? 98  LEU A CD1 1 
ATOM   806  C CD2 . LEU A 1 101 ? -2.177  6.339   5.023   1.00 17.00 ? 98  LEU A CD2 1 
ATOM   807  N N   . PRO A 1 102 ? -6.449  6.287   7.637   1.00 15.84 ? 99  PRO A N   1 
ATOM   808  C CA  . PRO A 1 102 ? -7.675  6.243   8.442   1.00 16.05 ? 99  PRO A CA  1 
ATOM   809  C C   . PRO A 1 102 ? -7.826  7.409   9.396   1.00 16.84 ? 99  PRO A C   1 
ATOM   810  O O   . PRO A 1 102 ? -8.916  7.581   9.952   1.00 17.39 ? 99  PRO A O   1 
ATOM   811  C CB  . PRO A 1 102 ? -7.556  4.919   9.188   1.00 15.80 ? 99  PRO A CB  1 
ATOM   812  C CG  . PRO A 1 102 ? -6.048  4.715   9.337   1.00 16.24 ? 99  PRO A CG  1 
ATOM   813  C CD  . PRO A 1 102 ? -5.490  5.242   8.009   1.00 15.44 ? 99  PRO A CD  1 
ATOM   814  N N   . ASP A 1 103 ? -6.788  8.242   9.531   1.00 15.95 ? 100 ASP A N   1 
ATOM   815  C CA  . ASP A 1 103 ? -6.954  9.513   10.258  1.00 15.17 ? 100 ASP A CA  1 
ATOM   816  C C   . ASP A 1 103 ? -7.471  10.624  9.360   1.00 15.35 ? 100 ASP A C   1 
ATOM   817  O O   . ASP A 1 103 ? -7.578  11.766  9.780   1.00 15.87 ? 100 ASP A O   1 
ATOM   818  C CB  . ASP A 1 103 ? -5.649  9.960   10.946  1.00 15.05 ? 100 ASP A CB  1 
ATOM   819  C CG  . ASP A 1 103 ? -4.524  10.227  9.980   1.00 14.64 ? 100 ASP A CG  1 
ATOM   820  O OD1 . ASP A 1 103 ? -4.695  9.978   8.778   1.00 12.99 ? 100 ASP A OD1 1 
ATOM   821  O OD2 . ASP A 1 103 ? -3.456  10.701  10.450  1.00 16.74 ? 100 ASP A OD2 1 
ATOM   822  N N   . GLY A 1 104 ? -7.723  10.293  8.103   1.00 15.95 ? 101 GLY A N   1 
ATOM   823  C CA  . GLY A 1 104 ? -8.215  11.272  7.149   1.00 16.65 ? 101 GLY A CA  1 
ATOM   824  C C   . GLY A 1 104 ? -7.105  11.961  6.357   1.00 17.62 ? 101 GLY A C   1 
ATOM   825  O O   . GLY A 1 104 ? -7.392  12.728  5.439   1.00 18.11 ? 101 GLY A O   1 
ATOM   826  N N   . HIS A 1 105 ? -5.842  11.714  6.707   1.00 16.55 ? 102 HIS A N   1 
ATOM   827  C CA  A HIS A 1 105 ? -4.725  12.318  5.979   0.50 17.27 ? 102 HIS A CA  1 
ATOM   828  C CA  B HIS A 1 105 ? -4.763  12.327  5.953   0.50 16.55 ? 102 HIS A CA  1 
ATOM   829  C C   . HIS A 1 105 ? -4.582  11.600  4.640   1.00 17.45 ? 102 HIS A C   1 
ATOM   830  O O   . HIS A 1 105 ? -4.822  10.397  4.552   1.00 16.95 ? 102 HIS A O   1 
ATOM   831  C CB  A HIS A 1 105 ? -3.420  12.207  6.791   0.50 17.45 ? 102 HIS A CB  1 
ATOM   832  C CB  B HIS A 1 105 ? -3.455  12.327  6.731   0.50 16.31 ? 102 HIS A CB  1 
ATOM   833  C CG  A HIS A 1 105 ? -3.184  13.335  7.757   0.50 20.22 ? 102 HIS A CG  1 
ATOM   834  C CG  B HIS A 1 105 ? -2.339  12.981  5.989   0.50 16.05 ? 102 HIS A CG  1 
ATOM   835  N ND1 A HIS A 1 105 ? -3.514  13.261  9.095   0.50 23.49 ? 102 HIS A ND1 1 
ATOM   836  N ND1 B HIS A 1 105 ? -1.297  12.269  5.433   0.50 17.58 ? 102 HIS A ND1 1 
ATOM   837  C CD2 A HIS A 1 105 ? -2.593  14.543  7.587   0.50 21.24 ? 102 HIS A CD2 1 
ATOM   838  C CD2 B HIS A 1 105 ? -2.125  14.279  5.663   0.50 17.67 ? 102 HIS A CD2 1 
ATOM   839  C CE1 A HIS A 1 105 ? -3.159  14.381  9.701   0.50 23.28 ? 102 HIS A CE1 1 
ATOM   840  C CE1 B HIS A 1 105 ? -0.476  13.106  4.823   0.50 18.41 ? 102 HIS A CE1 1 
ATOM   841  N NE2 A HIS A 1 105 ? -2.595  15.176  8.808   0.50 23.12 ? 102 HIS A NE2 1 
ATOM   842  N NE2 B HIS A 1 105 ? -0.955  14.327  4.947   0.50 20.29 ? 102 HIS A NE2 1 
ATOM   843  N N   . LYS A 1 106 ? -4.175  12.341  3.611   1.00 18.47 ? 103 LYS A N   1 
ATOM   844  C CA  . LYS A 1 106 ? -3.983  11.789  2.276   1.00 19.05 ? 103 LYS A CA  1 
ATOM   845  C C   . LYS A 1 106 ? -2.513  11.912  1.900   1.00 18.98 ? 103 LYS A C   1 
ATOM   846  O O   . LYS A 1 106 ? -1.880  12.979  2.061   1.00 21.31 ? 103 LYS A O   1 
ATOM   847  C CB  . LYS A 1 106 ? -4.808  12.560  1.251   1.00 20.81 ? 103 LYS A CB  1 
ATOM   848  C CG  . LYS A 1 106 ? -6.270  12.717  1.613   1.00 23.96 ? 103 LYS A CG  1 
ATOM   849  C CD  . LYS A 1 106 ? -6.875  13.825  0.755   1.00 28.91 ? 103 LYS A CD  1 
ATOM   850  C CE  . LYS A 1 106 ? -8.335  14.124  1.099   1.00 31.53 ? 103 LYS A CE  1 
ATOM   851  N NZ  . LYS A 1 106 ? -9.284  13.080  0.602   1.00 34.14 ? 103 LYS A NZ  1 
ATOM   852  N N   . VAL A 1 107 ? -1.964  10.812  1.401   1.00 15.27 ? 104 VAL A N   1 
ATOM   853  C CA  . VAL A 1 107 ? -0.625  10.801  0.847   1.00 15.13 ? 104 VAL A CA  1 
ATOM   854  C C   . VAL A 1 107 ? -0.791  10.686  -0.663  1.00 15.18 ? 104 VAL A C   1 
ATOM   855  O O   . VAL A 1 107 ? -1.658  9.943   -1.153  1.00 16.26 ? 104 VAL A O   1 
ATOM   856  C CB  . VAL A 1 107 ? 0.181   9.617   1.381   1.00 15.54 ? 104 VAL A CB  1 
ATOM   857  C CG1 . VAL A 1 107 ? 1.602   9.672   0.823   0.50 12.10 ? 104 VAL A CG1 1 
ATOM   858  C CG2 . VAL A 1 107 ? 0.245   9.673   2.916   0.50 12.79 ? 104 VAL A CG2 1 
ATOM   859  N N   . GLU A 1 108 ? 0.007   11.453  -1.405  1.00 14.90 ? 105 GLU A N   1 
ATOM   860  C CA  . GLU A 1 108 ? 0.067   11.311  -2.866  1.00 14.63 ? 105 GLU A CA  1 
ATOM   861  C C   . GLU A 1 108 ? 1.395   10.698  -3.249  1.00 13.92 ? 105 GLU A C   1 
ATOM   862  O O   . GLU A 1 108 ? 2.430   10.979  -2.635  1.00 15.20 ? 105 GLU A O   1 
ATOM   863  C CB  . GLU A 1 108 ? -0.100  12.662  -3.562  1.00 15.60 ? 105 GLU A CB  1 
ATOM   864  C CG  . GLU A 1 108 ? -1.526  13.185  -3.377  1.00 16.65 ? 105 GLU A CG  1 
ATOM   865  C CD  . GLU A 1 108 ? -1.803  14.466  -4.132  1.00 22.15 ? 105 GLU A CD  1 
ATOM   866  O OE1 . GLU A 1 108 ? -1.011  14.875  -5.024  1.00 23.58 ? 105 GLU A OE1 1 
ATOM   867  O OE2 . GLU A 1 108 ? -2.855  15.058  -3.829  1.00 24.05 ? 105 GLU A OE2 1 
ATOM   868  N N   . PHE A 1 109 ? 1.349   9.843   -4.257  1.00 12.78 ? 106 PHE A N   1 
ATOM   869  C CA  . PHE A 1 109 ? 2.566   9.187   -4.745  1.00 12.99 ? 106 PHE A CA  1 
ATOM   870  C C   . PHE A 1 109 ? 2.446   9.090   -6.265  1.00 12.84 ? 106 PHE A C   1 
ATOM   871  O O   . PHE A 1 109 ? 1.379   8.782   -6.812  1.00 13.14 ? 106 PHE A O   1 
ATOM   872  C CB  . PHE A 1 109 ? 2.728   7.816   -4.102  1.00 12.77 ? 106 PHE A CB  1 
ATOM   873  C CG  . PHE A 1 109 ? 3.959   7.098   -4.536  1.00 12.64 ? 106 PHE A CG  1 
ATOM   874  C CD1 . PHE A 1 109 ? 5.172   7.343   -3.908  1.00 12.21 ? 106 PHE A CD1 1 
ATOM   875  C CD2 . PHE A 1 109 ? 3.904   6.159   -5.553  1.00 13.09 ? 106 PHE A CD2 1 
ATOM   876  C CE1 . PHE A 1 109 ? 6.340   6.664   -4.360  1.00 13.19 ? 106 PHE A CE1 1 
ATOM   877  C CE2 . PHE A 1 109 ? 5.053   5.479   -5.956  1.00 14.71 ? 106 PHE A CE2 1 
ATOM   878  C CZ  . PHE A 1 109 ? 6.250   5.754   -5.351  1.00 14.18 ? 106 PHE A CZ  1 
ATOM   879  N N   . PRO A 1 110 ? 3.544   9.373   -6.999  1.00 13.34 ? 107 PRO A N   1 
ATOM   880  C CA  . PRO A 1 110 ? 3.390   9.378   -8.468  1.00 13.44 ? 107 PRO A CA  1 
ATOM   881  C C   . PRO A 1 110 ? 3.029   8.012   -9.123  1.00 12.23 ? 107 PRO A C   1 
ATOM   882  O O   . PRO A 1 110 ? 3.528   6.953   -8.686  1.00 12.68 ? 107 PRO A O   1 
ATOM   883  C CB  . PRO A 1 110 ? 4.755   9.913   -8.960  1.00 13.33 ? 107 PRO A CB  1 
ATOM   884  C CG  . PRO A 1 110 ? 5.705   9.563   -7.815  1.00 16.04 ? 107 PRO A CG  1 
ATOM   885  C CD  . PRO A 1 110 ? 4.907   9.725   -6.547  1.00 14.64 ? 107 PRO A CD  1 
ATOM   886  N N   . ASN A 1 111 ? 2.167   8.066   -10.142 1.00 12.16 ? 108 ASN A N   1 
ATOM   887  C CA  . ASN A 1 111 ? 1.828   6.890   -10.945 1.00 12.47 ? 108 ASN A CA  1 
ATOM   888  C C   . ASN A 1 111 ? 2.988   6.748   -11.946 1.00 12.26 ? 108 ASN A C   1 
ATOM   889  O O   . ASN A 1 111 ? 2.914   7.166   -13.098 1.00 13.19 ? 108 ASN A O   1 
ATOM   890  C CB  . ASN A 1 111 ? 0.461   7.097   -11.633 1.00 12.47 ? 108 ASN A CB  1 
ATOM   891  C CG  . ASN A 1 111 ? -0.083  5.862   -12.376 1.00 14.06 ? 108 ASN A CG  1 
ATOM   892  O OD1 . ASN A 1 111 ? -1.296  5.822   -12.714 1.00 18.61 ? 108 ASN A OD1 1 
ATOM   893  N ND2 . ASN A 1 111 ? 0.744   4.913   -12.678 1.00 11.51 ? 108 ASN A ND2 1 
ATOM   894  N N   . ARG A 1 112 ? 4.066   6.155   -11.465 1.00 11.58 ? 109 ARG A N   1 
ATOM   895  C CA  . ARG A 1 112 ? 5.350   6.230   -12.206 1.00 11.82 ? 109 ARG A CA  1 
ATOM   896  C C   . ARG A 1 112 ? 5.349   5.456   -13.518 1.00 13.35 ? 109 ARG A C   1 
ATOM   897  O O   . ARG A 1 112 ? 6.109   5.808   -14.422 1.00 14.31 ? 109 ARG A O   1 
ATOM   898  C CB  . ARG A 1 112 ? 6.518   5.790   -11.308 1.00 11.79 ? 109 ARG A CB  1 
ATOM   899  C CG  . ARG A 1 112 ? 6.844   6.783   -10.205 1.00 12.07 ? 109 ARG A CG  1 
ATOM   900  C CD  . ARG A 1 112 ? 7.812   6.211   -9.170  1.00 10.71 ? 109 ARG A CD  1 
ATOM   901  N NE  . ARG A 1 112 ? 8.336   7.213   -8.263  1.00 12.44 ? 109 ARG A NE  1 
ATOM   902  C CZ  . ARG A 1 112 ? 9.066   6.916   -7.191  1.00 12.41 ? 109 ARG A CZ  1 
ATOM   903  N NH1 . ARG A 1 112 ? 9.512   7.909   -6.427  1.00 13.21 ? 109 ARG A NH1 1 
ATOM   904  N NH2 . ARG A 1 112 ? 9.348   5.650   -6.888  1.00 10.59 ? 109 ARG A NH2 1 
ATOM   905  N N   . HIS A 1 113 ? 4.504   4.438   -13.647 1.00 13.10 ? 110 HIS A N   1 
ATOM   906  C CA  . HIS A 1 113 ? 4.403   3.670   -14.905 1.00 13.53 ? 110 HIS A CA  1 
ATOM   907  C C   . HIS A 1 113 ? 3.229   4.105   -15.794 1.00 14.79 ? 110 HIS A C   1 
ATOM   908  O O   . HIS A 1 113 ? 3.018   3.539   -16.864 1.00 15.83 ? 110 HIS A O   1 
ATOM   909  C CB  . HIS A 1 113 ? 4.391   2.165   -14.612 1.00 13.53 ? 110 HIS A CB  1 
ATOM   910  C CG  . HIS A 1 113 ? 4.355   1.283   -15.822 1.00 16.02 ? 110 HIS A CG  1 
ATOM   911  N ND1 . HIS A 1 113 ? 5.457   1.040   -16.613 1.00 20.06 ? 110 HIS A ND1 1 
ATOM   912  C CD2 . HIS A 1 113 ? 3.346   0.551   -16.352 1.00 16.22 ? 110 HIS A CD2 1 
ATOM   913  C CE1 . HIS A 1 113 ? 5.117   0.219   -17.594 1.00 17.14 ? 110 HIS A CE1 1 
ATOM   914  N NE2 . HIS A 1 113 ? 3.841   -0.082  -17.464 1.00 22.28 ? 110 HIS A NE2 1 
ATOM   915  N N   . GLY A 1 114 ? 2.478   5.112   -15.372 1.00 15.55 ? 111 GLY A N   1 
ATOM   916  C CA  . GLY A 1 114 ? 1.391   5.635   -16.208 1.00 15.96 ? 111 GLY A CA  1 
ATOM   917  C C   . GLY A 1 114 ? 0.296   4.613   -16.501 1.00 16.58 ? 111 GLY A C   1 
ATOM   918  O O   . GLY A 1 114 ? -0.277  4.556   -17.608 1.00 17.05 ? 111 GLY A O   1 
ATOM   919  N N   . ASP A 1 115 ? -0.007  3.815   -15.479 1.00 16.52 ? 112 ASP A N   1 
ATOM   920  C CA  . ASP A 1 115 ? -1.031  2.763   -15.583 1.00 16.90 ? 112 ASP A CA  1 
ATOM   921  C C   . ASP A 1 115 ? -2.457  3.271   -15.451 1.00 16.76 ? 112 ASP A C   1 
ATOM   922  O O   . ASP A 1 115 ? -2.733  4.158   -14.660 1.00 16.97 ? 112 ASP A O   1 
ATOM   923  C CB  . ASP A 1 115 ? -0.784  1.749   -14.472 1.00 16.58 ? 112 ASP A CB  1 
ATOM   924  C CG  . ASP A 1 115 ? 0.535   1.063   -14.607 1.00 17.80 ? 112 ASP A CG  1 
ATOM   925  O OD1 . ASP A 1 115 ? 1.318   1.047   -13.639 1.00 18.00 ? 112 ASP A OD1 1 
ATOM   926  O OD2 . ASP A 1 115 ? 0.774   0.509   -15.695 1.00 20.38 ? 112 ASP A OD2 1 
ATOM   927  N N   . GLU A 1 116 ? -3.346  2.681   -16.253 1.00 18.43 ? 113 GLU A N   1 
ATOM   928  C CA  . GLU A 1 116 ? -4.771  2.969   -16.174 1.00 19.16 ? 113 GLU A CA  1 
ATOM   929  C C   . GLU A 1 116 ? -5.569  1.884   -15.432 1.00 19.08 ? 113 GLU A C   1 
ATOM   930  O O   . GLU A 1 116 ? -6.763  2.054   -15.178 1.00 19.01 ? 113 GLU A O   1 
ATOM   931  C CB  . GLU A 1 116 ? -5.347  3.182   -17.583 1.00 20.34 ? 113 GLU A CB  1 
ATOM   932  C CG  . GLU A 1 116 ? -4.832  4.482   -18.218 1.00 25.05 ? 113 GLU A CG  1 
ATOM   933  C CD  . GLU A 1 116 ? -5.155  4.580   -19.689 1.00 31.04 ? 113 GLU A CD  1 
ATOM   934  O OE1 . GLU A 1 116 ? -6.174  4.001   -20.129 1.00 32.51 ? 113 GLU A OE1 1 
ATOM   935  O OE2 . GLU A 1 116 ? -4.367  5.233   -20.409 1.00 36.27 ? 113 GLU A OE2 1 
ATOM   936  N N   . ALA A 1 117 ? -4.906  0.784   -15.104 1.00 18.27 ? 114 ALA A N   1 
ATOM   937  C CA  . ALA A 1 117 ? -5.566  -0.306  -14.380 1.00 17.75 ? 114 ALA A CA  1 
ATOM   938  C C   . ALA A 1 117 ? -4.493  -1.128  -13.699 1.00 16.80 ? 114 ALA A C   1 
ATOM   939  O O   . ALA A 1 117 ? -3.353  -1.185  -14.162 1.00 17.80 ? 114 ALA A O   1 
ATOM   940  C CB  . ALA A 1 117 ? -6.381  -1.194  -15.334 1.00 18.77 ? 114 ALA A CB  1 
ATOM   941  N N   . PHE A 1 118 ? -4.887  -1.808  -12.624 1.00 15.93 ? 115 PHE A N   1 
ATOM   942  C CA  . PHE A 1 118 ? -4.019  -2.742  -11.916 1.00 15.56 ? 115 PHE A CA  1 
ATOM   943  C C   . PHE A 1 118 ? -4.726  -4.071  -11.735 1.00 16.53 ? 115 PHE A C   1 
ATOM   944  O O   . PHE A 1 118 ? -5.945  -4.127  -11.756 1.00 17.21 ? 115 PHE A O   1 
ATOM   945  C CB  . PHE A 1 118 ? -3.609  -2.170  -10.554 1.00 15.06 ? 115 PHE A CB  1 
ATOM   946  C CG  . PHE A 1 118 ? -2.893  -0.840  -10.675 1.00 14.51 ? 115 PHE A CG  1 
ATOM   947  C CD1 . PHE A 1 118 ? -1.567  -0.787  -11.099 1.00 15.85 ? 115 PHE A CD1 1 
ATOM   948  C CD2 . PHE A 1 118 ? -3.572  0.353   -10.465 1.00 12.73 ? 115 PHE A CD2 1 
ATOM   949  C CE1 . PHE A 1 118 ? -0.933  0.447   -11.266 1.00 15.55 ? 115 PHE A CE1 1 
ATOM   950  C CE2 . PHE A 1 118 ? -2.933  1.589   -10.629 1.00 15.95 ? 115 PHE A CE2 1 
ATOM   951  C CZ  . PHE A 1 118 ? -1.605  1.623   -11.036 1.00 13.08 ? 115 PHE A CZ  1 
ATOM   952  N N   . ASN A 1 119 ? -3.959  -5.138  -11.608 1.00 15.74 ? 116 ASN A N   1 
ATOM   953  C CA  . ASN A 1 119 ? -4.567  -6.440  -11.522 1.00 16.43 ? 116 ASN A CA  1 
ATOM   954  C C   . ASN A 1 119 ? -4.199  -7.255  -10.290 1.00 16.55 ? 116 ASN A C   1 
ATOM   955  O O   . ASN A 1 119 ? -4.661  -8.388  -10.156 1.00 16.69 ? 116 ASN A O   1 
ATOM   956  C CB  . ASN A 1 119 ? -4.311  -7.203  -12.814 1.00 16.78 ? 116 ASN A CB  1 
ATOM   957  C CG  . ASN A 1 119 ? -2.853  -7.382  -13.100 1.00 19.29 ? 116 ASN A CG  1 
ATOM   958  O OD1 . ASN A 1 119 ? -2.113  -7.978  -12.309 1.00 20.78 ? 116 ASN A OD1 1 
ATOM   959  N ND2 . ASN A 1 119 ? -2.417  -6.878  -14.266 1.00 21.51 ? 116 ASN A ND2 1 
ATOM   960  N N   . PHE A 1 120 ? -3.411  -6.681  -9.379  1.00 15.83 ? 117 PHE A N   1 
ATOM   961  C CA  . PHE A 1 120 ? -3.139  -7.352  -8.099  1.00 16.49 ? 117 PHE A CA  1 
ATOM   962  C C   . PHE A 1 120 ? -2.895  -6.421  -6.947  1.00 15.57 ? 117 PHE A C   1 
ATOM   963  O O   . PHE A 1 120 ? -2.480  -5.276  -7.129  1.00 14.68 ? 117 PHE A O   1 
ATOM   964  C CB  . PHE A 1 120 ? -2.001  -8.374  -8.172  1.00 16.95 ? 117 PHE A CB  1 
ATOM   965  C CG  . PHE A 1 120 ? -0.625  -7.768  -8.211  1.00 17.77 ? 117 PHE A CG  1 
ATOM   966  C CD1 . PHE A 1 120 ? 0.073   -7.702  -9.417  1.00 20.45 ? 117 PHE A CD1 1 
ATOM   967  C CD2 . PHE A 1 120 ? -0.028  -7.269  -7.052  1.00 18.47 ? 117 PHE A CD2 1 
ATOM   968  C CE1 . PHE A 1 120 ? 1.367   -7.142  -9.464  1.00 22.13 ? 117 PHE A CE1 1 
ATOM   969  C CE2 . PHE A 1 120 ? 1.255   -6.674  -7.088  1.00 19.99 ? 117 PHE A CE2 1 
ATOM   970  C CZ  . PHE A 1 120 ? 1.949   -6.629  -8.299  1.00 20.53 ? 117 PHE A CZ  1 
ATOM   971  N N   . ILE A 1 121 ? -3.201  -6.931  -5.756  1.00 15.41 ? 118 ILE A N   1 
ATOM   972  C CA  . ILE A 1 121 ? -2.818  -6.278  -4.500  1.00 15.08 ? 118 ILE A CA  1 
ATOM   973  C C   . ILE A 1 121 ? -2.420  -7.371  -3.545  1.00 15.42 ? 118 ILE A C   1 
ATOM   974  O O   . ILE A 1 121 ? -3.127  -8.383  -3.421  1.00 16.37 ? 118 ILE A O   1 
ATOM   975  C CB  . ILE A 1 121 ? -3.954  -5.369  -3.845  1.00 15.90 ? 118 ILE A CB  1 
ATOM   976  C CG1 . ILE A 1 121 ? -3.478  -4.753  -2.503  1.00 14.87 ? 118 ILE A CG1 1 
ATOM   977  C CG2 . ILE A 1 121 ? -5.314  -6.115  -3.760  1.00 15.61 ? 118 ILE A CG2 1 
ATOM   978  C CD1 . ILE A 1 121 ? -3.721  -5.586  -1.243  1.00 17.67 ? 118 ILE A CD1 1 
ATOM   979  N N   . TYR A 1 122 ? -1.270  -7.196  -2.886  1.00 14.64 ? 119 TYR A N   1 
ATOM   980  C CA  . TYR A 1 122 ? -0.900  -8.124  -1.824  1.00 15.53 ? 119 TYR A CA  1 
ATOM   981  C C   . TYR A 1 122 ? -0.317  -7.464  -0.592  1.00 15.05 ? 119 TYR A C   1 
ATOM   982  O O   . TYR A 1 122 ? 0.251   -6.352  -0.662  1.00 14.29 ? 119 TYR A O   1 
ATOM   983  C CB  . TYR A 1 122 ? 0.025   -9.242  -2.328  1.00 15.64 ? 119 TYR A CB  1 
ATOM   984  C CG  . TYR A 1 122 ? 1.427   -8.817  -2.686  1.00 15.93 ? 119 TYR A CG  1 
ATOM   985  C CD1 . TYR A 1 122 ? 2.430   -8.785  -1.717  1.00 15.46 ? 119 TYR A CD1 1 
ATOM   986  C CD2 . TYR A 1 122 ? 1.755   -8.495  -4.000  1.00 17.79 ? 119 TYR A CD2 1 
ATOM   987  C CE1 . TYR A 1 122 ? 3.742   -8.422  -2.061  1.00 16.29 ? 119 TYR A CE1 1 
ATOM   988  C CE2 . TYR A 1 122 ? 3.044   -8.138  -4.362  1.00 17.73 ? 119 TYR A CE2 1 
ATOM   989  C CZ  . TYR A 1 122 ? 4.025   -8.089  -3.394  1.00 17.46 ? 119 TYR A CZ  1 
ATOM   990  O OH  . TYR A 1 122 ? 5.329   -7.760  -3.744  1.00 22.68 ? 119 TYR A OH  1 
ATOM   991  N N   . LEU A 1 123 ? -0.504  -8.122  0.550   1.00 15.38 ? 120 LEU A N   1 
ATOM   992  C CA  . LEU A 1 123 ? 0.045   -7.632  1.810   1.00 15.41 ? 120 LEU A CA  1 
ATOM   993  C C   . LEU A 1 123 ? 1.332   -8.380  2.094   1.00 15.56 ? 120 LEU A C   1 
ATOM   994  O O   . LEU A 1 123 ? 1.412   -9.556  1.790   1.00 16.81 ? 120 LEU A O   1 
ATOM   995  C CB  . LEU A 1 123 ? -0.956  -7.880  2.962   1.00 16.49 ? 120 LEU A CB  1 
ATOM   996  C CG  . LEU A 1 123 ? -0.918  -6.868  4.103   1.00 19.92 ? 120 LEU A CG  1 
ATOM   997  C CD1 . LEU A 1 123 ? -1.500  -5.586  3.528   1.00 23.03 ? 120 LEU A CD1 1 
ATOM   998  C CD2 . LEU A 1 123 ? -1.758  -7.267  5.266   1.00 20.15 ? 120 LEU A CD2 1 
ATOM   999  N N   . ALA A 1 124 ? 2.307   -7.685  2.693   1.00 14.26 ? 121 ALA A N   1 
ATOM   1000 C CA  . ALA A 1 124 ? 3.536   -8.327  3.182   1.00 13.67 ? 121 ALA A CA  1 
ATOM   1001 C C   . ALA A 1 124 ? 3.874   -7.852  4.583   1.00 13.73 ? 121 ALA A C   1 
ATOM   1002 O O   . ALA A 1 124 ? 3.483   -6.747  5.006   1.00 13.30 ? 121 ALA A O   1 
ATOM   1003 C CB  . ALA A 1 124 ? 4.712   -8.040  2.238   1.00 12.36 ? 121 ALA A CB  1 
ATOM   1004 N N   . GLY A 1 125 ? 4.596   -8.672  5.334   1.00 13.21 ? 122 GLY A N   1 
ATOM   1005 C CA  . GLY A 1 125 ? 5.063   -8.212  6.629   1.00 12.82 ? 122 GLY A CA  1 
ATOM   1006 C C   . GLY A 1 125 ? 4.223   -8.586  7.836   1.00 14.46 ? 122 GLY A C   1 
ATOM   1007 O O   . GLY A 1 125 ? 3.701   -9.716  7.930   1.00 17.09 ? 122 GLY A O   1 
ATOM   1008 N N   . ASP A 1 126 ? 4.199   -7.697  8.814   1.00 12.23 ? 123 ASP A N   1 
ATOM   1009 C CA  . ASP A 1 126 ? 3.724   -8.034  10.146  1.00 12.93 ? 123 ASP A CA  1 
ATOM   1010 C C   . ASP A 1 126 ? 2.287   -7.594  10.373  1.00 12.72 ? 123 ASP A C   1 
ATOM   1011 O O   . ASP A 1 126 ? 1.995   -6.828  11.300  1.00 13.08 ? 123 ASP A O   1 
ATOM   1012 C CB  . ASP A 1 126 ? 4.627   -7.390  11.184  1.00 13.00 ? 123 ASP A CB  1 
ATOM   1013 C CG  . ASP A 1 126 ? 6.109   -7.809  11.031  1.00 13.27 ? 123 ASP A CG  1 
ATOM   1014 O OD1 . ASP A 1 126 ? 7.013   -6.975  11.303  1.00 13.83 ? 123 ASP A OD1 1 
ATOM   1015 O OD2 . ASP A 1 126 ? 6.332   -8.964  10.586  1.00 17.61 ? 123 ASP A OD2 1 
ATOM   1016 N N   . ALA A 1 127 ? 1.415   -8.116  9.500   1.00 12.95 ? 124 ALA A N   1 
ATOM   1017 C CA  . ALA A 1 127 ? -0.040  -7.837  9.575   1.00 13.48 ? 124 ALA A CA  1 
ATOM   1018 C C   . ALA A 1 127 ? -0.787  -8.951  8.870   1.00 13.97 ? 124 ALA A C   1 
ATOM   1019 O O   . ALA A 1 127 ? -0.194  -9.748  8.143   1.00 15.41 ? 124 ALA A O   1 
ATOM   1020 C CB  . ALA A 1 127 ? -0.382  -6.468  8.974   1.00 13.64 ? 124 ALA A CB  1 
ATOM   1021 N N   . ARG A 1 128 ? -2.099  -9.030  9.097   1.00 14.72 ? 125 ARG A N   1 
ATOM   1022 C CA  . ARG A 1 128 ? -2.946  -9.964  8.347   1.00 16.28 ? 125 ARG A CA  1 
ATOM   1023 C C   . ARG A 1 128 ? -4.087  -9.208  7.726   1.00 16.38 ? 125 ARG A C   1 
ATOM   1024 O O   . ARG A 1 128 ? -4.666  -8.329  8.369   1.00 16.41 ? 125 ARG A O   1 
ATOM   1025 C CB  . ARG A 1 128 ? -3.465  -11.116 9.215   1.00 18.27 ? 125 ARG A CB  1 
ATOM   1026 C CG  . ARG A 1 128 ? -4.551  -10.790 10.174  1.00 24.12 ? 125 ARG A CG  1 
ATOM   1027 C CD  . ARG A 1 128 ? -4.952  -12.042 10.957  1.00 31.30 ? 125 ARG A CD  1 
ATOM   1028 N NE  . ARG A 1 128 ? -5.700  -11.647 12.143  1.00 35.81 ? 125 ARG A NE  1 
ATOM   1029 C CZ  . ARG A 1 128 ? -7.015  -11.747 12.274  1.00 38.24 ? 125 ARG A CZ  1 
ATOM   1030 N NH1 . ARG A 1 128 ? -7.759  -12.268 11.294  1.00 40.10 ? 125 ARG A NH1 1 
ATOM   1031 N NH2 . ARG A 1 128 ? -7.583  -11.319 13.395  1.00 40.36 ? 125 ARG A NH2 1 
ATOM   1032 N N   . LEU A 1 129 ? -4.339  -9.499  6.461   1.00 17.10 ? 126 LEU A N   1 
ATOM   1033 C CA  . LEU A 1 129 ? -5.431  -8.887  5.722   1.00 18.23 ? 126 LEU A CA  1 
ATOM   1034 C C   . LEU A 1 129 ? -6.709  -9.566  6.172   1.00 19.98 ? 126 LEU A C   1 
ATOM   1035 O O   . LEU A 1 129 ? -6.760  -10.797 6.241   1.00 21.58 ? 126 LEU A O   1 
ATOM   1036 C CB  . LEU A 1 129 ? -5.218  -9.129  4.229   1.00 18.94 ? 126 LEU A CB  1 
ATOM   1037 C CG  . LEU A 1 129 ? -6.204  -8.557  3.199   1.00 21.02 ? 126 LEU A CG  1 
ATOM   1038 C CD1 . LEU A 1 129 ? -5.497  -8.174  1.897   1.00 23.57 ? 126 LEU A CD1 1 
ATOM   1039 C CD2 . LEU A 1 129 ? -7.340  -9.529  2.884   1.00 25.39 ? 126 LEU A CD2 1 
ATOM   1040 N N   . THR A 1 130 ? -7.719  -8.755  6.483   1.00 18.79 ? 127 THR A N   1 
ATOM   1041 C CA  . THR A 1 130 ? -9.043  -9.240  6.892   1.00 19.76 ? 127 THR A CA  1 
ATOM   1042 C C   . THR A 1 130 ? -10.103 -8.945  5.847   1.00 17.92 ? 127 THR A C   1 
ATOM   1043 O O   . THR A 1 130 ? -11.122 -9.647  5.786   1.00 17.12 ? 127 THR A O   1 
ATOM   1044 C CB  . THR A 1 130 ? -9.505  -8.627  8.226   1.00 18.59 ? 127 THR A CB  1 
ATOM   1045 O OG1 . THR A 1 130 ? -9.462  -7.202  8.169   1.00 23.28 ? 127 THR A OG1 1 
ATOM   1046 C CG2 . THR A 1 130 ? -8.623  -9.124  9.383   1.00 23.55 ? 127 THR A CG2 1 
ATOM   1047 N N   . PHE A 1 131 ? -9.904  -7.904  5.040   1.00 15.84 ? 128 PHE A N   1 
ATOM   1048 C CA  . PHE A 1 131 ? -10.876 -7.671  3.977   1.00 15.49 ? 128 PHE A CA  1 
ATOM   1049 C C   . PHE A 1 131 ? -10.335 -6.834  2.857   1.00 15.09 ? 128 PHE A C   1 
ATOM   1050 O O   . PHE A 1 131 ? -9.364  -6.070  3.039   1.00 13.97 ? 128 PHE A O   1 
ATOM   1051 C CB  . PHE A 1 131 ? -12.170 -7.134  4.543   1.00 17.63 ? 128 PHE A CB  1 
ATOM   1052 C CG  . PHE A 1 131 ? -12.178 -5.676  4.779   1.00 17.37 ? 128 PHE A CG  1 
ATOM   1053 C CD1 . PHE A 1 131 ? -11.879 -5.161  6.051   1.00 22.34 ? 128 PHE A CD1 1 
ATOM   1054 C CD2 . PHE A 1 131 ? -12.560 -4.806  3.764   1.00 17.39 ? 128 PHE A CD2 1 
ATOM   1055 C CE1 . PHE A 1 131 ? -11.903 -3.771  6.300   1.00 20.65 ? 128 PHE A CE1 1 
ATOM   1056 C CE2 . PHE A 1 131 ? -12.588 -3.435  3.979   1.00 21.86 ? 128 PHE A CE2 1 
ATOM   1057 C CZ  . PHE A 1 131 ? -12.275 -2.909  5.247   1.00 21.75 ? 128 PHE A CZ  1 
ATOM   1058 N N   . VAL A 1 132 ? -10.942 -7.027  1.697   1.00 13.66 ? 129 VAL A N   1 
ATOM   1059 C CA  . VAL A 1 132 ? -10.635 -6.213  0.543   1.00 14.68 ? 129 VAL A CA  1 
ATOM   1060 C C   . VAL A 1 132 ? -11.950 -5.893  -0.122  1.00 15.58 ? 129 VAL A C   1 
ATOM   1061 O O   . VAL A 1 132 ? -12.810 -6.771  -0.229  1.00 15.01 ? 129 VAL A O   1 
ATOM   1062 C CB  . VAL A 1 132 ? -9.661  -6.938  -0.432  1.00 15.74 ? 129 VAL A CB  1 
ATOM   1063 C CG1 . VAL A 1 132 ? -10.117 -8.314  -0.786  1.00 20.27 ? 129 VAL A CG1 1 
ATOM   1064 C CG2 . VAL A 1 132 ? -9.460  -6.147  -1.717  1.00 17.28 ? 129 VAL A CG2 1 
ATOM   1065 N N   . ARG A 1 133 ? -12.108 -4.636  -0.538  1.00 15.41 ? 130 ARG A N   1 
ATOM   1066 C CA  . ARG A 1 133 ? -13.273 -4.234  -1.317  1.00 17.35 ? 130 ARG A CA  1 
ATOM   1067 C C   . ARG A 1 133 ? -12.815 -3.516  -2.563  1.00 18.80 ? 130 ARG A C   1 
ATOM   1068 O O   . ARG A 1 133 ? -11.905 -2.670  -2.488  1.00 18.07 ? 130 ARG A O   1 
ATOM   1069 C CB  . ARG A 1 133 ? -14.167 -3.305  -0.492  1.00 17.59 ? 130 ARG A CB  1 
ATOM   1070 C CG  . ARG A 1 133 ? -15.481 -2.962  -1.218  1.00 19.58 ? 130 ARG A CG  1 
ATOM   1071 C CD  . ARG A 1 133 ? -16.423 -2.137  -0.349  1.00 24.52 ? 130 ARG A CD  1 
ATOM   1072 N NE  . ARG A 1 133 ? -16.613 -2.686  0.993   1.00 31.68 ? 130 ARG A NE  1 
ATOM   1073 C CZ  . ARG A 1 133 ? -16.296 -2.058  2.127   1.00 35.58 ? 130 ARG A CZ  1 
ATOM   1074 N NH1 . ARG A 1 133 ? -15.763 -0.831  2.110   1.00 36.34 ? 130 ARG A NH1 1 
ATOM   1075 N NH2 . ARG A 1 133 ? -16.520 -2.664  3.291   1.00 37.40 ? 130 ARG A NH2 1 
ATOM   1076 N N   . LEU A 1 134 ? -13.441 -3.822  -3.697  1.00 19.65 ? 131 LEU A N   1 
ATOM   1077 C CA  . LEU A 1 134 ? -13.103 -3.115  -4.942  1.00 23.19 ? 131 LEU A CA  1 
ATOM   1078 C C   . LEU A 1 134 ? -14.341 -2.726  -5.723  1.00 24.52 ? 131 LEU A C   1 
ATOM   1079 O O   . LEU A 1 134 ? -15.079 -3.611  -6.190  1.00 25.37 ? 131 LEU A O   1 
ATOM   1080 C CB  . LEU A 1 134 ? -12.165 -3.976  -5.784  1.00 24.32 ? 131 LEU A CB  1 
ATOM   1081 C CG  . LEU A 1 134 ? -11.779 -3.515  -7.187  1.00 26.84 ? 131 LEU A CG  1 
ATOM   1082 C CD1 . LEU A 1 134 ? -10.960 -2.232  -7.102  1.00 27.80 ? 131 LEU A CD1 1 
ATOM   1083 C CD2 . LEU A 1 134 ? -10.985 -4.592  -7.875  1.00 30.27 ? 131 LEU A CD2 1 
ATOM   1084 N N   . GLU A 1 135 ? -14.576 -1.419  -5.869  1.00 25.99 ? 132 GLU A N   1 
ATOM   1085 C CA  . GLU A 1 135 ? -15.729 -0.954  -6.658  1.00 27.62 ? 132 GLU A CA  1 
ATOM   1086 C C   . GLU A 1 135 ? -15.529 0.420   -7.297  1.00 27.55 ? 132 GLU A C   1 
ATOM   1087 O O   . GLU A 1 135 ? -16.288 0.759   -8.211  1.00 27.61 ? 132 GLU A O   1 
ATOM   1088 C CB  . GLU A 1 135 ? -17.004 -0.947  -5.816  1.00 29.35 ? 132 GLU A CB  1 
ATOM   1089 C CG  . GLU A 1 135 ? -16.892 -0.163  -4.519  1.00 33.98 ? 132 GLU A CG  1 
ATOM   1090 C CD  . GLU A 1 135 ? -17.842 -0.691  -3.438  1.00 39.34 ? 132 GLU A CD  1 
ATOM   1091 O OE1 . GLU A 1 135 ? -18.045 0.030   -2.430  1.00 42.09 ? 132 GLU A OE1 1 
ATOM   1092 O OE2 . GLU A 1 135 ? -18.369 -1.828  -3.591  1.00 41.48 ? 132 GLU A OE2 1 
ATOM   1093 O OXT . GLU A 1 135 ? -14.656 1.208   -6.920  1.00 25.66 ? 132 GLU A OXT 1 
HETATM 1094 C C2  . BGC B 2 .   ? 16.806  2.145   3.239   1.00 17.44 ? 1   BGC B C2  1 
HETATM 1095 C C3  . BGC B 2 .   ? 15.599  1.214   3.398   1.00 15.77 ? 1   BGC B C3  1 
HETATM 1096 C C4  . BGC B 2 .   ? 15.680  0.009   2.465   1.00 15.68 ? 1   BGC B C4  1 
HETATM 1097 C C5  . BGC B 2 .   ? 17.037  -0.654  2.757   1.00 19.58 ? 1   BGC B C5  1 
HETATM 1098 C C6  . BGC B 2 .   ? 17.310  -1.900  1.932   1.00 22.17 ? 1   BGC B C6  1 
HETATM 1099 C C1  . BGC B 2 .   ? 18.071  1.320   3.462   1.00 21.04 ? 1   BGC B C1  1 
HETATM 1100 O O1  . BGC B 2 .   ? 19.200  2.104   3.177   1.00 28.23 ? 1   BGC B O1  1 
HETATM 1101 O O2  . BGC B 2 .   ? 16.748  3.179   4.183   1.00 20.08 ? 1   BGC B O2  1 
HETATM 1102 O O3  . BGC B 2 .   ? 14.407  1.927   3.143   1.00 15.70 ? 1   BGC B O3  1 
HETATM 1103 O O4  . BGC B 2 .   ? 14.656  -0.912  2.813   1.00 12.96 ? 1   BGC B O4  1 
HETATM 1104 O O5  . BGC B 2 .   ? 18.057  0.293   2.504   1.00 20.93 ? 1   BGC B O5  1 
HETATM 1105 O O6  . BGC B 2 .   ? 17.220  -1.569  0.566   1.00 25.12 ? 1   BGC B O6  1 
HETATM 1106 C C1  . GAL B 2 .   ? 13.890  -1.399  1.696   1.00 13.30 ? 2   GAL B C1  1 
HETATM 1107 C C2  . GAL B 2 .   ? 13.134  -2.665  2.157   1.00 12.81 ? 2   GAL B C2  1 
HETATM 1108 C C3  . GAL B 2 .   ? 12.177  -3.159  1.076   1.00 12.54 ? 2   GAL B C3  1 
HETATM 1109 C C4  . GAL B 2 .   ? 11.271  -1.993  0.655   1.00 13.04 ? 2   GAL B C4  1 
HETATM 1110 C C5  . GAL B 2 .   ? 12.188  -0.854  0.177   1.00 12.74 ? 2   GAL B C5  1 
HETATM 1111 C C6  . GAL B 2 .   ? 11.385  0.348   -0.283  1.00 13.66 ? 2   GAL B C6  1 
HETATM 1112 O O2  . GAL B 2 .   ? 14.052  -3.705  2.510   1.00 13.27 ? 2   GAL B O2  1 
HETATM 1113 O O3  . GAL B 2 .   ? 11.418  -4.229  1.583   1.00 13.57 ? 2   GAL B O3  1 
HETATM 1114 O O4  . GAL B 2 .   ? 10.439  -1.633  1.748   1.00 12.41 ? 2   GAL B O4  1 
HETATM 1115 O O5  . GAL B 2 .   ? 13.021  -0.378  1.232   1.00 12.95 ? 2   GAL B O5  1 
HETATM 1116 O O6  . GAL B 2 .   ? 12.246  1.339   -0.820  1.00 13.98 ? 2   GAL B O6  1 
HETATM 1117 O O   . HOH C 3 .   ? -10.011 -2.994  9.691   1.00 31.52 ? 135 HOH A O   1 
HETATM 1118 O O   . HOH C 3 .   ? 3.172   12.099  -11.704 1.00 29.53 ? 136 HOH A O   1 
HETATM 1119 O O   . HOH C 3 .   ? -8.436  2.232   10.659  1.00 19.01 ? 137 HOH A O   1 
HETATM 1120 O O   . HOH C 3 .   ? 1.271   13.888  -16.959 1.00 23.96 ? 138 HOH A O   1 
HETATM 1121 O O   . HOH C 3 .   ? 4.839   10.336  -1.137  1.00 22.70 ? 139 HOH A O   1 
HETATM 1122 O O   . HOH C 3 .   ? -1.755  14.749  -9.843  1.00 25.19 ? 140 HOH A O   1 
HETATM 1123 O O   . HOH C 3 .   ? 12.465  -8.403  -5.769  1.00 58.97 ? 141 HOH A O   1 
HETATM 1124 O O   . HOH C 3 .   ? 9.726   12.204  0.830   1.00 28.50 ? 142 HOH A O   1 
HETATM 1125 O O   . HOH C 3 .   ? 5.703   -2.663  17.143  1.00 28.68 ? 143 HOH A O   1 
HETATM 1126 O O   . HOH C 3 .   ? -7.827  0.385   15.244  1.00 17.69 ? 144 HOH A O   1 
HETATM 1127 O O   . HOH C 3 .   ? 4.591   3.069   -10.281 1.00 16.17 ? 145 HOH A O   1 
HETATM 1128 O O   . HOH C 3 .   ? 8.769   10.008  -9.094  1.00 23.21 ? 146 HOH A O   1 
HETATM 1129 O O   . HOH C 3 .   ? -6.178  15.170  4.457   1.00 40.09 ? 147 HOH A O   1 
HETATM 1130 O O   . HOH C 3 .   ? 15.552  3.189   6.881   1.00 25.68 ? 148 HOH A O   1 
HETATM 1131 O O   . HOH C 3 .   ? 2.482   3.440   16.423  1.00 36.95 ? 149 HOH A O   1 
HETATM 1132 O O   . HOH C 3 .   ? 5.029   11.749  1.136   1.00 29.25 ? 150 HOH A O   1 
HETATM 1133 O O   . HOH C 3 .   ? 4.681   12.802  -4.200  1.00 27.32 ? 151 HOH A O   1 
HETATM 1134 O O   . HOH C 3 .   ? -2.756  -2.657  -16.288 1.00 34.75 ? 152 HOH A O   1 
HETATM 1135 O O   . HOH C 3 .   ? 7.127   -4.602  3.604   1.00 15.32 ? 153 HOH A O   1 
HETATM 1136 O O   . HOH C 3 .   ? 12.056  6.897   -8.791  1.00 17.65 ? 154 HOH A O   1 
HETATM 1137 O O   . HOH C 3 .   ? 3.657   -11.341 0.779   1.00 30.43 ? 155 HOH A O   1 
HETATM 1138 O O   . HOH C 3 .   ? 8.755   -5.279  1.423   1.00 15.49 ? 156 HOH A O   1 
HETATM 1139 O O   . HOH C 3 .   ? -2.052  -11.307 5.067   1.00 16.77 ? 157 HOH A O   1 
HETATM 1140 O O   . HOH C 3 .   ? 2.821   12.648  -6.166  1.00 30.91 ? 158 HOH A O   1 
HETATM 1141 O O   . HOH C 3 .   ? 6.696   13.041  -6.775  1.00 42.97 ? 159 HOH A O   1 
HETATM 1142 O O   . HOH C 3 .   ? 2.492   3.069   -11.911 1.00 15.52 ? 160 HOH A O   1 
HETATM 1143 O O   . HOH C 3 .   ? -2.292  -9.467  12.869  1.00 18.73 ? 161 HOH A O   1 
HETATM 1144 O O   . HOH C 3 .   ? 1.650   14.867  -5.656  1.00 28.77 ? 162 HOH A O   1 
HETATM 1145 O O   . HOH C 3 .   ? -2.653  0.785   -18.286 1.00 27.63 ? 163 HOH A O   1 
HETATM 1146 O O   . HOH C 3 .   ? -3.323  0.140   13.315  1.00 19.07 ? 164 HOH A O   1 
HETATM 1147 O O   . HOH C 3 .   ? -6.563  9.961   -15.506 1.00 23.66 ? 165 HOH A O   1 
HETATM 1148 O O   . HOH C 3 .   ? 10.859  -10.265 5.561   1.00 34.36 ? 166 HOH A O   1 
HETATM 1149 O O   . HOH C 3 .   ? -4.843  2.232   11.982  1.00 17.24 ? 167 HOH A O   1 
HETATM 1150 O O   . HOH C 3 .   ? 2.061   9.155   -14.772 1.00 17.20 ? 168 HOH A O   1 
HETATM 1151 O O   . HOH C 3 .   ? 9.625   -10.744 -8.351  1.00 46.34 ? 169 HOH A O   1 
HETATM 1152 O O   . HOH C 3 .   ? -10.403 3.266   4.090   1.00 27.20 ? 170 HOH A O   1 
HETATM 1153 O O   . HOH C 3 .   ? -8.061  -4.197  19.929  1.00 45.64 ? 171 HOH A O   1 
HETATM 1154 O O   . HOH C 3 .   ? 2.317   6.921   15.423  1.00 33.89 ? 172 HOH A O   1 
HETATM 1155 O O   . HOH C 3 .   ? 11.850  9.777   -8.451  1.00 27.31 ? 173 HOH A O   1 
HETATM 1156 O O   . HOH C 3 .   ? 12.306  8.355   9.126   1.00 27.19 ? 174 HOH A O   1 
HETATM 1157 O O   . HOH C 3 .   ? -8.485  4.927   5.317   1.00 20.21 ? 175 HOH A O   1 
HETATM 1158 O O   . HOH C 3 .   ? -7.970  7.571   -1.886  1.00 20.94 ? 176 HOH A O   1 
HETATM 1159 O O   . HOH C 3 .   ? -13.388 0.256   -1.971  1.00 23.20 ? 177 HOH A O   1 
HETATM 1160 O O   . HOH C 3 .   ? 16.473  -2.610  -5.458  1.00 23.54 ? 178 HOH A O   1 
HETATM 1161 O O   . HOH C 3 .   ? -8.072  -2.067  16.724  1.00 20.08 ? 179 HOH A O   1 
HETATM 1162 O O   . HOH C 3 .   ? -10.381 7.611   -0.800  1.00 32.07 ? 180 HOH A O   1 
HETATM 1163 O O   . HOH C 3 .   ? 12.688  9.642   1.589   1.00 29.33 ? 181 HOH A O   1 
HETATM 1164 O O   . HOH C 3 .   ? 4.999   -0.089  17.848  1.00 26.55 ? 182 HOH A O   1 
HETATM 1165 O O   . HOH C 3 .   ? 8.844   -8.098  1.922   1.00 28.93 ? 183 HOH A O   1 
HETATM 1166 O O   . HOH C 3 .   ? 5.838   9.683   -13.439 1.00 30.47 ? 184 HOH A O   1 
HETATM 1167 O O   . HOH C 3 .   ? 7.570   -6.787  5.247   1.00 18.41 ? 185 HOH A O   1 
HETATM 1168 O O   . HOH C 3 .   ? 9.595   5.753   -13.410 1.00 18.40 ? 186 HOH A O   1 
HETATM 1169 O O   . HOH C 3 .   ? -10.795 6.517   5.833   1.00 22.41 ? 187 HOH A O   1 
HETATM 1170 O O   . HOH C 3 .   ? 7.252   -5.505  -0.884  1.00 22.22 ? 188 HOH A O   1 
HETATM 1171 O O   . HOH C 3 .   ? -6.271  12.832  -15.376 1.00 33.35 ? 189 HOH A O   1 
HETATM 1172 O O   . HOH C 3 .   ? 8.420   -7.616  7.806   1.00 30.91 ? 190 HOH A O   1 
HETATM 1173 O O   . HOH C 3 .   ? 8.520   -10.242 7.409   1.00 36.11 ? 191 HOH A O   1 
HETATM 1174 O O   . HOH C 3 .   ? -7.112  10.215  -0.967  1.00 42.19 ? 192 HOH A O   1 
HETATM 1175 O O   . HOH C 3 .   ? 4.789   13.211  -15.560 1.00 19.08 ? 193 HOH A O   1 
HETATM 1176 O O   . HOH C 3 .   ? -2.748  -9.150  16.001  1.00 31.18 ? 194 HOH A O   1 
HETATM 1177 O O   . HOH C 3 .   ? -10.655 3.606   9.434   0.50 21.61 ? 195 HOH A O   1 
HETATM 1178 O O   . HOH C 3 .   ? 7.244   -7.986  -1.943  1.00 27.42 ? 196 HOH A O   1 
HETATM 1179 O O   . HOH C 3 .   ? 6.532   -8.458  -6.255  1.00 38.67 ? 197 HOH A O   1 
HETATM 1180 O O   . HOH C 3 .   ? 5.014   -8.164  -8.610  1.00 28.73 ? 198 HOH A O   1 
HETATM 1181 O O   . HOH C 3 .   ? 3.348   -10.240 -8.897  1.00 37.50 ? 199 HOH A O   1 
HETATM 1182 O O   . HOH C 3 .   ? 0.433   -9.057  -12.671 1.00 27.97 ? 200 HOH A O   1 
HETATM 1183 O O   . HOH C 3 .   ? -2.925  -10.506 -11.333 1.00 25.93 ? 201 HOH A O   1 
HETATM 1184 O O   . HOH C 3 .   ? 5.522   9.644   12.758  1.00 26.88 ? 202 HOH A O   1 
HETATM 1185 O O   . HOH C 3 .   ? 0.689   10.472  12.971  1.00 32.95 ? 203 HOH A O   1 
HETATM 1186 O O   . HOH C 3 .   ? -4.515  14.179  -1.946  1.00 25.83 ? 204 HOH A O   1 
HETATM 1187 O O   . HOH C 3 .   ? -0.568  -10.465 16.627  1.00 26.80 ? 205 HOH A O   1 
HETATM 1188 O O   . HOH C 3 .   ? 5.253   -9.883  13.755  1.00 25.50 ? 206 HOH A O   1 
HETATM 1189 O O   . HOH C 3 .   ? -0.504  -12.539 11.413  1.00 32.90 ? 207 HOH A O   1 
HETATM 1190 O O   . HOH C 3 .   ? -4.227  -5.127  -15.616 1.00 34.27 ? 208 HOH A O   1 
HETATM 1191 O O   . HOH C 3 .   ? 15.510  6.169   -2.396  1.00 22.98 ? 209 HOH A O   1 
HETATM 1192 O O   . HOH C 3 .   ? 15.295  1.167   -1.505  1.00 30.80 ? 210 HOH A O   1 
HETATM 1193 O O   . HOH C 3 .   ? 6.824   2.099   -11.522 1.00 16.73 ? 211 HOH A O   1 
HETATM 1194 O O   . HOH C 3 .   ? 6.453   -0.481  -11.508 1.00 21.61 ? 212 HOH A O   1 
HETATM 1195 O O   . HOH C 3 .   ? 2.547   12.007  -14.469 1.00 22.85 ? 213 HOH A O   1 
HETATM 1196 O O   . HOH C 3 .   ? 3.003   16.265  -16.626 1.00 26.12 ? 214 HOH A O   1 
HETATM 1197 O O   . HOH C 3 .   ? 7.652   7.968   -14.694 1.00 19.35 ? 215 HOH A O   1 
HETATM 1198 O O   . HOH C 3 .   ? -6.242  9.175   -18.258 1.00 32.14 ? 216 HOH A O   1 
HETATM 1199 O O   . HOH C 3 .   ? 2.463   0.722   17.892  1.00 23.54 ? 217 HOH A O   1 
HETATM 1200 O O   . HOH C 3 .   ? 3.258   -3.944  -11.121 1.00 24.00 ? 218 HOH A O   1 
HETATM 1201 O O   . HOH C 3 .   ? 7.810   -7.175  -14.228 1.00 35.47 ? 219 HOH A O   1 
HETATM 1202 O O   . HOH C 3 .   ? 12.554  7.932   11.720  1.00 24.38 ? 220 HOH A O   1 
HETATM 1203 O O   . HOH C 3 .   ? 1.593   13.531  -0.288  1.00 23.49 ? 221 HOH A O   1 
HETATM 1204 O O   . HOH C 3 .   ? 2.146   12.629  -8.658  1.00 24.04 ? 222 HOH A O   1 
HETATM 1205 O O   . HOH C 3 .   ? -10.887 3.236   -17.254 1.00 38.57 ? 223 HOH A O   1 
HETATM 1206 O O   . HOH C 3 .   ? -8.872  1.692   -16.860 1.00 31.28 ? 224 HOH A O   1 
HETATM 1207 O O   . HOH C 3 .   ? 1.601   -11.915 9.617   1.00 34.87 ? 225 HOH A O   1 
HETATM 1208 O O   . HOH C 3 .   ? 2.652   -11.640 5.619   1.00 34.00 ? 226 HOH A O   1 
HETATM 1209 O O   . HOH C 3 .   ? -15.757 1.453   -2.085  1.00 42.78 ? 227 HOH A O   1 
HETATM 1210 O O   . HOH C 3 .   ? -9.995  0.151   11.654  1.00 29.55 ? 228 HOH A O   1 
HETATM 1211 O O   . HOH C 3 .   ? -5.118  14.064  12.025  1.00 36.92 ? 229 HOH A O   1 
HETATM 1212 O O   . HOH C 3 .   ? -3.448  12.046  13.139  1.00 47.72 ? 230 HOH A O   1 
HETATM 1213 O O   . HOH C 3 .   ? 8.420   -9.089  4.238   1.00 34.41 ? 231 HOH A O   1 
HETATM 1214 O O   . HOH C 3 .   ? 10.575  7.105   -11.201 1.00 28.28 ? 232 HOH A O   1 
HETATM 1215 O O   . HOH C 3 .   ? 12.917  10.488  -10.658 1.00 28.99 ? 233 HOH A O   1 
HETATM 1216 O O   . HOH C 3 .   ? 9.808   -7.950  -3.431  1.00 44.39 ? 234 HOH A O   1 
HETATM 1217 O O   . HOH C 3 .   ? 11.406  -8.867  1.395   1.00 32.67 ? 235 HOH A O   1 
HETATM 1218 O O   . HOH C 3 .   ? 8.712   12.874  5.410   1.00 51.00 ? 236 HOH A O   1 
HETATM 1219 O O   . HOH C 3 .   ? 5.402   13.895  6.331   1.00 36.25 ? 237 HOH A O   1 
HETATM 1220 O O   . HOH C 3 .   ? 6.001   -4.110  19.469  1.00 37.15 ? 238 HOH A O   1 
HETATM 1221 O O   . HOH C 3 .   ? 6.516   2.243   16.919  1.00 36.24 ? 239 HOH A O   1 
HETATM 1222 O O   . HOH C 3 .   ? -10.392 -2.978  19.886  1.00 39.42 ? 240 HOH A O   1 
HETATM 1223 O O   . HOH C 3 .   ? -3.950  15.557  3.348   1.00 40.41 ? 241 HOH A O   1 
HETATM 1224 O O   . HOH C 3 .   ? 16.776  7.660   4.192   1.00 42.17 ? 242 HOH A O   1 
HETATM 1225 O O   . HOH C 3 .   ? 16.468  5.319   2.483   1.00 32.73 ? 243 HOH A O   1 
HETATM 1226 O O   . HOH C 3 .   ? 15.923  2.659   -3.733  1.00 35.99 ? 244 HOH A O   1 
HETATM 1227 O O   . HOH C 3 .   ? 4.045   9.300   14.916  1.00 31.94 ? 245 HOH A O   1 
HETATM 1228 O O   . HOH C 3 .   ? 3.458   13.964  -2.151  1.00 33.33 ? 246 HOH A O   1 
HETATM 1229 O O   . HOH C 3 .   ? 3.120   13.218  2.058   1.00 34.14 ? 247 HOH A O   1 
HETATM 1230 O O   . HOH C 3 .   ? -6.623  -4.919  -14.645 1.00 35.43 ? 248 HOH A O   1 
HETATM 1231 O O   . HOH C 3 .   ? -7.513  -8.757  -14.419 1.00 39.06 ? 249 HOH A O   1 
HETATM 1232 O O   . HOH C 3 .   ? -12.123 -7.079  -9.767  1.00 38.49 ? 250 HOH A O   1 
HETATM 1233 O O   . HOH C 3 .   ? -13.522 -3.354  -12.605 1.00 43.23 ? 251 HOH A O   1 
HETATM 1234 O O   . HOH C 3 .   ? -16.373 3.057   -9.703  1.00 47.81 ? 252 HOH A O   1 
HETATM 1235 O O   . HOH C 3 .   ? -13.351 8.519   -9.079  1.00 40.77 ? 253 HOH A O   1 
HETATM 1236 O O   . HOH C 3 .   ? -10.270 8.487   -8.306  1.00 36.05 ? 254 HOH A O   1 
HETATM 1237 O O   . HOH C 3 .   ? -9.261  8.436   -11.841 1.00 30.83 ? 255 HOH A O   1 
HETATM 1238 O O   . HOH C 3 .   ? 5.327   -2.353  -15.587 1.00 28.50 ? 256 HOH A O   1 
HETATM 1239 O O   . HOH C 3 .   ? -1.762  16.023  -7.310  1.00 33.55 ? 257 HOH A O   1 
# 
loop_
_pdbx_poly_seq_scheme.asym_id 
_pdbx_poly_seq_scheme.entity_id 
_pdbx_poly_seq_scheme.seq_id 
_pdbx_poly_seq_scheme.mon_id 
_pdbx_poly_seq_scheme.ndb_seq_num 
_pdbx_poly_seq_scheme.pdb_seq_num 
_pdbx_poly_seq_scheme.auth_seq_num 
_pdbx_poly_seq_scheme.pdb_mon_id 
_pdbx_poly_seq_scheme.auth_mon_id 
_pdbx_poly_seq_scheme.pdb_strand_id 
_pdbx_poly_seq_scheme.pdb_ins_code 
_pdbx_poly_seq_scheme.hetero 
A 1 1   MET 1   -2  ?   ?   ?   A . n 
A 1 2   SER 2   -1  ?   ?   ?   A . n 
A 1 3   ASP 3   0   ?   ?   ?   A . n 
A 1 4   GLY 4   1   1   GLY GLY A . n 
A 1 5   VAL 5   2   2   VAL VAL A . n 
A 1 6   GLU 6   3   3   GLU GLU A . n 
A 1 7   VAL 7   4   4   VAL VAL A . n 
A 1 8   LYS 8   5   5   LYS LYS A . n 
A 1 9   ASN 9   6   6   ASN ASN A . n 
A 1 10  ILE 10  7   7   ILE ILE A . n 
A 1 11  THR 11  8   8   THR THR A . n 
A 1 12  PHE 12  9   9   PHE PHE A . n 
A 1 13  LYS 13  10  10  LYS LYS A . n 
A 1 14  LEU 14  11  11  LEU LEU A . n 
A 1 15  GLY 15  12  12  GLY GLY A . n 
A 1 16  MET 16  13  13  MET MET A . n 
A 1 17  TYR 17  14  14  TYR TYR A . n 
A 1 18  LEU 18  15  15  LEU LEU A . n 
A 1 19  THR 19  16  16  THR THR A . n 
A 1 20  VAL 20  17  17  VAL VAL A . n 
A 1 21  GLY 21  18  18  GLY GLY A . n 
A 1 22  GLY 22  19  19  GLY GLY A . n 
A 1 23  VAL 23  20  20  VAL VAL A . n 
A 1 24  VAL 24  21  21  VAL VAL A . n 
A 1 25  ASN 25  22  22  ASN ASN A . n 
A 1 26  SER 26  23  23  SER SER A . n 
A 1 27  ASN 27  24  24  ASN ASN A . n 
A 1 28  ALA 28  25  25  ALA ALA A . n 
A 1 29  ASN 29  26  26  ASN ASN A . n 
A 1 30  ARG 30  27  27  ARG ARG A . n 
A 1 31  PHE 31  28  28  PHE PHE A . n 
A 1 32  SER 32  29  29  SER SER A . n 
A 1 33  ILE 33  30  30  ILE ILE A . n 
A 1 34  ASN 34  31  31  ASN ASN A . n 
A 1 35  VAL 35  32  32  VAL VAL A . n 
A 1 36  GLY 36  33  33  GLY GLY A . n 
A 1 37  GLU 37  34  34  GLU GLU A . n 
A 1 38  SER 38  35  35  SER SER A . n 
A 1 39  THR 39  36  36  THR THR A . n 
A 1 40  ASP 40  37  37  ASP ASP A . n 
A 1 41  SER 41  38  38  SER SER A . n 
A 1 42  ILE 42  39  39  ILE ILE A . n 
A 1 43  ALA 43  40  40  ALA ALA A . n 
A 1 44  LEU 44  41  41  LEU LEU A . n 
A 1 45  HIS 45  42  42  HIS HIS A . n 
A 1 46  ILE 46  43  43  ILE ILE A . n 
A 1 47  ASP 47  44  44  ASP ASP A . n 
A 1 48  HIS 48  45  45  HIS HIS A . n 
A 1 49  ARG 49  46  46  ARG ARG A . n 
A 1 50  PHE 50  47  47  PHE PHE A . n 
A 1 51  SER 51  48  48  SER SER A . n 
A 1 52  TYR 52  49  49  TYR TYR A . n 
A 1 53  GLY 53  50  50  GLY GLY A . n 
A 1 54  ALA 54  51  51  ALA ALA A . n 
A 1 55  ASP 55  52  52  ASP ASP A . n 
A 1 56  GLN 56  53  53  GLN GLN A . n 
A 1 57  ASN 57  54  54  ASN ASN A . n 
A 1 58  THR 58  55  55  THR THR A . n 
A 1 59  ILE 59  56  56  ILE ILE A . n 
A 1 60  VAL 60  57  57  VAL VAL A . n 
A 1 61  LEU 61  58  58  LEU LEU A . n 
A 1 62  ASN 62  59  59  ASN ASN A . n 
A 1 63  SER 63  60  60  SER SER A . n 
A 1 64  MET 64  61  61  MET MET A . n 
A 1 65  VAL 65  62  62  VAL VAL A . n 
A 1 66  ASP 66  63  63  ASP ASP A . n 
A 1 67  ASP 67  64  64  ASP ASP A . n 
A 1 68  GLY 68  65  65  GLY GLY A . n 
A 1 69  TRP 69  66  66  TRP TRP A . n 
A 1 70  GLN 70  67  67  GLN GLN A . n 
A 1 71  GLN 71  68  68  GLN GLN A . n 
A 1 72  GLU 72  69  69  GLU GLU A . n 
A 1 73  GLN 73  70  70  GLN GLN A . n 
A 1 74  ARG 74  71  71  ARG ARG A . n 
A 1 75  SER 75  72  72  SER SER A . n 
A 1 76  LYS 76  73  73  LYS LYS A . n 
A 1 77  ASN 77  74  74  ASN ASN A . n 
A 1 78  PHE 78  75  75  PHE PHE A . n 
A 1 79  PRO 79  76  76  PRO PRO A . n 
A 1 80  PHE 80  77  77  PHE PHE A . n 
A 1 81  THR 81  78  78  THR THR A . n 
A 1 82  ALA 82  79  79  ALA ALA A . n 
A 1 83  GLY 83  80  80  GLY GLY A . n 
A 1 84  GLU 84  81  81  GLU GLU A . n 
A 1 85  HIS 85  82  82  HIS HIS A . n 
A 1 86  PHE 86  83  83  PHE PHE A . n 
A 1 87  GLN 87  84  84  GLN GLN A . n 
A 1 88  ILE 88  85  85  ILE ILE A . n 
A 1 89  THR 89  86  86  THR THR A . n 
A 1 90  ILE 90  87  87  ILE ILE A . n 
A 1 91  THR 91  88  88  THR THR A . n 
A 1 92  PHE 92  89  89  PHE PHE A . n 
A 1 93  ASP 93  90  90  ASP ASP A . n 
A 1 94  ILE 94  91  91  ILE ILE A . n 
A 1 95  ASP 95  92  92  ASP ASP A . n 
A 1 96  THR 96  93  93  THR THR A . n 
A 1 97  PHE 97  94  94  PHE PHE A . n 
A 1 98  TYR 98  95  95  TYR TYR A . n 
A 1 99  ILE 99  96  96  ILE ILE A . n 
A 1 100 GLN 100 97  97  GLN GLN A . n 
A 1 101 LEU 101 98  98  LEU LEU A . n 
A 1 102 PRO 102 99  99  PRO PRO A . n 
A 1 103 ASP 103 100 100 ASP ASP A . n 
A 1 104 GLY 104 101 101 GLY GLY A . n 
A 1 105 HIS 105 102 102 HIS HIS A . n 
A 1 106 LYS 106 103 103 LYS LYS A . n 
A 1 107 VAL 107 104 104 VAL VAL A . n 
A 1 108 GLU 108 105 105 GLU GLU A . n 
A 1 109 PHE 109 106 106 PHE PHE A . n 
A 1 110 PRO 110 107 107 PRO PRO A . n 
A 1 111 ASN 111 108 108 ASN ASN A . n 
A 1 112 ARG 112 109 109 ARG ARG A . n 
A 1 113 HIS 113 110 110 HIS HIS A . n 
A 1 114 GLY 114 111 111 GLY GLY A . n 
A 1 115 ASP 115 112 112 ASP ASP A . n 
A 1 116 GLU 116 113 113 GLU GLU A . n 
A 1 117 ALA 117 114 114 ALA ALA A . n 
A 1 118 PHE 118 115 115 PHE PHE A . n 
A 1 119 ASN 119 116 116 ASN ASN A . n 
A 1 120 PHE 120 117 117 PHE PHE A . n 
A 1 121 ILE 121 118 118 ILE ILE A . n 
A 1 122 TYR 122 119 119 TYR TYR A . n 
A 1 123 LEU 123 120 120 LEU LEU A . n 
A 1 124 ALA 124 121 121 ALA ALA A . n 
A 1 125 GLY 125 122 122 GLY GLY A . n 
A 1 126 ASP 126 123 123 ASP ASP A . n 
A 1 127 ALA 127 124 124 ALA ALA A . n 
A 1 128 ARG 128 125 125 ARG ARG A . n 
A 1 129 LEU 129 126 126 LEU LEU A . n 
A 1 130 THR 130 127 127 THR THR A . n 
A 1 131 PHE 131 128 128 PHE PHE A . n 
A 1 132 VAL 132 129 129 VAL VAL A . n 
A 1 133 ARG 133 130 130 ARG ARG A . n 
A 1 134 LEU 134 131 131 LEU LEU A . n 
A 1 135 GLU 135 132 132 GLU GLU A . n 
# 
loop_
_pdbx_nonpoly_scheme.asym_id 
_pdbx_nonpoly_scheme.entity_id 
_pdbx_nonpoly_scheme.mon_id 
_pdbx_nonpoly_scheme.ndb_seq_num 
_pdbx_nonpoly_scheme.pdb_seq_num 
_pdbx_nonpoly_scheme.auth_seq_num 
_pdbx_nonpoly_scheme.pdb_mon_id 
_pdbx_nonpoly_scheme.auth_mon_id 
_pdbx_nonpoly_scheme.pdb_strand_id 
_pdbx_nonpoly_scheme.pdb_ins_code 
C 3 HOH 1   135 135 HOH HOH A . 
C 3 HOH 2   136 136 HOH HOH A . 
C 3 HOH 3   137 137 HOH HOH A . 
C 3 HOH 4   138 138 HOH HOH A . 
C 3 HOH 5   139 139 HOH HOH A . 
C 3 HOH 6   140 140 HOH HOH A . 
C 3 HOH 7   141 141 HOH HOH A . 
C 3 HOH 8   142 142 HOH HOH A . 
C 3 HOH 9   143 143 HOH HOH A . 
C 3 HOH 10  144 144 HOH HOH A . 
C 3 HOH 11  145 145 HOH HOH A . 
C 3 HOH 12  146 146 HOH HOH A . 
C 3 HOH 13  147 147 HOH HOH A . 
C 3 HOH 14  148 148 HOH HOH A . 
C 3 HOH 15  149 149 HOH HOH A . 
C 3 HOH 16  150 150 HOH HOH A . 
C 3 HOH 17  151 151 HOH HOH A . 
C 3 HOH 18  152 152 HOH HOH A . 
C 3 HOH 19  153 153 HOH HOH A . 
C 3 HOH 20  154 154 HOH HOH A . 
C 3 HOH 21  155 155 HOH HOH A . 
C 3 HOH 22  156 156 HOH HOH A . 
C 3 HOH 23  157 157 HOH HOH A . 
C 3 HOH 24  158 158 HOH HOH A . 
C 3 HOH 25  159 159 HOH HOH A . 
C 3 HOH 26  160 160 HOH HOH A . 
C 3 HOH 27  161 161 HOH HOH A . 
C 3 HOH 28  162 162 HOH HOH A . 
C 3 HOH 29  163 163 HOH HOH A . 
C 3 HOH 30  164 164 HOH HOH A . 
C 3 HOH 31  165 165 HOH HOH A . 
C 3 HOH 32  166 166 HOH HOH A . 
C 3 HOH 33  167 167 HOH HOH A . 
C 3 HOH 34  168 168 HOH HOH A . 
C 3 HOH 35  169 169 HOH HOH A . 
C 3 HOH 36  170 170 HOH HOH A . 
C 3 HOH 37  171 171 HOH HOH A . 
C 3 HOH 38  172 172 HOH HOH A . 
C 3 HOH 39  173 173 HOH HOH A . 
C 3 HOH 40  174 174 HOH HOH A . 
C 3 HOH 41  175 175 HOH HOH A . 
C 3 HOH 42  176 176 HOH HOH A . 
C 3 HOH 43  177 177 HOH HOH A . 
C 3 HOH 44  178 178 HOH HOH A . 
C 3 HOH 45  179 179 HOH HOH A . 
C 3 HOH 46  180 180 HOH HOH A . 
C 3 HOH 47  181 181 HOH HOH A . 
C 3 HOH 48  182 182 HOH HOH A . 
C 3 HOH 49  183 183 HOH HOH A . 
C 3 HOH 50  184 184 HOH HOH A . 
C 3 HOH 51  185 185 HOH HOH A . 
C 3 HOH 52  186 186 HOH HOH A . 
C 3 HOH 53  187 187 HOH HOH A . 
C 3 HOH 54  188 188 HOH HOH A . 
C 3 HOH 55  189 189 HOH HOH A . 
C 3 HOH 56  190 190 HOH HOH A . 
C 3 HOH 57  191 191 HOH HOH A . 
C 3 HOH 58  192 192 HOH HOH A . 
C 3 HOH 59  193 193 HOH HOH A . 
C 3 HOH 60  194 194 HOH HOH A . 
C 3 HOH 61  195 195 HOH HOH A . 
C 3 HOH 62  196 196 HOH HOH A . 
C 3 HOH 63  197 197 HOH HOH A . 
C 3 HOH 64  198 198 HOH HOH A . 
C 3 HOH 65  199 199 HOH HOH A . 
C 3 HOH 66  200 200 HOH HOH A . 
C 3 HOH 67  201 201 HOH HOH A . 
C 3 HOH 68  202 202 HOH HOH A . 
C 3 HOH 69  203 203 HOH HOH A . 
C 3 HOH 70  204 204 HOH HOH A . 
C 3 HOH 71  205 205 HOH HOH A . 
C 3 HOH 72  206 206 HOH HOH A . 
C 3 HOH 73  207 207 HOH HOH A . 
C 3 HOH 74  208 208 HOH HOH A . 
C 3 HOH 75  209 209 HOH HOH A . 
C 3 HOH 76  210 210 HOH HOH A . 
C 3 HOH 77  211 211 HOH HOH A . 
C 3 HOH 78  212 212 HOH HOH A . 
C 3 HOH 79  213 213 HOH HOH A . 
C 3 HOH 80  214 214 HOH HOH A . 
C 3 HOH 81  215 215 HOH HOH A . 
C 3 HOH 82  216 216 HOH HOH A . 
C 3 HOH 83  217 217 HOH HOH A . 
C 3 HOH 84  218 218 HOH HOH A . 
C 3 HOH 85  219 219 HOH HOH A . 
C 3 HOH 86  220 220 HOH HOH A . 
C 3 HOH 87  221 221 HOH HOH A . 
C 3 HOH 88  222 222 HOH HOH A . 
C 3 HOH 89  223 223 HOH HOH A . 
C 3 HOH 90  224 224 HOH HOH A . 
C 3 HOH 91  225 225 HOH HOH A . 
C 3 HOH 92  226 226 HOH HOH A . 
C 3 HOH 93  227 227 HOH HOH A . 
C 3 HOH 94  228 228 HOH HOH A . 
C 3 HOH 95  229 229 HOH HOH A . 
C 3 HOH 96  230 230 HOH HOH A . 
C 3 HOH 97  231 231 HOH HOH A . 
C 3 HOH 98  232 232 HOH HOH A . 
C 3 HOH 99  233 233 HOH HOH A . 
C 3 HOH 100 234 234 HOH HOH A . 
C 3 HOH 101 235 235 HOH HOH A . 
C 3 HOH 102 236 236 HOH HOH A . 
C 3 HOH 103 237 237 HOH HOH A . 
C 3 HOH 104 238 238 HOH HOH A . 
C 3 HOH 105 239 239 HOH HOH A . 
C 3 HOH 106 240 240 HOH HOH A . 
C 3 HOH 107 241 241 HOH HOH A . 
C 3 HOH 108 242 242 HOH HOH A . 
C 3 HOH 109 243 243 HOH HOH A . 
C 3 HOH 110 244 244 HOH HOH A . 
C 3 HOH 111 245 245 HOH HOH A . 
C 3 HOH 112 246 246 HOH HOH A . 
C 3 HOH 113 247 247 HOH HOH A . 
C 3 HOH 114 248 248 HOH HOH A . 
C 3 HOH 115 249 249 HOH HOH A . 
C 3 HOH 116 250 250 HOH HOH A . 
C 3 HOH 117 251 251 HOH HOH A . 
C 3 HOH 118 252 252 HOH HOH A . 
C 3 HOH 119 253 253 HOH HOH A . 
C 3 HOH 120 254 254 HOH HOH A . 
C 3 HOH 121 255 255 HOH HOH A . 
C 3 HOH 122 256 256 HOH HOH A . 
C 3 HOH 123 257 257 HOH HOH A . 
# 
_pdbx_molecule_features.prd_id    PRD_900004 
_pdbx_molecule_features.name      beta-lactose 
_pdbx_molecule_features.type      Oligosaccharide 
_pdbx_molecule_features.class     Nutrient 
_pdbx_molecule_features.details   oligosaccharide 
# 
_pdbx_molecule.instance_id   1 
_pdbx_molecule.prd_id        PRD_900004 
_pdbx_molecule.asym_id       B 
# 
loop_
_pdbx_struct_assembly.id 
_pdbx_struct_assembly.details 
_pdbx_struct_assembly.method_details 
_pdbx_struct_assembly.oligomeric_details 
_pdbx_struct_assembly.oligomeric_count 
1 author_defined_assembly   ?    dimeric   2 
2 software_defined_assembly PISA monomeric 1 
# 
loop_
_pdbx_struct_assembly_gen.assembly_id 
_pdbx_struct_assembly_gen.oper_expression 
_pdbx_struct_assembly_gen.asym_id_list 
1 1,2 A,B,C 
2 1   A,B,C 
# 
loop_
_pdbx_struct_oper_list.id 
_pdbx_struct_oper_list.type 
_pdbx_struct_oper_list.name 
_pdbx_struct_oper_list.symmetry_operation 
_pdbx_struct_oper_list.matrix[1][1] 
_pdbx_struct_oper_list.matrix[1][2] 
_pdbx_struct_oper_list.matrix[1][3] 
_pdbx_struct_oper_list.vector[1] 
_pdbx_struct_oper_list.matrix[2][1] 
_pdbx_struct_oper_list.matrix[2][2] 
_pdbx_struct_oper_list.matrix[2][3] 
_pdbx_struct_oper_list.vector[2] 
_pdbx_struct_oper_list.matrix[3][1] 
_pdbx_struct_oper_list.matrix[3][2] 
_pdbx_struct_oper_list.matrix[3][3] 
_pdbx_struct_oper_list.vector[3] 
1 'identity operation'         1_555 x,y,z     1.0000000000  0.0000000000  0.0000000000  0.0000000000   0.0000000000  1.0000000000  0.0000000000 0.0000000000   0.0000000000  0.0000000000 1.0000000000  0.0000000000  
2 'crystal symmetry operation' 2_545 -x,-y-1,z -0.0626972012 -0.6947464793 -0.7165168459 -18.5772845420 -0.6947464793 -0.4850408309 0.5310957747 -21.3901572354 -0.7165168459 0.5310957747 -0.4522619679 -3.5614017725 
# 
loop_
_pdbx_audit_revision_history.ordinal 
_pdbx_audit_revision_history.data_content_type 
_pdbx_audit_revision_history.major_revision 
_pdbx_audit_revision_history.minor_revision 
_pdbx_audit_revision_history.revision_date 
1 'Structure model' 1 0 2011-05-18 
2 'Structure model' 1 1 2011-07-13 
3 'Structure model' 1 2 2013-08-07 
4 'Structure model' 1 3 2015-02-11 
5 'Structure model' 2 0 2020-07-29 
6 'Structure model' 2 1 2023-11-01 
# 
loop_
_pdbx_audit_revision_details.ordinal 
_pdbx_audit_revision_details.revision_ordinal 
_pdbx_audit_revision_details.data_content_type 
_pdbx_audit_revision_details.provider 
_pdbx_audit_revision_details.type 
_pdbx_audit_revision_details.description 
_pdbx_audit_revision_details.details 
1 1 'Structure model' repository 'Initial release' ?                          ? 
2 5 'Structure model' repository Remediation       'Carbohydrate remediation' ? 
# 
loop_
_pdbx_audit_revision_group.ordinal 
_pdbx_audit_revision_group.revision_ordinal 
_pdbx_audit_revision_group.data_content_type 
_pdbx_audit_revision_group.group 
1  2 'Structure model' 'Version format compliance' 
2  3 'Structure model' 'Database references'       
3  4 'Structure model' 'Derived calculations'      
4  5 'Structure model' 'Atomic model'              
5  5 'Structure model' 'Data collection'           
6  5 'Structure model' 'Database references'       
7  5 'Structure model' 'Derived calculations'      
8  5 'Structure model' 'Structure summary'         
9  6 'Structure model' 'Data collection'           
10 6 'Structure model' 'Database references'       
11 6 'Structure model' 'Refinement description'    
12 6 'Structure model' 'Structure summary'         
# 
loop_
_pdbx_audit_revision_category.ordinal 
_pdbx_audit_revision_category.revision_ordinal 
_pdbx_audit_revision_category.data_content_type 
_pdbx_audit_revision_category.category 
1  5 'Structure model' atom_site                     
2  5 'Structure model' chem_comp                     
3  5 'Structure model' entity                        
4  5 'Structure model' entity_name_com               
5  5 'Structure model' pdbx_branch_scheme            
6  5 'Structure model' pdbx_chem_comp_identifier     
7  5 'Structure model' pdbx_entity_branch            
8  5 'Structure model' pdbx_entity_branch_descriptor 
9  5 'Structure model' pdbx_entity_branch_link       
10 5 'Structure model' pdbx_entity_branch_list       
11 5 'Structure model' pdbx_entity_nonpoly           
12 5 'Structure model' pdbx_molecule_features        
13 5 'Structure model' pdbx_nonpoly_scheme           
14 5 'Structure model' pdbx_struct_assembly_gen      
15 5 'Structure model' struct_asym                   
16 5 'Structure model' struct_conn                   
17 5 'Structure model' struct_ref_seq                
18 5 'Structure model' struct_site                   
19 5 'Structure model' struct_site_gen               
20 6 'Structure model' chem_comp                     
21 6 'Structure model' chem_comp_atom                
22 6 'Structure model' chem_comp_bond                
23 6 'Structure model' database_2                    
24 6 'Structure model' pdbx_initial_refinement_model 
# 
loop_
_pdbx_audit_revision_item.ordinal 
_pdbx_audit_revision_item.revision_ordinal 
_pdbx_audit_revision_item.data_content_type 
_pdbx_audit_revision_item.item 
1  5 'Structure model' '_atom_site.B_iso_or_equiv'              
2  5 'Structure model' '_atom_site.Cartn_x'                     
3  5 'Structure model' '_atom_site.Cartn_y'                     
4  5 'Structure model' '_atom_site.Cartn_z'                     
5  5 'Structure model' '_atom_site.auth_asym_id'                
6  5 'Structure model' '_atom_site.auth_atom_id'                
7  5 'Structure model' '_atom_site.auth_comp_id'                
8  5 'Structure model' '_atom_site.auth_seq_id'                 
9  5 'Structure model' '_atom_site.label_asym_id'               
10 5 'Structure model' '_atom_site.label_atom_id'               
11 5 'Structure model' '_atom_site.label_comp_id'               
12 5 'Structure model' '_atom_site.label_entity_id'             
13 5 'Structure model' '_atom_site.type_symbol'                 
14 5 'Structure model' '_chem_comp.name'                        
15 5 'Structure model' '_chem_comp.type'                        
16 5 'Structure model' '_pdbx_struct_assembly_gen.asym_id_list' 
17 5 'Structure model' '_struct_conn.pdbx_leaving_atom_flag'    
18 5 'Structure model' '_struct_conn.ptnr1_auth_asym_id'        
19 5 'Structure model' '_struct_conn.ptnr1_auth_seq_id'         
20 5 'Structure model' '_struct_conn.ptnr1_label_asym_id'       
21 5 'Structure model' '_struct_conn.ptnr2_auth_asym_id'        
22 5 'Structure model' '_struct_conn.ptnr2_auth_seq_id'         
23 5 'Structure model' '_struct_ref_seq.db_align_beg'           
24 5 'Structure model' '_struct_ref_seq.db_align_end'           
25 6 'Structure model' '_chem_comp.pdbx_synonyms'               
26 6 'Structure model' '_database_2.pdbx_DOI'                   
27 6 'Structure model' '_database_2.pdbx_database_accession'    
# 
loop_
_software.name 
_software.classification 
_software.version 
_software.citation_id 
_software.pdbx_ordinal 
HKL-2000  'data collection' .        ? 1 
MOLREP    phasing           .        ? 2 
REFMAC    refinement        5.2.0019 ? 3 
HKL-2000  'data reduction'  .        ? 4 
SCALEPACK 'data scaling'    .        ? 5 
# 
loop_
_pdbx_validate_torsion.id 
_pdbx_validate_torsion.PDB_model_num 
_pdbx_validate_torsion.auth_comp_id 
_pdbx_validate_torsion.auth_asym_id 
_pdbx_validate_torsion.auth_seq_id 
_pdbx_validate_torsion.PDB_ins_code 
_pdbx_validate_torsion.label_alt_id 
_pdbx_validate_torsion.phi 
_pdbx_validate_torsion.psi 
1 1 GLU A 34  ? ? -140.99 -2.15   
2 1 GLN A 67  ? ? -100.05 -151.75 
3 1 ASP A 90  ? ? -121.38 -168.32 
4 1 ASP A 123 ? ? -99.00  58.13   
# 
loop_
_pdbx_unobs_or_zero_occ_residues.id 
_pdbx_unobs_or_zero_occ_residues.PDB_model_num 
_pdbx_unobs_or_zero_occ_residues.polymer_flag 
_pdbx_unobs_or_zero_occ_residues.occupancy_flag 
_pdbx_unobs_or_zero_occ_residues.auth_asym_id 
_pdbx_unobs_or_zero_occ_residues.auth_comp_id 
_pdbx_unobs_or_zero_occ_residues.auth_seq_id 
_pdbx_unobs_or_zero_occ_residues.PDB_ins_code 
_pdbx_unobs_or_zero_occ_residues.label_asym_id 
_pdbx_unobs_or_zero_occ_residues.label_comp_id 
_pdbx_unobs_or_zero_occ_residues.label_seq_id 
1 1 Y 1 A MET -2 ? A MET 1 
2 1 Y 1 A SER -1 ? A SER 2 
3 1 Y 1 A ASP 0  ? A ASP 3 
# 
loop_
_chem_comp_atom.comp_id 
_chem_comp_atom.atom_id 
_chem_comp_atom.type_symbol 
_chem_comp_atom.pdbx_aromatic_flag 
_chem_comp_atom.pdbx_stereo_config 
_chem_comp_atom.pdbx_ordinal 
ALA N    N N N 1   
ALA CA   C N S 2   
ALA C    C N N 3   
ALA O    O N N 4   
ALA CB   C N N 5   
ALA OXT  O N N 6   
ALA H    H N N 7   
ALA H2   H N N 8   
ALA HA   H N N 9   
ALA HB1  H N N 10  
ALA HB2  H N N 11  
ALA HB3  H N N 12  
ALA HXT  H N N 13  
ARG N    N N N 14  
ARG CA   C N S 15  
ARG C    C N N 16  
ARG O    O N N 17  
ARG CB   C N N 18  
ARG CG   C N N 19  
ARG CD   C N N 20  
ARG NE   N N N 21  
ARG CZ   C N N 22  
ARG NH1  N N N 23  
ARG NH2  N N N 24  
ARG OXT  O N N 25  
ARG H    H N N 26  
ARG H2   H N N 27  
ARG HA   H N N 28  
ARG HB2  H N N 29  
ARG HB3  H N N 30  
ARG HG2  H N N 31  
ARG HG3  H N N 32  
ARG HD2  H N N 33  
ARG HD3  H N N 34  
ARG HE   H N N 35  
ARG HH11 H N N 36  
ARG HH12 H N N 37  
ARG HH21 H N N 38  
ARG HH22 H N N 39  
ARG HXT  H N N 40  
ASN N    N N N 41  
ASN CA   C N S 42  
ASN C    C N N 43  
ASN O    O N N 44  
ASN CB   C N N 45  
ASN CG   C N N 46  
ASN OD1  O N N 47  
ASN ND2  N N N 48  
ASN OXT  O N N 49  
ASN H    H N N 50  
ASN H2   H N N 51  
ASN HA   H N N 52  
ASN HB2  H N N 53  
ASN HB3  H N N 54  
ASN HD21 H N N 55  
ASN HD22 H N N 56  
ASN HXT  H N N 57  
ASP N    N N N 58  
ASP CA   C N S 59  
ASP C    C N N 60  
ASP O    O N N 61  
ASP CB   C N N 62  
ASP CG   C N N 63  
ASP OD1  O N N 64  
ASP OD2  O N N 65  
ASP OXT  O N N 66  
ASP H    H N N 67  
ASP H2   H N N 68  
ASP HA   H N N 69  
ASP HB2  H N N 70  
ASP HB3  H N N 71  
ASP HD2  H N N 72  
ASP HXT  H N N 73  
BGC C2   C N R 74  
BGC C3   C N S 75  
BGC C4   C N S 76  
BGC C5   C N R 77  
BGC C6   C N N 78  
BGC C1   C N R 79  
BGC O1   O N N 80  
BGC O2   O N N 81  
BGC O3   O N N 82  
BGC O4   O N N 83  
BGC O5   O N N 84  
BGC O6   O N N 85  
BGC H2   H N N 86  
BGC H3   H N N 87  
BGC H4   H N N 88  
BGC H5   H N N 89  
BGC H61  H N N 90  
BGC H62  H N N 91  
BGC H1   H N N 92  
BGC HO1  H N N 93  
BGC HO2  H N N 94  
BGC HO3  H N N 95  
BGC HO4  H N N 96  
BGC HO6  H N N 97  
GAL C1   C N R 98  
GAL C2   C N R 99  
GAL C3   C N S 100 
GAL C4   C N R 101 
GAL C5   C N R 102 
GAL C6   C N N 103 
GAL O1   O N N 104 
GAL O2   O N N 105 
GAL O3   O N N 106 
GAL O4   O N N 107 
GAL O5   O N N 108 
GAL O6   O N N 109 
GAL H1   H N N 110 
GAL H2   H N N 111 
GAL H3   H N N 112 
GAL H4   H N N 113 
GAL H5   H N N 114 
GAL H61  H N N 115 
GAL H62  H N N 116 
GAL HO1  H N N 117 
GAL HO2  H N N 118 
GAL HO3  H N N 119 
GAL HO4  H N N 120 
GAL HO6  H N N 121 
GLN N    N N N 122 
GLN CA   C N S 123 
GLN C    C N N 124 
GLN O    O N N 125 
GLN CB   C N N 126 
GLN CG   C N N 127 
GLN CD   C N N 128 
GLN OE1  O N N 129 
GLN NE2  N N N 130 
GLN OXT  O N N 131 
GLN H    H N N 132 
GLN H2   H N N 133 
GLN HA   H N N 134 
GLN HB2  H N N 135 
GLN HB3  H N N 136 
GLN HG2  H N N 137 
GLN HG3  H N N 138 
GLN HE21 H N N 139 
GLN HE22 H N N 140 
GLN HXT  H N N 141 
GLU N    N N N 142 
GLU CA   C N S 143 
GLU C    C N N 144 
GLU O    O N N 145 
GLU CB   C N N 146 
GLU CG   C N N 147 
GLU CD   C N N 148 
GLU OE1  O N N 149 
GLU OE2  O N N 150 
GLU OXT  O N N 151 
GLU H    H N N 152 
GLU H2   H N N 153 
GLU HA   H N N 154 
GLU HB2  H N N 155 
GLU HB3  H N N 156 
GLU HG2  H N N 157 
GLU HG3  H N N 158 
GLU HE2  H N N 159 
GLU HXT  H N N 160 
GLY N    N N N 161 
GLY CA   C N N 162 
GLY C    C N N 163 
GLY O    O N N 164 
GLY OXT  O N N 165 
GLY H    H N N 166 
GLY H2   H N N 167 
GLY HA2  H N N 168 
GLY HA3  H N N 169 
GLY HXT  H N N 170 
HIS N    N N N 171 
HIS CA   C N S 172 
HIS C    C N N 173 
HIS O    O N N 174 
HIS CB   C N N 175 
HIS CG   C Y N 176 
HIS ND1  N Y N 177 
HIS CD2  C Y N 178 
HIS CE1  C Y N 179 
HIS NE2  N Y N 180 
HIS OXT  O N N 181 
HIS H    H N N 182 
HIS H2   H N N 183 
HIS HA   H N N 184 
HIS HB2  H N N 185 
HIS HB3  H N N 186 
HIS HD1  H N N 187 
HIS HD2  H N N 188 
HIS HE1  H N N 189 
HIS HE2  H N N 190 
HIS HXT  H N N 191 
HOH O    O N N 192 
HOH H1   H N N 193 
HOH H2   H N N 194 
ILE N    N N N 195 
ILE CA   C N S 196 
ILE C    C N N 197 
ILE O    O N N 198 
ILE CB   C N S 199 
ILE CG1  C N N 200 
ILE CG2  C N N 201 
ILE CD1  C N N 202 
ILE OXT  O N N 203 
ILE H    H N N 204 
ILE H2   H N N 205 
ILE HA   H N N 206 
ILE HB   H N N 207 
ILE HG12 H N N 208 
ILE HG13 H N N 209 
ILE HG21 H N N 210 
ILE HG22 H N N 211 
ILE HG23 H N N 212 
ILE HD11 H N N 213 
ILE HD12 H N N 214 
ILE HD13 H N N 215 
ILE HXT  H N N 216 
LEU N    N N N 217 
LEU CA   C N S 218 
LEU C    C N N 219 
LEU O    O N N 220 
LEU CB   C N N 221 
LEU CG   C N N 222 
LEU CD1  C N N 223 
LEU CD2  C N N 224 
LEU OXT  O N N 225 
LEU H    H N N 226 
LEU H2   H N N 227 
LEU HA   H N N 228 
LEU HB2  H N N 229 
LEU HB3  H N N 230 
LEU HG   H N N 231 
LEU HD11 H N N 232 
LEU HD12 H N N 233 
LEU HD13 H N N 234 
LEU HD21 H N N 235 
LEU HD22 H N N 236 
LEU HD23 H N N 237 
LEU HXT  H N N 238 
LYS N    N N N 239 
LYS CA   C N S 240 
LYS C    C N N 241 
LYS O    O N N 242 
LYS CB   C N N 243 
LYS CG   C N N 244 
LYS CD   C N N 245 
LYS CE   C N N 246 
LYS NZ   N N N 247 
LYS OXT  O N N 248 
LYS H    H N N 249 
LYS H2   H N N 250 
LYS HA   H N N 251 
LYS HB2  H N N 252 
LYS HB3  H N N 253 
LYS HG2  H N N 254 
LYS HG3  H N N 255 
LYS HD2  H N N 256 
LYS HD3  H N N 257 
LYS HE2  H N N 258 
LYS HE3  H N N 259 
LYS HZ1  H N N 260 
LYS HZ2  H N N 261 
LYS HZ3  H N N 262 
LYS HXT  H N N 263 
MET N    N N N 264 
MET CA   C N S 265 
MET C    C N N 266 
MET O    O N N 267 
MET CB   C N N 268 
MET CG   C N N 269 
MET SD   S N N 270 
MET CE   C N N 271 
MET OXT  O N N 272 
MET H    H N N 273 
MET H2   H N N 274 
MET HA   H N N 275 
MET HB2  H N N 276 
MET HB3  H N N 277 
MET HG2  H N N 278 
MET HG3  H N N 279 
MET HE1  H N N 280 
MET HE2  H N N 281 
MET HE3  H N N 282 
MET HXT  H N N 283 
PHE N    N N N 284 
PHE CA   C N S 285 
PHE C    C N N 286 
PHE O    O N N 287 
PHE CB   C N N 288 
PHE CG   C Y N 289 
PHE CD1  C Y N 290 
PHE CD2  C Y N 291 
PHE CE1  C Y N 292 
PHE CE2  C Y N 293 
PHE CZ   C Y N 294 
PHE OXT  O N N 295 
PHE H    H N N 296 
PHE H2   H N N 297 
PHE HA   H N N 298 
PHE HB2  H N N 299 
PHE HB3  H N N 300 
PHE HD1  H N N 301 
PHE HD2  H N N 302 
PHE HE1  H N N 303 
PHE HE2  H N N 304 
PHE HZ   H N N 305 
PHE HXT  H N N 306 
PRO N    N N N 307 
PRO CA   C N S 308 
PRO C    C N N 309 
PRO O    O N N 310 
PRO CB   C N N 311 
PRO CG   C N N 312 
PRO CD   C N N 313 
PRO OXT  O N N 314 
PRO H    H N N 315 
PRO HA   H N N 316 
PRO HB2  H N N 317 
PRO HB3  H N N 318 
PRO HG2  H N N 319 
PRO HG3  H N N 320 
PRO HD2  H N N 321 
PRO HD3  H N N 322 
PRO HXT  H N N 323 
SER N    N N N 324 
SER CA   C N S 325 
SER C    C N N 326 
SER O    O N N 327 
SER CB   C N N 328 
SER OG   O N N 329 
SER OXT  O N N 330 
SER H    H N N 331 
SER H2   H N N 332 
SER HA   H N N 333 
SER HB2  H N N 334 
SER HB3  H N N 335 
SER HG   H N N 336 
SER HXT  H N N 337 
THR N    N N N 338 
THR CA   C N S 339 
THR C    C N N 340 
THR O    O N N 341 
THR CB   C N R 342 
THR OG1  O N N 343 
THR CG2  C N N 344 
THR OXT  O N N 345 
THR H    H N N 346 
THR H2   H N N 347 
THR HA   H N N 348 
THR HB   H N N 349 
THR HG1  H N N 350 
THR HG21 H N N 351 
THR HG22 H N N 352 
THR HG23 H N N 353 
THR HXT  H N N 354 
TRP N    N N N 355 
TRP CA   C N S 356 
TRP C    C N N 357 
TRP O    O N N 358 
TRP CB   C N N 359 
TRP CG   C Y N 360 
TRP CD1  C Y N 361 
TRP CD2  C Y N 362 
TRP NE1  N Y N 363 
TRP CE2  C Y N 364 
TRP CE3  C Y N 365 
TRP CZ2  C Y N 366 
TRP CZ3  C Y N 367 
TRP CH2  C Y N 368 
TRP OXT  O N N 369 
TRP H    H N N 370 
TRP H2   H N N 371 
TRP HA   H N N 372 
TRP HB2  H N N 373 
TRP HB3  H N N 374 
TRP HD1  H N N 375 
TRP HE1  H N N 376 
TRP HE3  H N N 377 
TRP HZ2  H N N 378 
TRP HZ3  H N N 379 
TRP HH2  H N N 380 
TRP HXT  H N N 381 
TYR N    N N N 382 
TYR CA   C N S 383 
TYR C    C N N 384 
TYR O    O N N 385 
TYR CB   C N N 386 
TYR CG   C Y N 387 
TYR CD1  C Y N 388 
TYR CD2  C Y N 389 
TYR CE1  C Y N 390 
TYR CE2  C Y N 391 
TYR CZ   C Y N 392 
TYR OH   O N N 393 
TYR OXT  O N N 394 
TYR H    H N N 395 
TYR H2   H N N 396 
TYR HA   H N N 397 
TYR HB2  H N N 398 
TYR HB3  H N N 399 
TYR HD1  H N N 400 
TYR HD2  H N N 401 
TYR HE1  H N N 402 
TYR HE2  H N N 403 
TYR HH   H N N 404 
TYR HXT  H N N 405 
VAL N    N N N 406 
VAL CA   C N S 407 
VAL C    C N N 408 
VAL O    O N N 409 
VAL CB   C N N 410 
VAL CG1  C N N 411 
VAL CG2  C N N 412 
VAL OXT  O N N 413 
VAL H    H N N 414 
VAL H2   H N N 415 
VAL HA   H N N 416 
VAL HB   H N N 417 
VAL HG11 H N N 418 
VAL HG12 H N N 419 
VAL HG13 H N N 420 
VAL HG21 H N N 421 
VAL HG22 H N N 422 
VAL HG23 H N N 423 
VAL HXT  H N N 424 
# 
loop_
_chem_comp_bond.comp_id 
_chem_comp_bond.atom_id_1 
_chem_comp_bond.atom_id_2 
_chem_comp_bond.value_order 
_chem_comp_bond.pdbx_aromatic_flag 
_chem_comp_bond.pdbx_stereo_config 
_chem_comp_bond.pdbx_ordinal 
ALA N   CA   sing N N 1   
ALA N   H    sing N N 2   
ALA N   H2   sing N N 3   
ALA CA  C    sing N N 4   
ALA CA  CB   sing N N 5   
ALA CA  HA   sing N N 6   
ALA C   O    doub N N 7   
ALA C   OXT  sing N N 8   
ALA CB  HB1  sing N N 9   
ALA CB  HB2  sing N N 10  
ALA CB  HB3  sing N N 11  
ALA OXT HXT  sing N N 12  
ARG N   CA   sing N N 13  
ARG N   H    sing N N 14  
ARG N   H2   sing N N 15  
ARG CA  C    sing N N 16  
ARG CA  CB   sing N N 17  
ARG CA  HA   sing N N 18  
ARG C   O    doub N N 19  
ARG C   OXT  sing N N 20  
ARG CB  CG   sing N N 21  
ARG CB  HB2  sing N N 22  
ARG CB  HB3  sing N N 23  
ARG CG  CD   sing N N 24  
ARG CG  HG2  sing N N 25  
ARG CG  HG3  sing N N 26  
ARG CD  NE   sing N N 27  
ARG CD  HD2  sing N N 28  
ARG CD  HD3  sing N N 29  
ARG NE  CZ   sing N N 30  
ARG NE  HE   sing N N 31  
ARG CZ  NH1  sing N N 32  
ARG CZ  NH2  doub N N 33  
ARG NH1 HH11 sing N N 34  
ARG NH1 HH12 sing N N 35  
ARG NH2 HH21 sing N N 36  
ARG NH2 HH22 sing N N 37  
ARG OXT HXT  sing N N 38  
ASN N   CA   sing N N 39  
ASN N   H    sing N N 40  
ASN N   H2   sing N N 41  
ASN CA  C    sing N N 42  
ASN CA  CB   sing N N 43  
ASN CA  HA   sing N N 44  
ASN C   O    doub N N 45  
ASN C   OXT  sing N N 46  
ASN CB  CG   sing N N 47  
ASN CB  HB2  sing N N 48  
ASN CB  HB3  sing N N 49  
ASN CG  OD1  doub N N 50  
ASN CG  ND2  sing N N 51  
ASN ND2 HD21 sing N N 52  
ASN ND2 HD22 sing N N 53  
ASN OXT HXT  sing N N 54  
ASP N   CA   sing N N 55  
ASP N   H    sing N N 56  
ASP N   H2   sing N N 57  
ASP CA  C    sing N N 58  
ASP CA  CB   sing N N 59  
ASP CA  HA   sing N N 60  
ASP C   O    doub N N 61  
ASP C   OXT  sing N N 62  
ASP CB  CG   sing N N 63  
ASP CB  HB2  sing N N 64  
ASP CB  HB3  sing N N 65  
ASP CG  OD1  doub N N 66  
ASP CG  OD2  sing N N 67  
ASP OD2 HD2  sing N N 68  
ASP OXT HXT  sing N N 69  
BGC C2  C3   sing N N 70  
BGC C2  C1   sing N N 71  
BGC C2  O2   sing N N 72  
BGC C2  H2   sing N N 73  
BGC C3  C4   sing N N 74  
BGC C3  O3   sing N N 75  
BGC C3  H3   sing N N 76  
BGC C4  C5   sing N N 77  
BGC C4  O4   sing N N 78  
BGC C4  H4   sing N N 79  
BGC C5  C6   sing N N 80  
BGC C5  O5   sing N N 81  
BGC C5  H5   sing N N 82  
BGC C6  O6   sing N N 83  
BGC C6  H61  sing N N 84  
BGC C6  H62  sing N N 85  
BGC C1  O1   sing N N 86  
BGC C1  O5   sing N N 87  
BGC C1  H1   sing N N 88  
BGC O1  HO1  sing N N 89  
BGC O2  HO2  sing N N 90  
BGC O3  HO3  sing N N 91  
BGC O4  HO4  sing N N 92  
BGC O6  HO6  sing N N 93  
GAL C1  C2   sing N N 94  
GAL C1  O1   sing N N 95  
GAL C1  O5   sing N N 96  
GAL C1  H1   sing N N 97  
GAL C2  C3   sing N N 98  
GAL C2  O2   sing N N 99  
GAL C2  H2   sing N N 100 
GAL C3  C4   sing N N 101 
GAL C3  O3   sing N N 102 
GAL C3  H3   sing N N 103 
GAL C4  C5   sing N N 104 
GAL C4  O4   sing N N 105 
GAL C4  H4   sing N N 106 
GAL C5  C6   sing N N 107 
GAL C5  O5   sing N N 108 
GAL C5  H5   sing N N 109 
GAL C6  O6   sing N N 110 
GAL C6  H61  sing N N 111 
GAL C6  H62  sing N N 112 
GAL O1  HO1  sing N N 113 
GAL O2  HO2  sing N N 114 
GAL O3  HO3  sing N N 115 
GAL O4  HO4  sing N N 116 
GAL O6  HO6  sing N N 117 
GLN N   CA   sing N N 118 
GLN N   H    sing N N 119 
GLN N   H2   sing N N 120 
GLN CA  C    sing N N 121 
GLN CA  CB   sing N N 122 
GLN CA  HA   sing N N 123 
GLN C   O    doub N N 124 
GLN C   OXT  sing N N 125 
GLN CB  CG   sing N N 126 
GLN CB  HB2  sing N N 127 
GLN CB  HB3  sing N N 128 
GLN CG  CD   sing N N 129 
GLN CG  HG2  sing N N 130 
GLN CG  HG3  sing N N 131 
GLN CD  OE1  doub N N 132 
GLN CD  NE2  sing N N 133 
GLN NE2 HE21 sing N N 134 
GLN NE2 HE22 sing N N 135 
GLN OXT HXT  sing N N 136 
GLU N   CA   sing N N 137 
GLU N   H    sing N N 138 
GLU N   H2   sing N N 139 
GLU CA  C    sing N N 140 
GLU CA  CB   sing N N 141 
GLU CA  HA   sing N N 142 
GLU C   O    doub N N 143 
GLU C   OXT  sing N N 144 
GLU CB  CG   sing N N 145 
GLU CB  HB2  sing N N 146 
GLU CB  HB3  sing N N 147 
GLU CG  CD   sing N N 148 
GLU CG  HG2  sing N N 149 
GLU CG  HG3  sing N N 150 
GLU CD  OE1  doub N N 151 
GLU CD  OE2  sing N N 152 
GLU OE2 HE2  sing N N 153 
GLU OXT HXT  sing N N 154 
GLY N   CA   sing N N 155 
GLY N   H    sing N N 156 
GLY N   H2   sing N N 157 
GLY CA  C    sing N N 158 
GLY CA  HA2  sing N N 159 
GLY CA  HA3  sing N N 160 
GLY C   O    doub N N 161 
GLY C   OXT  sing N N 162 
GLY OXT HXT  sing N N 163 
HIS N   CA   sing N N 164 
HIS N   H    sing N N 165 
HIS N   H2   sing N N 166 
HIS CA  C    sing N N 167 
HIS CA  CB   sing N N 168 
HIS CA  HA   sing N N 169 
HIS C   O    doub N N 170 
HIS C   OXT  sing N N 171 
HIS CB  CG   sing N N 172 
HIS CB  HB2  sing N N 173 
HIS CB  HB3  sing N N 174 
HIS CG  ND1  sing Y N 175 
HIS CG  CD2  doub Y N 176 
HIS ND1 CE1  doub Y N 177 
HIS ND1 HD1  sing N N 178 
HIS CD2 NE2  sing Y N 179 
HIS CD2 HD2  sing N N 180 
HIS CE1 NE2  sing Y N 181 
HIS CE1 HE1  sing N N 182 
HIS NE2 HE2  sing N N 183 
HIS OXT HXT  sing N N 184 
HOH O   H1   sing N N 185 
HOH O   H2   sing N N 186 
ILE N   CA   sing N N 187 
ILE N   H    sing N N 188 
ILE N   H2   sing N N 189 
ILE CA  C    sing N N 190 
ILE CA  CB   sing N N 191 
ILE CA  HA   sing N N 192 
ILE C   O    doub N N 193 
ILE C   OXT  sing N N 194 
ILE CB  CG1  sing N N 195 
ILE CB  CG2  sing N N 196 
ILE CB  HB   sing N N 197 
ILE CG1 CD1  sing N N 198 
ILE CG1 HG12 sing N N 199 
ILE CG1 HG13 sing N N 200 
ILE CG2 HG21 sing N N 201 
ILE CG2 HG22 sing N N 202 
ILE CG2 HG23 sing N N 203 
ILE CD1 HD11 sing N N 204 
ILE CD1 HD12 sing N N 205 
ILE CD1 HD13 sing N N 206 
ILE OXT HXT  sing N N 207 
LEU N   CA   sing N N 208 
LEU N   H    sing N N 209 
LEU N   H2   sing N N 210 
LEU CA  C    sing N N 211 
LEU CA  CB   sing N N 212 
LEU CA  HA   sing N N 213 
LEU C   O    doub N N 214 
LEU C   OXT  sing N N 215 
LEU CB  CG   sing N N 216 
LEU CB  HB2  sing N N 217 
LEU CB  HB3  sing N N 218 
LEU CG  CD1  sing N N 219 
LEU CG  CD2  sing N N 220 
LEU CG  HG   sing N N 221 
LEU CD1 HD11 sing N N 222 
LEU CD1 HD12 sing N N 223 
LEU CD1 HD13 sing N N 224 
LEU CD2 HD21 sing N N 225 
LEU CD2 HD22 sing N N 226 
LEU CD2 HD23 sing N N 227 
LEU OXT HXT  sing N N 228 
LYS N   CA   sing N N 229 
LYS N   H    sing N N 230 
LYS N   H2   sing N N 231 
LYS CA  C    sing N N 232 
LYS CA  CB   sing N N 233 
LYS CA  HA   sing N N 234 
LYS C   O    doub N N 235 
LYS C   OXT  sing N N 236 
LYS CB  CG   sing N N 237 
LYS CB  HB2  sing N N 238 
LYS CB  HB3  sing N N 239 
LYS CG  CD   sing N N 240 
LYS CG  HG2  sing N N 241 
LYS CG  HG3  sing N N 242 
LYS CD  CE   sing N N 243 
LYS CD  HD2  sing N N 244 
LYS CD  HD3  sing N N 245 
LYS CE  NZ   sing N N 246 
LYS CE  HE2  sing N N 247 
LYS CE  HE3  sing N N 248 
LYS NZ  HZ1  sing N N 249 
LYS NZ  HZ2  sing N N 250 
LYS NZ  HZ3  sing N N 251 
LYS OXT HXT  sing N N 252 
MET N   CA   sing N N 253 
MET N   H    sing N N 254 
MET N   H2   sing N N 255 
MET CA  C    sing N N 256 
MET CA  CB   sing N N 257 
MET CA  HA   sing N N 258 
MET C   O    doub N N 259 
MET C   OXT  sing N N 260 
MET CB  CG   sing N N 261 
MET CB  HB2  sing N N 262 
MET CB  HB3  sing N N 263 
MET CG  SD   sing N N 264 
MET CG  HG2  sing N N 265 
MET CG  HG3  sing N N 266 
MET SD  CE   sing N N 267 
MET CE  HE1  sing N N 268 
MET CE  HE2  sing N N 269 
MET CE  HE3  sing N N 270 
MET OXT HXT  sing N N 271 
PHE N   CA   sing N N 272 
PHE N   H    sing N N 273 
PHE N   H2   sing N N 274 
PHE CA  C    sing N N 275 
PHE CA  CB   sing N N 276 
PHE CA  HA   sing N N 277 
PHE C   O    doub N N 278 
PHE C   OXT  sing N N 279 
PHE CB  CG   sing N N 280 
PHE CB  HB2  sing N N 281 
PHE CB  HB3  sing N N 282 
PHE CG  CD1  doub Y N 283 
PHE CG  CD2  sing Y N 284 
PHE CD1 CE1  sing Y N 285 
PHE CD1 HD1  sing N N 286 
PHE CD2 CE2  doub Y N 287 
PHE CD2 HD2  sing N N 288 
PHE CE1 CZ   doub Y N 289 
PHE CE1 HE1  sing N N 290 
PHE CE2 CZ   sing Y N 291 
PHE CE2 HE2  sing N N 292 
PHE CZ  HZ   sing N N 293 
PHE OXT HXT  sing N N 294 
PRO N   CA   sing N N 295 
PRO N   CD   sing N N 296 
PRO N   H    sing N N 297 
PRO CA  C    sing N N 298 
PRO CA  CB   sing N N 299 
PRO CA  HA   sing N N 300 
PRO C   O    doub N N 301 
PRO C   OXT  sing N N 302 
PRO CB  CG   sing N N 303 
PRO CB  HB2  sing N N 304 
PRO CB  HB3  sing N N 305 
PRO CG  CD   sing N N 306 
PRO CG  HG2  sing N N 307 
PRO CG  HG3  sing N N 308 
PRO CD  HD2  sing N N 309 
PRO CD  HD3  sing N N 310 
PRO OXT HXT  sing N N 311 
SER N   CA   sing N N 312 
SER N   H    sing N N 313 
SER N   H2   sing N N 314 
SER CA  C    sing N N 315 
SER CA  CB   sing N N 316 
SER CA  HA   sing N N 317 
SER C   O    doub N N 318 
SER C   OXT  sing N N 319 
SER CB  OG   sing N N 320 
SER CB  HB2  sing N N 321 
SER CB  HB3  sing N N 322 
SER OG  HG   sing N N 323 
SER OXT HXT  sing N N 324 
THR N   CA   sing N N 325 
THR N   H    sing N N 326 
THR N   H2   sing N N 327 
THR CA  C    sing N N 328 
THR CA  CB   sing N N 329 
THR CA  HA   sing N N 330 
THR C   O    doub N N 331 
THR C   OXT  sing N N 332 
THR CB  OG1  sing N N 333 
THR CB  CG2  sing N N 334 
THR CB  HB   sing N N 335 
THR OG1 HG1  sing N N 336 
THR CG2 HG21 sing N N 337 
THR CG2 HG22 sing N N 338 
THR CG2 HG23 sing N N 339 
THR OXT HXT  sing N N 340 
TRP N   CA   sing N N 341 
TRP N   H    sing N N 342 
TRP N   H2   sing N N 343 
TRP CA  C    sing N N 344 
TRP CA  CB   sing N N 345 
TRP CA  HA   sing N N 346 
TRP C   O    doub N N 347 
TRP C   OXT  sing N N 348 
TRP CB  CG   sing N N 349 
TRP CB  HB2  sing N N 350 
TRP CB  HB3  sing N N 351 
TRP CG  CD1  doub Y N 352 
TRP CG  CD2  sing Y N 353 
TRP CD1 NE1  sing Y N 354 
TRP CD1 HD1  sing N N 355 
TRP CD2 CE2  doub Y N 356 
TRP CD2 CE3  sing Y N 357 
TRP NE1 CE2  sing Y N 358 
TRP NE1 HE1  sing N N 359 
TRP CE2 CZ2  sing Y N 360 
TRP CE3 CZ3  doub Y N 361 
TRP CE3 HE3  sing N N 362 
TRP CZ2 CH2  doub Y N 363 
TRP CZ2 HZ2  sing N N 364 
TRP CZ3 CH2  sing Y N 365 
TRP CZ3 HZ3  sing N N 366 
TRP CH2 HH2  sing N N 367 
TRP OXT HXT  sing N N 368 
TYR N   CA   sing N N 369 
TYR N   H    sing N N 370 
TYR N   H2   sing N N 371 
TYR CA  C    sing N N 372 
TYR CA  CB   sing N N 373 
TYR CA  HA   sing N N 374 
TYR C   O    doub N N 375 
TYR C   OXT  sing N N 376 
TYR CB  CG   sing N N 377 
TYR CB  HB2  sing N N 378 
TYR CB  HB3  sing N N 379 
TYR CG  CD1  doub Y N 380 
TYR CG  CD2  sing Y N 381 
TYR CD1 CE1  sing Y N 382 
TYR CD1 HD1  sing N N 383 
TYR CD2 CE2  doub Y N 384 
TYR CD2 HD2  sing N N 385 
TYR CE1 CZ   doub Y N 386 
TYR CE1 HE1  sing N N 387 
TYR CE2 CZ   sing Y N 388 
TYR CE2 HE2  sing N N 389 
TYR CZ  OH   sing N N 390 
TYR OH  HH   sing N N 391 
TYR OXT HXT  sing N N 392 
VAL N   CA   sing N N 393 
VAL N   H    sing N N 394 
VAL N   H2   sing N N 395 
VAL CA  C    sing N N 396 
VAL CA  CB   sing N N 397 
VAL CA  HA   sing N N 398 
VAL C   O    doub N N 399 
VAL C   OXT  sing N N 400 
VAL CB  CG1  sing N N 401 
VAL CB  CG2  sing N N 402 
VAL CB  HB   sing N N 403 
VAL CG1 HG11 sing N N 404 
VAL CG1 HG12 sing N N 405 
VAL CG1 HG13 sing N N 406 
VAL CG2 HG21 sing N N 407 
VAL CG2 HG22 sing N N 408 
VAL CG2 HG23 sing N N 409 
VAL OXT HXT  sing N N 410 
# 
loop_
_pdbx_branch_scheme.asym_id 
_pdbx_branch_scheme.entity_id 
_pdbx_branch_scheme.mon_id 
_pdbx_branch_scheme.num 
_pdbx_branch_scheme.pdb_asym_id 
_pdbx_branch_scheme.pdb_mon_id 
_pdbx_branch_scheme.pdb_seq_num 
_pdbx_branch_scheme.auth_asym_id 
_pdbx_branch_scheme.auth_mon_id 
_pdbx_branch_scheme.auth_seq_num 
_pdbx_branch_scheme.hetero 
B 2 BGC 1 B BGC 1 B GLC 134 n 
B 2 GAL 2 B GAL 2 B GAL 133 n 
# 
loop_
_pdbx_chem_comp_identifier.comp_id 
_pdbx_chem_comp_identifier.type 
_pdbx_chem_comp_identifier.program 
_pdbx_chem_comp_identifier.program_version 
_pdbx_chem_comp_identifier.identifier 
BGC 'CONDENSED IUPAC CARBOHYDRATE SYMBOL' GMML     1.0 DGlcpb              
BGC 'COMMON NAME'                         GMML     1.0 b-D-glucopyranose   
BGC 'IUPAC CARBOHYDRATE SYMBOL'           PDB-CARE 1.0 b-D-Glcp            
BGC 'SNFG CARBOHYDRATE SYMBOL'            GMML     1.0 Glc                 
GAL 'CONDENSED IUPAC CARBOHYDRATE SYMBOL' GMML     1.0 DGalpb              
GAL 'COMMON NAME'                         GMML     1.0 b-D-galactopyranose 
GAL 'IUPAC CARBOHYDRATE SYMBOL'           PDB-CARE 1.0 b-D-Galp            
GAL 'SNFG CARBOHYDRATE SYMBOL'            GMML     1.0 Gal                 
# 
_pdbx_entity_branch.entity_id   2 
_pdbx_entity_branch.type        oligosaccharide 
# 
loop_
_pdbx_entity_branch_descriptor.ordinal 
_pdbx_entity_branch_descriptor.entity_id 
_pdbx_entity_branch_descriptor.descriptor 
_pdbx_entity_branch_descriptor.type 
_pdbx_entity_branch_descriptor.program 
_pdbx_entity_branch_descriptor.program_version 
1 2 DGalpb1-4DGlcpb1-ROH                                       'Glycam Condensed Sequence' GMML       1.0   
2 2 'WURCS=2.0/2,2,1/[a2122h-1b_1-5][a2112h-1b_1-5]/1-2/a4-b1' WURCS                       PDB2Glycan 1.1.0 
3 2 '[][b-D-Glcp]{[(4+1)][b-D-Galp]{}}'                        LINUCS                      PDB-CARE   ?     
# 
_pdbx_entity_branch_link.link_id                    1 
_pdbx_entity_branch_link.entity_id                  2 
_pdbx_entity_branch_link.entity_branch_list_num_1   2 
_pdbx_entity_branch_link.comp_id_1                  GAL 
_pdbx_entity_branch_link.atom_id_1                  C1 
_pdbx_entity_branch_link.leaving_atom_id_1          O1 
_pdbx_entity_branch_link.entity_branch_list_num_2   1 
_pdbx_entity_branch_link.comp_id_2                  BGC 
_pdbx_entity_branch_link.atom_id_2                  O4 
_pdbx_entity_branch_link.leaving_atom_id_2          HO4 
_pdbx_entity_branch_link.value_order                sing 
_pdbx_entity_branch_link.details                    ? 
# 
loop_
_pdbx_entity_branch_list.entity_id 
_pdbx_entity_branch_list.comp_id 
_pdbx_entity_branch_list.num 
_pdbx_entity_branch_list.hetero 
2 BGC 1 n 
2 GAL 2 n 
# 
_pdbx_entity_nonpoly.entity_id   3 
_pdbx_entity_nonpoly.name        water 
_pdbx_entity_nonpoly.comp_id     HOH 
# 
_pdbx_initial_refinement_model.id               1 
_pdbx_initial_refinement_model.entity_id_list   ? 
_pdbx_initial_refinement_model.type             'experimental model' 
_pdbx_initial_refinement_model.source_name      PDB 
_pdbx_initial_refinement_model.accession_code   1IS3 
_pdbx_initial_refinement_model.details          'PDB ENTRY 1IS3' 
# 
